data_8AT6
#
_entry.id   8AT6
#
_cell.length_a   1.00
_cell.length_b   1.00
_cell.length_c   1.00
_cell.angle_alpha   90.00
_cell.angle_beta   90.00
_cell.angle_gamma   90.00
#
_symmetry.space_group_name_H-M   'P 1'
#
loop_
_entity.id
_entity.type
_entity.pdbx_description
1 polymer 'Elongator complex protein 4'
2 polymer 'Elongator complex protein 5'
3 polymer 'Elongator complex protein 6'
#
loop_
_entity_poly.entity_id
_entity_poly.type
_entity_poly.pdbx_seq_one_letter_code
_entity_poly.pdbx_strand_id
1 'polypeptide(L)'
;MSFRKRGEILNDRGSGLRGPLLRGPPRTSSTPLRTGNRRAPGNVPLSDTTARLKKLNIADESKTKMGLDSSHVGVRPSPA
TSQPTTSTGSADLDSILGHMGLPLGNSVLVEEQSTTEFHSILGKLFAAQGIVHNRISDSSADKTRNGDTHVIVLSLNQMF
AKELPGIYKGSRKQMKKNLISEEESKVTVQNLNETQRSTPSRYKDLKIAWKYKLADEKRLGSPDRDDIQQNSEYKDYNHQ
FDITTRLMPAPIASELTFIAPTQPVSTILSQIEQTIKRNDKKLIRIVIPSLLHPAMYPPKMFESSEIIGLMHGVRSLVKK
YYERVVLFASISIDIITPPLLVLLRNMFDSVINLEPFNQEMTEFLERVYKSQPGKIQHGLVHILKLPVFTDRGEMRVLKS
EWAFKNGRKKFEIEQWGIPVDDAEGSAASEQSHSHSHSDEISHNIPAKKTKISLDY
;
A,D
2 'polypeptide(L)'
;MASSSHNPVILLKRILSLTESSPFILCLDSIAQTSYKLIQEFVHQSKSKGNEYPIVYISFETVNKPSYCTQFIDATQMDF
VHLVKQIISYLPAATATQAKKHMVIIDSLNYISTEYITRFLSEIASPHCTMVATYHKDIKDENRTVIPDWNNNYPDKLTL
LQFMATTIVDIDVVLTGTLDTEEVSELLNEFRIPRGLNNDIFQLRLVNKRKSGRSLEYDFIVNSNTHEYELLSTTKQEEE
SSSNGLETPEMLQGLTTFNLGTSNKQKLAKDQVALPFLEAQSFGQGGAIVYEYEKDDDYDEEDPYEDPF
;
B,E
3 'polypeptide(L)'
;MGSVQRQDLVLFSDQSVLPAHFFQDSNSHNLFFITHQSCTQPLWMINALVETHVLGSPSSLNESSSSMLPSSTRSHAVLA
SFIHEQNYFTNSLNKLKIPSNNYNVLDFLSDFIVNNIHNKPRDKILSDVLAKFSAAIQNNPTDTIVIIEQPELLLSLVSG
LTCSELNNKFITPLLRQCKVLIIVSNSDIFNIDEYDASVHSSNLQNFYKSSFIKSMINLNLNPLKTGFAKDVTGSLHVCR
GGAPIATSNTSLHVVENEYLYLNEKESTKLFYR
;
C,F
#
# COMPACT_ATOMS: atom_id res chain seq x y z
N MET A 66 -26.36 -45.84 11.15
CA MET A 66 -25.66 -44.70 11.72
C MET A 66 -25.61 -44.81 13.24
N GLY A 67 -24.43 -44.57 13.80
CA GLY A 67 -24.27 -44.62 15.25
C GLY A 67 -23.07 -45.45 15.67
N LEU A 68 -22.78 -45.44 16.96
CA LEU A 68 -21.65 -46.17 17.53
C LEU A 68 -22.16 -47.20 18.54
N ASP A 69 -21.23 -47.93 19.15
CA ASP A 69 -21.59 -48.90 20.17
C ASP A 69 -22.12 -48.17 21.40
N SER A 70 -23.20 -48.71 21.97
CA SER A 70 -23.86 -48.03 23.09
C SER A 70 -22.96 -47.97 24.31
N SER A 71 -22.26 -49.06 24.60
CA SER A 71 -21.43 -49.16 25.81
C SER A 71 -19.96 -48.91 25.52
N HIS A 72 -19.64 -48.01 24.58
CA HIS A 72 -18.26 -47.73 24.25
C HIS A 72 -17.47 -47.28 25.47
N VAL A 73 -16.29 -47.88 25.65
CA VAL A 73 -15.49 -47.58 26.84
C VAL A 73 -14.90 -46.18 26.81
N GLY A 74 -14.79 -45.57 25.63
CA GLY A 74 -14.21 -44.26 25.49
C GLY A 74 -15.17 -43.11 25.41
N VAL A 75 -16.48 -43.37 25.45
CA VAL A 75 -17.49 -42.33 25.29
C VAL A 75 -18.28 -42.28 26.59
N ARG A 76 -18.32 -41.10 27.21
CA ARG A 76 -19.10 -40.92 28.41
C ARG A 76 -19.93 -39.65 28.32
N PRO A 77 -21.12 -39.63 28.94
CA PRO A 77 -21.95 -38.42 28.90
C PRO A 77 -21.27 -37.25 29.60
N SER A 78 -21.46 -36.05 29.03
CA SER A 78 -20.84 -34.86 29.59
C SER A 78 -21.53 -34.50 30.91
N PRO A 79 -20.79 -33.89 31.84
CA PRO A 79 -21.42 -33.46 33.10
C PRO A 79 -22.43 -32.33 32.91
N ALA A 80 -22.02 -31.26 32.25
CA ALA A 80 -22.85 -30.05 32.21
C ALA A 80 -23.81 -30.04 31.02
N THR A 81 -23.73 -31.00 30.10
CA THR A 81 -24.61 -31.03 28.95
C THR A 81 -25.20 -32.39 28.65
N SER A 82 -24.76 -33.45 29.32
CA SER A 82 -25.28 -34.81 29.10
C SER A 82 -25.10 -35.23 27.64
N GLN A 83 -23.97 -34.88 27.06
CA GLN A 83 -23.65 -35.20 25.68
C GLN A 83 -22.46 -36.17 25.63
N PRO A 84 -22.35 -36.96 24.56
CA PRO A 84 -21.18 -37.84 24.43
C PRO A 84 -19.89 -37.03 24.42
N THR A 85 -18.87 -37.57 25.07
CA THR A 85 -17.63 -36.84 25.29
C THR A 85 -16.46 -37.80 25.10
N THR A 86 -15.30 -37.23 24.76
CA THR A 86 -14.08 -38.00 24.62
C THR A 86 -12.92 -37.22 25.22
N SER A 87 -12.04 -37.93 25.91
CA SER A 87 -10.86 -37.32 26.51
C SER A 87 -9.80 -37.05 25.45
N THR A 88 -9.03 -35.99 25.68
CA THR A 88 -8.01 -35.56 24.74
C THR A 88 -6.64 -36.19 24.99
N GLY A 89 -6.53 -37.04 26.01
CA GLY A 89 -5.28 -37.64 26.40
C GLY A 89 -4.72 -37.08 27.70
N SER A 90 -4.88 -35.78 27.93
CA SER A 90 -4.46 -35.15 29.18
C SER A 90 -5.72 -34.73 29.92
N ALA A 91 -5.86 -35.19 31.17
CA ALA A 91 -7.03 -34.85 31.96
C ALA A 91 -7.11 -33.36 32.24
N ASP A 92 -5.96 -32.69 32.27
CA ASP A 92 -5.95 -31.25 32.52
C ASP A 92 -6.66 -30.49 31.41
N LEU A 93 -6.43 -30.86 30.15
CA LEU A 93 -7.13 -30.23 29.04
C LEU A 93 -8.63 -30.49 29.13
N ASP A 94 -9.01 -31.72 29.47
CA ASP A 94 -10.42 -32.05 29.63
C ASP A 94 -11.06 -31.27 30.76
N SER A 95 -10.30 -30.94 31.80
CA SER A 95 -10.82 -30.12 32.89
C SER A 95 -10.96 -28.66 32.46
N ILE A 96 -9.96 -28.14 31.74
CA ILE A 96 -9.99 -26.74 31.34
C ILE A 96 -11.07 -26.50 30.30
N LEU A 97 -11.40 -27.53 29.52
CA LEU A 97 -12.50 -27.39 28.56
C LEU A 97 -13.82 -27.17 29.26
N GLY A 98 -14.05 -27.86 30.38
CA GLY A 98 -15.27 -27.75 31.15
C GLY A 98 -16.26 -28.87 30.93
N HIS A 99 -16.10 -29.61 29.84
CA HIS A 99 -17.01 -30.70 29.49
C HIS A 99 -16.43 -32.08 29.80
N MET A 100 -15.42 -32.15 30.67
CA MET A 100 -14.74 -33.39 30.99
C MET A 100 -14.25 -34.10 29.73
N GLY A 101 -13.68 -33.29 28.84
CA GLY A 101 -13.25 -33.75 27.53
C GLY A 101 -13.86 -32.92 26.42
N LEU A 102 -13.51 -33.31 25.20
CA LEU A 102 -14.02 -32.61 24.02
C LEU A 102 -15.22 -33.37 23.48
N PRO A 103 -16.42 -32.79 23.52
CA PRO A 103 -17.59 -33.53 23.03
C PRO A 103 -17.47 -33.85 21.55
N LEU A 104 -18.06 -34.97 21.16
CA LEU A 104 -17.99 -35.40 19.77
C LEU A 104 -18.70 -34.41 18.86
N GLY A 105 -18.17 -34.26 17.65
CA GLY A 105 -18.71 -33.31 16.71
C GLY A 105 -18.19 -31.90 16.90
N ASN A 106 -17.04 -31.75 17.53
CA ASN A 106 -16.46 -30.42 17.76
C ASN A 106 -14.97 -30.48 17.43
N SER A 107 -14.29 -29.36 17.61
CA SER A 107 -12.88 -29.26 17.29
C SER A 107 -12.23 -28.25 18.22
N VAL A 108 -10.91 -28.36 18.34
CA VAL A 108 -10.14 -27.47 19.21
C VAL A 108 -8.89 -27.03 18.46
N LEU A 109 -8.54 -25.75 18.61
CA LEU A 109 -7.37 -25.17 17.97
C LEU A 109 -6.46 -24.61 19.06
N VAL A 110 -5.19 -24.99 19.03
CA VAL A 110 -4.23 -24.58 20.05
C VAL A 110 -3.08 -23.84 19.38
N GLU A 111 -2.78 -22.64 19.87
CA GLU A 111 -1.75 -21.78 19.32
C GLU A 111 -0.52 -21.77 20.20
N GLU A 112 0.51 -21.08 19.73
CA GLU A 112 1.73 -20.89 20.51
C GLU A 112 2.47 -19.69 19.94
N GLN A 113 2.62 -18.63 20.73
CA GLN A 113 3.29 -17.41 20.29
C GLN A 113 4.75 -17.47 20.70
N SER A 114 5.51 -18.29 19.97
CA SER A 114 6.95 -18.42 20.17
C SER A 114 7.50 -19.24 19.01
N THR A 115 8.81 -19.49 19.06
CA THR A 115 9.46 -20.36 18.09
C THR A 115 9.59 -21.80 18.57
N THR A 116 9.24 -22.07 19.83
CA THR A 116 9.36 -23.42 20.37
C THR A 116 8.21 -24.29 19.87
N GLU A 117 8.11 -25.48 20.46
CA GLU A 117 7.08 -26.45 20.08
C GLU A 117 6.63 -27.17 21.35
N PHE A 118 5.38 -26.93 21.75
CA PHE A 118 4.78 -27.69 22.84
C PHE A 118 3.51 -28.39 22.40
N HIS A 119 2.84 -27.86 21.37
CA HIS A 119 1.61 -28.46 20.87
C HIS A 119 1.88 -29.85 20.27
N SER A 120 3.12 -30.12 19.89
CA SER A 120 3.44 -31.41 19.28
C SER A 120 3.16 -32.55 20.23
N ILE A 121 3.57 -32.42 21.49
CA ILE A 121 3.32 -33.49 22.46
C ILE A 121 1.82 -33.61 22.74
N LEU A 122 1.09 -32.50 22.67
CA LEU A 122 -0.35 -32.57 22.85
C LEU A 122 -0.99 -33.38 21.73
N GLY A 123 -0.57 -33.15 20.49
CA GLY A 123 -1.10 -33.96 19.40
C GLY A 123 -0.70 -35.42 19.51
N LYS A 124 0.53 -35.66 19.98
CA LYS A 124 0.98 -37.04 20.16
C LYS A 124 0.12 -37.75 21.21
N LEU A 125 -0.17 -37.06 22.32
CA LEU A 125 -1.07 -37.63 23.33
C LEU A 125 -2.46 -37.88 22.76
N PHE A 126 -2.95 -36.94 21.95
CA PHE A 126 -4.28 -37.07 21.35
C PHE A 126 -4.37 -38.31 20.48
N ALA A 127 -3.35 -38.55 19.67
CA ALA A 127 -3.36 -39.75 18.83
C ALA A 127 -3.15 -41.01 19.66
N ALA A 128 -2.31 -40.94 20.69
CA ALA A 128 -2.00 -42.11 21.49
C ALA A 128 -3.21 -42.59 22.28
N GLN A 129 -4.03 -41.66 22.77
CA GLN A 129 -5.22 -42.07 23.50
C GLN A 129 -6.16 -42.88 22.60
N GLY A 130 -6.34 -42.42 21.37
CA GLY A 130 -7.19 -43.16 20.44
C GLY A 130 -6.60 -44.50 20.08
N ILE A 131 -5.29 -44.57 19.85
CA ILE A 131 -4.69 -45.84 19.50
C ILE A 131 -4.74 -46.81 20.69
N VAL A 132 -4.69 -46.29 21.92
CA VAL A 132 -4.81 -47.14 23.09
C VAL A 132 -6.23 -47.66 23.24
N HIS A 133 -7.22 -46.79 23.03
CA HIS A 133 -8.61 -47.24 23.07
C HIS A 133 -8.87 -48.30 22.01
N ASN A 134 -8.26 -48.14 20.84
CA ASN A 134 -8.29 -49.21 19.84
C ASN A 134 -7.59 -50.45 20.37
N ARG A 135 -6.53 -50.26 21.16
CA ARG A 135 -5.66 -51.36 21.56
C ARG A 135 -6.35 -52.36 22.49
N ILE A 136 -7.54 -52.04 23.00
CA ILE A 136 -8.27 -53.00 23.83
C ILE A 136 -9.03 -53.89 22.86
N SER A 137 -8.28 -54.83 22.26
CA SER A 137 -8.82 -55.79 21.31
C SER A 137 -8.16 -57.15 21.48
N ASP A 138 -7.78 -57.50 22.71
CA ASP A 138 -6.90 -58.63 23.00
C ASP A 138 -7.44 -59.95 22.45
N SER A 139 -6.59 -60.97 22.40
CA SER A 139 -6.96 -62.28 21.87
C SER A 139 -8.00 -62.97 22.76
N SER A 140 -8.39 -62.31 23.83
CA SER A 140 -9.53 -62.72 24.65
C SER A 140 -10.73 -61.88 24.21
N ALA A 141 -10.85 -61.68 22.91
CA ALA A 141 -11.78 -60.72 22.30
C ALA A 141 -13.23 -61.13 22.48
N ASP A 142 -14.13 -60.39 21.84
CA ASP A 142 -15.57 -60.45 22.11
C ASP A 142 -15.86 -59.92 23.51
N LYS A 143 -15.05 -58.96 23.95
CA LYS A 143 -15.29 -58.28 25.22
C LYS A 143 -16.58 -57.48 25.15
N THR A 144 -17.19 -57.28 26.32
CA THR A 144 -18.32 -56.37 26.42
C THR A 144 -17.89 -54.95 26.05
N ARG A 145 -16.71 -54.55 26.51
CA ARG A 145 -16.18 -53.25 26.17
C ARG A 145 -15.63 -53.25 24.75
N ASN A 146 -15.50 -52.05 24.18
CA ASN A 146 -14.89 -51.90 22.86
C ASN A 146 -14.42 -50.47 22.72
N GLY A 147 -13.35 -50.30 21.93
CA GLY A 147 -12.76 -48.99 21.73
C GLY A 147 -12.36 -48.75 20.28
N ASP A 148 -13.18 -49.25 19.35
CA ASP A 148 -12.85 -49.19 17.93
C ASP A 148 -12.54 -47.76 17.49
N THR A 149 -11.29 -47.52 17.09
CA THR A 149 -10.82 -46.19 16.76
C THR A 149 -9.90 -46.28 15.55
N HIS A 150 -10.10 -45.38 14.60
CA HIS A 150 -9.22 -45.25 13.44
C HIS A 150 -8.73 -43.81 13.38
N VAL A 151 -7.43 -43.62 13.16
CA VAL A 151 -6.81 -42.31 13.25
C VAL A 151 -6.42 -41.83 11.86
N ILE A 152 -6.72 -40.56 11.58
CA ILE A 152 -6.33 -39.90 10.34
C ILE A 152 -5.47 -38.71 10.70
N VAL A 153 -4.29 -38.63 10.09
CA VAL A 153 -3.36 -37.53 10.33
C VAL A 153 -3.09 -36.84 9.00
N LEU A 154 -3.22 -35.52 8.98
CA LEU A 154 -3.01 -34.71 7.78
C LEU A 154 -1.63 -34.07 7.90
N SER A 155 -0.62 -34.81 7.44
CA SER A 155 0.76 -34.31 7.48
C SER A 155 1.59 -35.12 6.49
N LEU A 156 2.87 -34.77 6.38
CA LEU A 156 3.81 -35.44 5.50
C LEU A 156 4.93 -36.14 6.25
N ASN A 157 5.28 -35.67 7.44
CA ASN A 157 6.32 -36.30 8.25
C ASN A 157 5.76 -37.57 8.86
N GLN A 158 5.90 -38.69 8.16
CA GLN A 158 5.38 -39.96 8.62
C GLN A 158 6.16 -40.53 9.80
N MET A 159 7.34 -40.00 10.10
CA MET A 159 8.09 -40.42 11.27
C MET A 159 7.35 -40.11 12.57
N PHE A 160 6.43 -39.14 12.55
CA PHE A 160 5.66 -38.82 13.74
C PHE A 160 4.96 -40.04 14.32
N ALA A 161 4.45 -40.92 13.45
CA ALA A 161 3.74 -42.10 13.94
C ALA A 161 4.64 -42.98 14.79
N LYS A 162 5.94 -43.00 14.51
CA LYS A 162 6.88 -43.81 15.26
C LYS A 162 7.31 -43.16 16.57
N GLU A 163 6.92 -41.91 16.81
CA GLU A 163 7.31 -41.20 18.02
C GLU A 163 6.22 -41.13 19.06
N LEU A 164 5.14 -41.89 18.90
CA LEU A 164 4.05 -41.83 19.87
C LEU A 164 4.51 -42.41 21.21
N PRO A 165 4.39 -41.67 22.30
CA PRO A 165 4.76 -42.22 23.60
C PRO A 165 3.87 -43.37 24.01
N GLY A 166 4.44 -44.29 24.77
CA GLY A 166 3.72 -45.45 25.24
C GLY A 166 3.02 -45.22 26.57
N ILE A 167 2.37 -46.28 27.05
CA ILE A 167 1.65 -46.20 28.31
C ILE A 167 2.63 -46.00 29.47
N TYR A 168 2.15 -45.32 30.52
CA TYR A 168 3.00 -45.07 31.68
C TYR A 168 3.47 -46.36 32.33
N LYS A 169 2.57 -47.33 32.45
CA LYS A 169 2.93 -48.63 33.03
C LYS A 169 2.27 -49.77 32.27
N GLU A 233 -17.50 -45.71 39.24
CA GLU A 233 -17.08 -44.63 38.37
C GLU A 233 -16.56 -45.18 37.04
N TYR A 234 -16.32 -44.29 36.09
CA TYR A 234 -15.82 -44.71 34.79
C TYR A 234 -14.38 -45.22 34.91
N LYS A 235 -14.09 -46.29 34.18
CA LYS A 235 -12.78 -46.93 34.19
C LYS A 235 -12.18 -46.91 32.80
N ASP A 236 -10.88 -46.65 32.74
CA ASP A 236 -10.08 -46.65 31.51
C ASP A 236 -10.56 -45.63 30.48
N TYR A 237 -11.35 -44.64 30.91
CA TYR A 237 -11.72 -43.56 30.01
C TYR A 237 -10.54 -42.67 29.68
N ASN A 238 -9.61 -42.50 30.63
CA ASN A 238 -8.41 -41.70 30.41
C ASN A 238 -7.21 -42.45 30.97
N HIS A 239 -6.08 -42.34 30.26
CA HIS A 239 -4.84 -42.99 30.67
C HIS A 239 -3.77 -41.94 30.91
N GLN A 240 -2.78 -42.31 31.71
CA GLN A 240 -1.61 -41.48 31.95
C GLN A 240 -0.45 -42.00 31.09
N PHE A 241 0.28 -41.07 30.48
CA PHE A 241 1.35 -41.42 29.56
C PHE A 241 2.68 -40.89 30.08
N ASP A 242 3.76 -41.43 29.53
CA ASP A 242 5.11 -40.97 29.82
C ASP A 242 5.80 -40.60 28.52
N ILE A 243 6.41 -39.42 28.48
CA ILE A 243 6.97 -38.91 27.24
C ILE A 243 8.19 -39.73 26.81
N THR A 244 9.00 -40.17 27.78
CA THR A 244 10.27 -40.82 27.44
C THR A 244 10.05 -42.13 26.71
N THR A 245 9.10 -42.94 27.16
CA THR A 245 8.90 -44.25 26.56
C THR A 245 8.28 -44.11 25.17
N ARG A 246 8.45 -45.16 24.37
CA ARG A 246 7.81 -45.27 23.06
C ARG A 246 6.65 -46.25 23.14
N LEU A 247 6.04 -46.49 21.98
CA LEU A 247 4.85 -47.33 21.90
C LEU A 247 5.17 -48.59 21.11
N MET A 248 5.53 -49.66 21.82
CA MET A 248 5.73 -50.96 21.21
C MET A 248 4.51 -51.82 21.44
N PRO A 249 3.99 -52.48 20.40
CA PRO A 249 4.45 -52.48 19.01
C PRO A 249 4.09 -51.19 18.29
N ALA A 250 4.79 -50.88 17.20
CA ALA A 250 4.47 -49.70 16.43
C ALA A 250 3.10 -49.87 15.76
N PRO A 251 2.35 -48.78 15.61
CA PRO A 251 1.05 -48.88 14.93
C PRO A 251 1.21 -49.28 13.47
N ILE A 252 0.19 -49.96 12.96
CA ILE A 252 0.22 -50.49 11.60
C ILE A 252 -0.68 -49.62 10.72
N ALA A 253 -0.59 -49.87 9.40
CA ALA A 253 -1.27 -49.03 8.43
C ALA A 253 -2.79 -49.13 8.58
N SER A 254 -3.28 -50.30 9.00
CA SER A 254 -4.72 -50.50 9.11
C SER A 254 -5.37 -49.65 10.20
N GLU A 255 -4.57 -49.04 11.08
CA GLU A 255 -5.09 -48.23 12.16
C GLU A 255 -4.82 -46.74 11.97
N LEU A 256 -3.57 -46.38 11.68
CA LEU A 256 -3.16 -44.99 11.47
C LEU A 256 -2.86 -44.80 9.99
N THR A 257 -3.41 -43.75 9.40
CA THR A 257 -3.20 -43.46 8.00
C THR A 257 -2.77 -42.01 7.83
N PHE A 258 -2.04 -41.77 6.73
CA PHE A 258 -1.47 -40.47 6.43
C PHE A 258 -2.00 -39.95 5.11
N ILE A 259 -2.17 -38.63 5.03
CA ILE A 259 -2.61 -37.96 3.82
C ILE A 259 -1.66 -36.80 3.54
N ALA A 260 -1.15 -36.74 2.31
CA ALA A 260 -0.17 -35.72 1.95
C ALA A 260 -0.86 -34.38 1.76
N PRO A 261 -0.41 -33.33 2.44
CA PRO A 261 -1.02 -32.00 2.29
C PRO A 261 -0.55 -31.23 1.06
N THR A 262 0.07 -31.89 0.09
CA THR A 262 0.55 -31.24 -1.13
C THR A 262 -0.28 -31.68 -2.34
N GLN A 263 -1.58 -31.81 -2.15
CA GLN A 263 -2.52 -32.23 -3.17
C GLN A 263 -3.66 -31.24 -3.24
N PRO A 264 -4.38 -31.19 -4.37
CA PRO A 264 -5.53 -30.26 -4.46
C PRO A 264 -6.58 -30.56 -3.40
N VAL A 265 -7.24 -29.50 -2.96
CA VAL A 265 -8.17 -29.60 -1.82
C VAL A 265 -9.26 -30.62 -2.10
N SER A 266 -9.77 -30.64 -3.34
CA SER A 266 -10.82 -31.59 -3.69
C SER A 266 -10.36 -33.02 -3.49
N THR A 267 -9.12 -33.33 -3.87
CA THR A 267 -8.61 -34.68 -3.69
C THR A 267 -8.55 -35.05 -2.21
N ILE A 268 -8.07 -34.13 -1.38
CA ILE A 268 -7.98 -34.40 0.06
C ILE A 268 -9.36 -34.66 0.64
N LEU A 269 -10.33 -33.82 0.26
CA LEU A 269 -11.69 -34.01 0.76
C LEU A 269 -12.26 -35.34 0.30
N SER A 270 -12.00 -35.72 -0.95
CA SER A 270 -12.48 -36.99 -1.46
C SER A 270 -11.88 -38.15 -0.69
N GLN A 271 -10.58 -38.08 -0.41
CA GLN A 271 -9.93 -39.17 0.33
C GLN A 271 -10.49 -39.27 1.74
N ILE A 272 -10.68 -38.14 2.42
CA ILE A 272 -11.20 -38.17 3.77
C ILE A 272 -12.62 -38.75 3.78
N GLU A 273 -13.45 -38.30 2.84
CA GLU A 273 -14.82 -38.83 2.79
C GLU A 273 -14.84 -40.32 2.47
N GLN A 274 -13.97 -40.77 1.57
CA GLN A 274 -13.90 -42.19 1.26
C GLN A 274 -13.51 -42.97 2.51
N THR A 275 -12.51 -42.50 3.24
CA THR A 275 -12.09 -43.19 4.46
C THR A 275 -13.22 -43.26 5.47
N ILE A 276 -13.94 -42.15 5.64
CA ILE A 276 -15.04 -42.14 6.60
C ILE A 276 -16.13 -43.11 6.19
N LYS A 277 -16.49 -43.11 4.90
CA LYS A 277 -17.55 -44.00 4.43
C LYS A 277 -17.15 -45.46 4.57
N ARG A 278 -15.88 -45.78 4.31
CA ARG A 278 -15.44 -47.16 4.34
C ARG A 278 -15.59 -47.78 5.73
N ASN A 279 -15.21 -47.04 6.76
CA ASN A 279 -15.37 -47.51 8.13
C ASN A 279 -16.83 -47.36 8.54
N ASP A 280 -17.40 -48.41 9.14
CA ASP A 280 -18.83 -48.41 9.44
C ASP A 280 -19.13 -47.61 10.70
N LYS A 281 -18.62 -48.05 11.84
CA LYS A 281 -18.95 -47.43 13.11
C LYS A 281 -17.71 -47.15 13.97
N LYS A 282 -16.52 -47.29 13.42
CA LYS A 282 -15.32 -46.98 14.17
C LYS A 282 -15.26 -45.48 14.48
N LEU A 283 -14.89 -45.16 15.71
CA LEU A 283 -14.72 -43.76 16.10
C LEU A 283 -13.49 -43.20 15.38
N ILE A 284 -13.67 -42.15 14.62
CA ILE A 284 -12.57 -41.56 13.85
C ILE A 284 -12.00 -40.39 14.64
N ARG A 285 -10.67 -40.38 14.78
CA ARG A 285 -9.95 -39.27 15.37
C ARG A 285 -9.12 -38.62 14.28
N ILE A 286 -9.32 -37.32 14.08
CA ILE A 286 -8.61 -36.55 13.06
C ILE A 286 -7.78 -35.48 13.76
N VAL A 287 -6.48 -35.47 13.48
CA VAL A 287 -5.57 -34.53 14.09
C VAL A 287 -4.68 -33.94 12.99
N ILE A 288 -4.56 -32.62 12.99
CA ILE A 288 -3.73 -31.89 12.04
C ILE A 288 -2.54 -31.30 12.80
N PRO A 289 -1.35 -31.86 12.62
CA PRO A 289 -0.18 -31.33 13.33
C PRO A 289 0.57 -30.28 12.54
N SER A 290 1.02 -29.25 13.25
CA SER A 290 1.85 -28.19 12.69
C SER A 290 1.20 -27.58 11.45
N LEU A 291 0.04 -26.98 11.66
CA LEU A 291 -0.66 -26.34 10.57
C LEU A 291 0.10 -25.10 10.09
N LEU A 292 0.11 -24.91 8.77
CA LEU A 292 0.72 -23.75 8.13
C LEU A 292 2.21 -23.63 8.48
N HIS A 293 2.97 -24.61 8.03
CA HIS A 293 4.42 -24.52 8.15
C HIS A 293 5.03 -24.32 6.77
N PRO A 294 5.84 -23.27 6.58
CA PRO A 294 6.32 -22.96 5.22
C PRO A 294 7.09 -24.10 4.58
N ALA A 295 7.92 -24.81 5.35
CA ALA A 295 8.65 -25.95 4.80
C ALA A 295 7.74 -27.13 4.56
N MET A 296 6.53 -27.10 5.10
CA MET A 296 5.58 -28.20 4.99
C MET A 296 4.47 -27.93 4.00
N TYR A 297 4.07 -26.67 3.84
CA TYR A 297 2.98 -26.30 2.93
C TYR A 297 3.51 -25.41 1.82
N PRO A 298 3.22 -25.72 0.56
CA PRO A 298 3.67 -24.87 -0.54
C PRO A 298 3.02 -23.51 -0.48
N PRO A 299 3.67 -22.48 -1.02
CA PRO A 299 3.09 -21.13 -0.97
C PRO A 299 1.74 -21.02 -1.66
N LYS A 300 1.45 -21.86 -2.65
CA LYS A 300 0.17 -21.80 -3.34
C LYS A 300 -0.98 -22.01 -2.37
N MET A 301 -0.85 -22.96 -1.45
CA MET A 301 -1.91 -23.21 -0.49
C MET A 301 -2.08 -22.05 0.48
N PHE A 302 -1.11 -21.13 0.53
CA PHE A 302 -1.23 -19.99 1.43
C PHE A 302 -2.26 -18.98 0.96
N GLU A 303 -2.79 -19.13 -0.24
CA GLU A 303 -3.91 -18.31 -0.68
C GLU A 303 -5.09 -18.52 0.26
N SER A 304 -5.78 -17.43 0.58
CA SER A 304 -6.87 -17.49 1.55
C SER A 304 -7.94 -18.48 1.12
N SER A 305 -8.25 -18.50 -0.18
CA SER A 305 -9.34 -19.35 -0.67
C SER A 305 -9.07 -20.81 -0.39
N GLU A 306 -7.86 -21.28 -0.69
CA GLU A 306 -7.56 -22.71 -0.57
C GLU A 306 -7.64 -23.19 0.87
N ILE A 307 -6.93 -22.51 1.78
CA ILE A 307 -6.90 -22.95 3.16
C ILE A 307 -8.26 -22.80 3.81
N ILE A 308 -8.95 -21.68 3.54
CA ILE A 308 -10.25 -21.46 4.14
C ILE A 308 -11.25 -22.49 3.62
N GLY A 309 -11.19 -22.82 2.33
CA GLY A 309 -12.05 -23.86 1.81
C GLY A 309 -11.75 -25.22 2.41
N LEU A 310 -10.47 -25.51 2.64
CA LEU A 310 -10.13 -26.78 3.29
C LEU A 310 -10.72 -26.85 4.69
N MET A 311 -10.57 -25.79 5.47
CA MET A 311 -11.14 -25.78 6.81
C MET A 311 -12.65 -25.87 6.78
N HIS A 312 -13.28 -25.17 5.83
CA HIS A 312 -14.74 -25.22 5.70
C HIS A 312 -15.20 -26.63 5.37
N GLY A 313 -14.52 -27.31 4.45
CA GLY A 313 -14.90 -28.67 4.10
C GLY A 313 -14.71 -29.63 5.26
N VAL A 314 -13.60 -29.49 5.99
CA VAL A 314 -13.36 -30.36 7.13
C VAL A 314 -14.42 -30.12 8.20
N ARG A 315 -14.79 -28.87 8.44
CA ARG A 315 -15.85 -28.58 9.39
C ARG A 315 -17.16 -29.18 8.94
N SER A 316 -17.47 -29.10 7.64
CA SER A 316 -18.70 -29.68 7.13
C SER A 316 -18.72 -31.18 7.36
N LEU A 317 -17.58 -31.84 7.09
CA LEU A 317 -17.52 -33.29 7.30
C LEU A 317 -17.66 -33.65 8.78
N VAL A 318 -16.99 -32.91 9.67
CA VAL A 318 -17.05 -33.26 11.09
C VAL A 318 -18.42 -32.96 11.65
N LYS A 319 -19.16 -32.04 11.03
CA LYS A 319 -20.53 -31.80 11.46
C LYS A 319 -21.51 -32.76 10.80
N LYS A 320 -21.12 -33.39 9.70
CA LYS A 320 -21.99 -34.39 9.07
C LYS A 320 -22.10 -35.63 9.93
N TYR A 321 -20.98 -36.30 10.17
CA TYR A 321 -20.93 -37.45 11.07
C TYR A 321 -20.62 -36.99 12.50
N TYR A 322 -21.45 -36.11 13.03
CA TYR A 322 -21.17 -35.49 14.32
C TYR A 322 -21.11 -36.50 15.45
N GLU A 323 -21.74 -37.66 15.30
CA GLU A 323 -21.76 -38.65 16.36
C GLU A 323 -20.44 -39.40 16.53
N ARG A 324 -19.55 -39.34 15.55
CA ARG A 324 -18.31 -40.11 15.61
C ARG A 324 -17.05 -39.25 15.51
N VAL A 325 -16.97 -38.37 14.53
CA VAL A 325 -15.70 -37.79 14.11
C VAL A 325 -15.30 -36.64 15.04
N VAL A 326 -14.02 -36.60 15.39
CA VAL A 326 -13.45 -35.53 16.21
C VAL A 326 -12.25 -34.95 15.47
N LEU A 327 -12.00 -33.66 15.68
CA LEU A 327 -10.95 -32.94 14.97
C LEU A 327 -10.04 -32.19 15.94
N PHE A 328 -8.73 -32.26 15.69
CA PHE A 328 -7.73 -31.58 16.49
C PHE A 328 -6.73 -30.93 15.56
N ALA A 329 -6.20 -29.79 15.98
CA ALA A 329 -5.21 -29.08 15.17
C ALA A 329 -4.40 -28.16 16.06
N SER A 330 -3.23 -27.75 15.56
CA SER A 330 -2.33 -26.84 16.25
C SER A 330 -1.61 -25.96 15.24
N ILE A 331 -1.18 -24.79 15.68
CA ILE A 331 -0.57 -23.81 14.80
C ILE A 331 0.31 -22.88 15.62
N SER A 332 1.22 -22.19 14.94
CA SER A 332 2.06 -21.16 15.55
C SER A 332 1.73 -19.83 14.88
N ILE A 333 1.61 -18.77 15.68
CA ILE A 333 1.04 -17.53 15.17
C ILE A 333 2.08 -16.49 14.78
N ASP A 334 3.37 -16.74 15.00
CA ASP A 334 4.36 -15.70 14.76
C ASP A 334 4.53 -15.40 13.27
N ILE A 335 4.10 -16.30 12.40
CA ILE A 335 4.23 -16.07 10.96
C ILE A 335 2.89 -15.87 10.26
N ILE A 336 1.80 -15.73 11.00
CA ILE A 336 0.48 -15.63 10.43
C ILE A 336 0.00 -14.19 10.50
N THR A 337 -0.48 -13.67 9.38
CA THR A 337 -1.04 -12.33 9.37
C THR A 337 -2.33 -12.31 10.21
N PRO A 338 -2.61 -11.20 10.89
CA PRO A 338 -3.78 -11.14 11.78
C PRO A 338 -5.08 -11.47 11.07
N PRO A 339 -5.30 -11.04 9.81
CA PRO A 339 -6.55 -11.43 9.14
C PRO A 339 -6.74 -12.93 9.03
N LEU A 340 -5.73 -13.65 8.53
CA LEU A 340 -5.84 -15.10 8.45
C LEU A 340 -5.99 -15.71 9.82
N LEU A 341 -5.35 -15.11 10.83
CA LEU A 341 -5.48 -15.62 12.19
C LEU A 341 -6.92 -15.56 12.67
N VAL A 342 -7.58 -14.42 12.48
CA VAL A 342 -8.95 -14.30 12.95
C VAL A 342 -9.88 -15.19 12.12
N LEU A 343 -9.61 -15.35 10.83
CA LEU A 343 -10.44 -16.23 10.02
C LEU A 343 -10.34 -17.67 10.51
N LEU A 344 -9.11 -18.15 10.73
CA LEU A 344 -8.94 -19.51 11.22
C LEU A 344 -9.54 -19.69 12.61
N ARG A 345 -9.38 -18.68 13.46
CA ARG A 345 -9.97 -18.75 14.80
C ARG A 345 -11.49 -18.85 14.73
N ASN A 346 -12.10 -18.11 13.82
CA ASN A 346 -13.54 -18.20 13.64
C ASN A 346 -13.95 -19.58 13.13
N MET A 347 -13.16 -20.15 12.22
CA MET A 347 -13.54 -21.42 11.61
C MET A 347 -13.56 -22.58 12.60
N PHE A 348 -12.83 -22.49 13.71
CA PHE A 348 -12.74 -23.56 14.67
C PHE A 348 -13.69 -23.32 15.84
N ASP A 349 -13.81 -24.33 16.70
CA ASP A 349 -14.80 -24.33 17.77
C ASP A 349 -14.24 -23.92 19.13
N SER A 350 -12.94 -24.09 19.36
CA SER A 350 -12.34 -23.74 20.63
C SER A 350 -10.88 -23.40 20.42
N VAL A 351 -10.42 -22.31 21.03
CA VAL A 351 -9.07 -21.84 20.86
C VAL A 351 -8.38 -21.75 22.21
N ILE A 352 -7.16 -22.30 22.28
CA ILE A 352 -6.33 -22.27 23.48
C ILE A 352 -5.03 -21.57 23.10
N ASN A 353 -4.60 -20.59 23.89
CA ASN A 353 -3.40 -19.82 23.58
C ASN A 353 -2.30 -20.17 24.57
N LEU A 354 -1.11 -20.46 24.05
CA LEU A 354 0.06 -20.79 24.87
C LEU A 354 1.12 -19.72 24.67
N GLU A 355 1.58 -19.12 25.76
CA GLU A 355 2.60 -18.07 25.70
C GLU A 355 3.70 -18.34 26.71
N PRO A 356 4.92 -18.60 26.28
CA PRO A 356 6.03 -18.74 27.24
C PRO A 356 6.43 -17.40 27.82
N PHE A 357 7.20 -17.45 28.89
CA PHE A 357 7.67 -16.24 29.56
C PHE A 357 8.91 -15.68 28.88
N ASN A 358 9.36 -14.53 29.37
CA ASN A 358 10.56 -13.89 28.87
C ASN A 358 11.75 -14.19 29.79
N GLN A 359 12.88 -13.55 29.50
CA GLN A 359 14.11 -13.84 30.24
C GLN A 359 13.98 -13.44 31.71
N GLU A 360 13.44 -12.24 31.96
CA GLU A 360 13.36 -11.77 33.34
C GLU A 360 12.45 -12.66 34.18
N MET A 361 11.32 -13.09 33.60
CA MET A 361 10.42 -13.97 34.34
C MET A 361 11.09 -15.30 34.64
N THR A 362 11.83 -15.84 33.68
CA THR A 362 12.54 -17.09 33.91
C THR A 362 13.56 -16.95 35.02
N GLU A 363 14.31 -15.85 35.02
CA GLU A 363 15.32 -15.65 36.06
C GLU A 363 14.68 -15.47 37.42
N PHE A 364 13.58 -14.70 37.49
CA PHE A 364 12.89 -14.50 38.75
C PHE A 364 12.36 -15.82 39.29
N LEU A 365 11.76 -16.63 38.42
CA LEU A 365 11.25 -17.93 38.85
C LEU A 365 12.36 -18.85 39.29
N GLU A 366 13.50 -18.84 38.59
CA GLU A 366 14.64 -19.65 39.02
C GLU A 366 15.12 -19.23 40.40
N ARG A 367 15.21 -17.92 40.63
CA ARG A 367 15.65 -17.42 41.92
C ARG A 367 14.67 -17.80 43.03
N VAL A 368 13.37 -17.73 42.75
CA VAL A 368 12.38 -18.05 43.76
C VAL A 368 12.38 -19.54 44.08
N TYR A 369 12.22 -20.37 43.05
CA TYR A 369 12.19 -21.82 43.25
C TYR A 369 13.56 -22.44 43.05
N LYS A 370 14.57 -21.92 43.75
CA LYS A 370 15.89 -22.53 43.70
C LYS A 370 15.87 -23.93 44.30
N SER A 371 15.17 -24.11 45.41
CA SER A 371 15.07 -25.40 46.07
C SER A 371 13.94 -26.27 45.52
N GLN A 372 13.14 -25.73 44.60
CA GLN A 372 12.02 -26.46 44.02
C GLN A 372 12.24 -26.56 42.51
N PRO A 373 12.89 -27.62 42.04
CA PRO A 373 13.07 -27.82 40.60
C PRO A 373 11.85 -28.39 39.89
N GLY A 374 10.69 -28.43 40.54
CA GLY A 374 9.49 -28.93 39.92
C GLY A 374 8.38 -27.92 39.82
N LYS A 375 8.64 -26.69 40.28
CA LYS A 375 7.61 -25.65 40.31
C LYS A 375 7.88 -24.52 39.33
N ILE A 376 8.75 -24.74 38.35
CA ILE A 376 9.10 -23.69 37.39
C ILE A 376 8.13 -23.79 36.21
N GLN A 377 7.21 -22.84 36.11
CA GLN A 377 6.25 -22.84 35.02
C GLN A 377 6.85 -22.20 33.77
N HIS A 378 6.65 -22.86 32.63
CA HIS A 378 7.20 -22.37 31.37
C HIS A 378 6.42 -21.20 30.80
N GLY A 379 5.11 -21.17 30.99
CA GLY A 379 4.32 -20.11 30.41
C GLY A 379 2.89 -20.18 30.86
N LEU A 380 2.07 -19.31 30.27
CA LEU A 380 0.68 -19.14 30.64
C LEU A 380 -0.22 -19.89 29.68
N VAL A 381 -1.51 -19.93 30.01
CA VAL A 381 -2.54 -20.52 29.18
C VAL A 381 -3.71 -19.55 29.13
N HIS A 382 -4.17 -19.24 27.92
CA HIS A 382 -5.24 -18.28 27.70
C HIS A 382 -6.44 -18.99 27.10
N ILE A 383 -7.62 -18.70 27.67
CA ILE A 383 -8.89 -19.25 27.23
C ILE A 383 -9.66 -18.16 26.50
N LEU A 384 -9.94 -18.37 25.24
CA LEU A 384 -10.67 -17.35 24.48
C LEU A 384 -11.97 -17.86 23.90
N LYS A 385 -11.98 -19.06 23.31
CA LYS A 385 -13.20 -19.62 22.74
C LYS A 385 -13.34 -21.04 23.24
N LEU A 386 -14.54 -21.38 23.72
CA LEU A 386 -14.79 -22.67 24.36
C LEU A 386 -15.78 -23.47 23.53
N PRO A 387 -16.08 -24.71 23.92
CA PRO A 387 -17.16 -25.46 23.27
C PRO A 387 -18.52 -24.87 23.58
N VAL A 388 -19.59 -25.61 23.30
CA VAL A 388 -20.95 -25.11 23.11
C VAL A 388 -21.32 -23.98 24.05
N PHE A 389 -20.75 -23.98 25.26
CA PHE A 389 -20.91 -22.86 26.19
C PHE A 389 -20.81 -21.51 25.49
N THR A 390 -19.78 -21.32 24.67
CA THR A 390 -19.61 -20.04 23.99
C THR A 390 -20.67 -19.82 22.92
N ASP A 391 -21.00 -20.86 22.15
CA ASP A 391 -21.87 -20.67 21.00
C ASP A 391 -23.31 -20.34 21.40
N ARG A 392 -23.67 -20.59 22.65
CA ARG A 392 -25.02 -20.24 23.09
C ARG A 392 -25.09 -18.84 23.70
N GLY A 393 -24.00 -18.08 23.68
CA GLY A 393 -24.02 -16.70 24.10
C GLY A 393 -23.43 -16.41 25.46
N GLU A 394 -22.31 -17.04 25.81
CA GLU A 394 -21.71 -16.81 27.12
C GLU A 394 -20.37 -16.11 26.99
N MET A 395 -19.89 -15.59 28.12
CA MET A 395 -18.59 -14.95 28.23
C MET A 395 -17.63 -15.92 28.87
N ARG A 396 -16.53 -16.23 28.17
CA ARG A 396 -15.62 -17.25 28.67
C ARG A 396 -14.16 -16.89 28.46
N VAL A 397 -13.82 -15.60 28.51
CA VAL A 397 -12.43 -15.18 28.34
C VAL A 397 -11.75 -15.22 29.71
N LEU A 398 -10.49 -15.60 29.73
CA LEU A 398 -9.68 -15.67 30.94
C LEU A 398 -8.22 -15.49 30.53
N LYS A 399 -7.67 -14.32 30.83
CA LYS A 399 -6.30 -13.99 30.46
C LYS A 399 -5.43 -13.94 31.69
N SER A 400 -4.29 -14.64 31.64
CA SER A 400 -3.30 -14.65 32.72
C SER A 400 -3.91 -15.16 34.02
N GLU A 401 -4.41 -16.39 33.98
CA GLU A 401 -4.94 -17.05 35.17
C GLU A 401 -4.47 -18.48 35.35
N TRP A 402 -4.00 -19.14 34.31
CA TRP A 402 -3.51 -20.51 34.40
C TRP A 402 -2.09 -20.59 33.88
N ALA A 403 -1.26 -21.38 34.55
CA ALA A 403 0.12 -21.57 34.16
C ALA A 403 0.37 -23.04 33.87
N PHE A 404 1.09 -23.31 32.79
CA PHE A 404 1.35 -24.68 32.37
C PHE A 404 2.79 -25.06 32.65
N LYS A 405 3.06 -26.37 32.58
CA LYS A 405 4.39 -26.91 32.81
C LYS A 405 4.48 -28.26 32.13
N ASN A 406 5.50 -28.43 31.29
CA ASN A 406 5.72 -29.67 30.55
C ASN A 406 6.47 -30.65 31.45
N GLY A 407 5.73 -31.32 32.32
CA GLY A 407 6.34 -32.27 33.22
C GLY A 407 6.81 -33.52 32.48
N ARG A 408 7.68 -34.27 33.14
CA ARG A 408 8.21 -35.50 32.55
C ARG A 408 7.14 -36.55 32.35
N LYS A 409 6.02 -36.46 33.07
CA LYS A 409 4.96 -37.44 32.96
C LYS A 409 3.60 -36.85 32.65
N LYS A 410 3.44 -35.53 32.68
CA LYS A 410 2.13 -34.93 32.49
C LYS A 410 2.30 -33.46 32.11
N PHE A 411 1.44 -32.99 31.20
CA PHE A 411 1.36 -31.58 30.84
C PHE A 411 0.50 -30.91 31.90
N GLU A 412 1.12 -30.51 33.00
CA GLU A 412 0.38 -30.07 34.18
C GLU A 412 0.05 -28.60 34.06
N ILE A 413 -1.23 -28.26 34.15
CA ILE A 413 -1.69 -26.87 34.17
C ILE A 413 -2.31 -26.63 35.54
N GLU A 414 -2.06 -25.47 36.10
CA GLU A 414 -2.53 -25.13 37.43
C GLU A 414 -2.87 -23.65 37.51
N GLN A 415 -3.34 -23.21 38.67
CA GLN A 415 -3.59 -21.80 38.87
C GLN A 415 -2.27 -21.02 38.87
N TRP A 416 -2.32 -19.83 38.28
CA TRP A 416 -1.13 -19.00 38.17
C TRP A 416 -0.97 -18.14 39.42
N HIS B 6 27.67 -17.75 33.16
CA HIS B 6 28.26 -18.11 31.89
C HIS B 6 28.75 -16.87 31.15
N ASN B 7 29.78 -17.05 30.31
CA ASN B 7 30.35 -15.94 29.56
C ASN B 7 29.86 -15.99 28.13
N PRO B 8 29.04 -15.05 27.68
CA PRO B 8 28.57 -15.08 26.29
C PRO B 8 29.68 -14.93 25.27
N VAL B 9 30.83 -14.38 25.68
CA VAL B 9 31.95 -14.20 24.76
C VAL B 9 32.43 -15.54 24.25
N ILE B 10 32.45 -16.55 25.12
CA ILE B 10 32.85 -17.89 24.70
C ILE B 10 31.88 -18.43 23.66
N LEU B 11 30.59 -18.23 23.88
CA LEU B 11 29.60 -18.68 22.90
C LEU B 11 29.76 -17.97 21.57
N LEU B 12 30.03 -16.66 21.61
CA LEU B 12 30.24 -15.91 20.38
C LEU B 12 31.46 -16.40 19.64
N LYS B 13 32.55 -16.67 20.36
CA LYS B 13 33.76 -17.18 19.72
C LYS B 13 33.51 -18.57 19.13
N ARG B 14 32.75 -19.40 19.83
CA ARG B 14 32.46 -20.74 19.32
C ARG B 14 31.62 -20.68 18.05
N ILE B 15 30.59 -19.83 18.03
CA ILE B 15 29.72 -19.77 16.86
C ILE B 15 30.45 -19.11 15.70
N LEU B 16 31.30 -18.12 15.99
CA LEU B 16 32.10 -17.50 14.93
C LEU B 16 33.06 -18.50 14.30
N SER B 17 33.67 -19.35 15.13
CA SER B 17 34.67 -20.31 14.68
C SER B 17 34.06 -21.51 13.98
N LEU B 18 32.76 -21.48 13.68
CA LEU B 18 32.08 -22.58 12.99
C LEU B 18 32.19 -23.89 13.76
N THR B 19 32.31 -23.81 15.08
CA THR B 19 32.32 -25.01 15.89
C THR B 19 30.92 -25.60 16.04
N GLU B 20 29.90 -24.76 15.97
CA GLU B 20 28.52 -25.20 16.18
C GLU B 20 28.03 -26.01 14.97
N SER B 21 26.78 -26.42 15.04
CA SER B 21 26.14 -27.18 13.98
C SER B 21 24.97 -26.47 13.34
N SER B 22 24.84 -25.16 13.54
CA SER B 22 23.73 -24.42 12.97
C SER B 22 23.92 -24.32 11.46
N PRO B 23 23.00 -24.85 10.66
CA PRO B 23 23.17 -24.86 9.20
C PRO B 23 22.67 -23.61 8.47
N PHE B 24 22.40 -22.52 9.18
CA PHE B 24 21.99 -21.29 8.54
C PHE B 24 22.31 -20.12 9.47
N ILE B 25 22.99 -19.12 8.93
CA ILE B 25 23.33 -17.91 9.66
C ILE B 25 22.86 -16.71 8.84
N LEU B 26 22.18 -15.78 9.50
CA LEU B 26 21.61 -14.62 8.85
C LEU B 26 22.19 -13.35 9.46
N CYS B 27 22.60 -12.42 8.61
CA CYS B 27 23.10 -11.12 9.03
C CYS B 27 22.12 -10.04 8.58
N LEU B 28 21.94 -9.02 9.41
CA LEU B 28 21.05 -7.92 9.11
C LEU B 28 21.87 -6.65 8.98
N ASP B 29 21.72 -5.93 7.87
CA ASP B 29 22.50 -4.72 7.69
C ASP B 29 21.64 -3.56 7.21
N SER B 30 22.27 -2.41 6.98
CA SER B 30 21.59 -1.22 6.50
C SER B 30 22.57 -0.45 5.62
N ILE B 31 22.25 0.81 5.33
CA ILE B 31 23.22 1.67 4.67
C ILE B 31 24.15 2.36 5.66
N ALA B 32 23.83 2.32 6.96
CA ALA B 32 24.73 2.91 7.94
C ALA B 32 25.94 2.02 8.16
N GLN B 33 25.77 0.71 8.14
CA GLN B 33 26.86 -0.22 8.37
C GLN B 33 26.64 -1.46 7.53
N THR B 34 27.58 -1.78 6.66
CA THR B 34 27.48 -2.95 5.80
C THR B 34 27.92 -4.17 6.63
N SER B 35 27.97 -5.34 6.01
CA SER B 35 28.22 -6.58 6.73
C SER B 35 29.43 -7.36 6.25
N TYR B 36 30.29 -6.79 5.42
CA TYR B 36 31.45 -7.54 4.96
C TYR B 36 32.52 -7.64 6.04
N LYS B 37 32.57 -6.66 6.94
CA LYS B 37 33.52 -6.73 8.05
C LYS B 37 33.24 -7.94 8.93
N LEU B 38 31.95 -8.22 9.17
CA LEU B 38 31.59 -9.42 9.93
C LEU B 38 32.04 -10.69 9.22
N ILE B 39 31.93 -10.72 7.90
CA ILE B 39 32.39 -11.88 7.15
C ILE B 39 33.89 -12.05 7.29
N GLN B 40 34.64 -10.94 7.24
CA GLN B 40 36.07 -11.02 7.43
C GLN B 40 36.40 -11.54 8.82
N GLU B 41 35.66 -11.08 9.83
CA GLU B 41 35.87 -11.60 11.19
C GLU B 41 35.59 -13.09 11.26
N PHE B 42 34.50 -13.53 10.61
CA PHE B 42 34.17 -14.94 10.60
C PHE B 42 35.30 -15.77 10.00
N VAL B 43 35.78 -15.37 8.83
CA VAL B 43 36.81 -16.17 8.17
C VAL B 43 38.12 -16.12 8.94
N HIS B 44 38.43 -14.97 9.54
CA HIS B 44 39.65 -14.86 10.34
C HIS B 44 39.59 -15.80 11.54
N GLN B 45 38.47 -15.80 12.26
CA GLN B 45 38.35 -16.68 13.42
C GLN B 45 38.38 -18.14 13.02
N SER B 46 37.69 -18.49 11.93
CA SER B 46 37.68 -19.88 11.49
C SER B 46 39.07 -20.35 11.10
N LYS B 47 39.83 -19.50 10.40
CA LYS B 47 41.18 -19.87 9.99
C LYS B 47 42.13 -19.93 11.17
N SER B 48 41.95 -19.05 12.16
CA SER B 48 42.88 -18.98 13.29
C SER B 48 42.81 -20.20 14.21
N LYS B 49 41.80 -21.04 14.07
CA LYS B 49 41.63 -22.21 14.94
C LYS B 49 41.51 -23.47 14.11
N GLY B 50 42.33 -23.57 13.06
CA GLY B 50 42.41 -24.78 12.25
C GLY B 50 41.18 -25.08 11.42
N ASN B 51 40.06 -24.39 11.65
CA ASN B 51 38.84 -24.63 10.87
C ASN B 51 38.93 -23.94 9.51
N GLU B 52 39.88 -24.43 8.71
CA GLU B 52 40.16 -23.85 7.40
C GLU B 52 39.28 -24.51 6.33
N TYR B 53 37.98 -24.36 6.52
CA TYR B 53 37.01 -24.93 5.60
C TYR B 53 37.07 -24.22 4.25
N PRO B 54 36.72 -24.93 3.18
CA PRO B 54 36.54 -24.26 1.89
C PRO B 54 35.37 -23.27 1.98
N ILE B 55 35.49 -22.19 1.20
CA ILE B 55 34.47 -21.16 1.16
C ILE B 55 33.97 -21.03 -0.28
N VAL B 56 32.65 -21.05 -0.44
CA VAL B 56 32.01 -20.88 -1.74
C VAL B 56 31.25 -19.57 -1.71
N TYR B 57 31.46 -18.74 -2.71
CA TYR B 57 30.90 -17.39 -2.75
C TYR B 57 29.91 -17.26 -3.89
N ILE B 58 28.77 -16.63 -3.61
CA ILE B 58 27.75 -16.32 -4.60
C ILE B 58 27.69 -14.81 -4.78
N SER B 59 27.71 -14.38 -6.03
CA SER B 59 27.83 -12.95 -6.35
C SER B 59 26.51 -12.43 -6.90
N PHE B 60 25.96 -11.42 -6.25
CA PHE B 60 24.85 -10.63 -6.75
C PHE B 60 25.19 -9.15 -6.85
N GLU B 61 26.03 -8.65 -5.94
CA GLU B 61 26.44 -7.25 -5.91
C GLU B 61 27.93 -7.06 -6.17
N THR B 62 28.78 -7.73 -5.40
CA THR B 62 30.21 -7.52 -5.52
C THR B 62 30.78 -8.12 -6.80
N VAL B 63 31.80 -7.47 -7.34
CA VAL B 63 32.53 -7.99 -8.49
C VAL B 63 34.00 -8.25 -8.18
N ASN B 64 34.54 -7.74 -7.08
CA ASN B 64 35.91 -8.03 -6.68
C ASN B 64 35.90 -9.29 -5.82
N LYS B 65 36.49 -10.35 -6.34
CA LYS B 65 36.51 -11.62 -5.61
C LYS B 65 37.41 -11.50 -4.39
N PRO B 66 36.93 -11.81 -3.19
CA PRO B 66 37.79 -11.77 -2.01
C PRO B 66 38.92 -12.79 -2.12
N SER B 67 40.04 -12.47 -1.46
CA SER B 67 41.20 -13.34 -1.52
C SER B 67 40.91 -14.70 -0.92
N TYR B 68 40.23 -14.73 0.22
CA TYR B 68 39.94 -15.98 0.90
C TYR B 68 38.94 -16.84 0.16
N CYS B 69 38.22 -16.29 -0.81
CA CYS B 69 37.23 -17.05 -1.55
C CYS B 69 37.91 -18.16 -2.34
N THR B 70 37.26 -19.32 -2.37
CA THR B 70 37.79 -20.48 -3.08
C THR B 70 37.09 -20.73 -4.40
N GLN B 71 35.78 -20.54 -4.48
CA GLN B 71 35.05 -20.65 -5.73
C GLN B 71 34.17 -19.41 -5.88
N PHE B 72 34.25 -18.77 -7.04
CA PHE B 72 33.46 -17.58 -7.33
C PHE B 72 32.51 -17.90 -8.48
N ILE B 73 31.22 -17.68 -8.25
CA ILE B 73 30.19 -17.91 -9.26
C ILE B 73 29.39 -16.62 -9.42
N ASP B 74 29.19 -16.22 -10.66
CA ASP B 74 28.43 -15.00 -10.98
C ASP B 74 26.98 -15.38 -11.21
N ALA B 75 26.16 -15.23 -10.18
CA ALA B 75 24.75 -15.60 -10.27
C ALA B 75 23.89 -14.50 -10.87
N THR B 76 24.50 -13.38 -11.27
CA THR B 76 23.72 -12.26 -11.79
C THR B 76 23.11 -12.55 -13.15
N GLN B 77 23.50 -13.63 -13.82
CA GLN B 77 23.04 -13.90 -15.17
C GLN B 77 22.16 -15.14 -15.26
N MET B 78 22.65 -16.29 -14.80
CA MET B 78 21.88 -17.53 -14.96
C MET B 78 20.65 -17.52 -14.07
N ASP B 79 19.65 -18.29 -14.48
CA ASP B 79 18.37 -18.34 -13.78
C ASP B 79 18.44 -19.37 -12.65
N PHE B 80 17.28 -19.70 -12.07
CA PHE B 80 17.26 -20.42 -10.80
C PHE B 80 17.78 -21.84 -10.93
N VAL B 81 17.26 -22.60 -11.90
CA VAL B 81 17.58 -24.02 -11.96
C VAL B 81 19.06 -24.25 -12.26
N HIS B 82 19.60 -23.49 -13.21
CA HIS B 82 21.02 -23.60 -13.50
C HIS B 82 21.86 -23.19 -12.29
N LEU B 83 21.45 -22.14 -11.59
CA LEU B 83 22.21 -21.68 -10.43
C LEU B 83 22.24 -22.75 -9.34
N VAL B 84 21.08 -23.34 -9.02
CA VAL B 84 21.04 -24.34 -7.97
C VAL B 84 21.81 -25.59 -8.39
N LYS B 85 21.71 -25.99 -9.66
CA LYS B 85 22.46 -27.14 -10.13
C LYS B 85 23.97 -26.88 -10.03
N GLN B 86 24.40 -25.69 -10.41
CA GLN B 86 25.82 -25.36 -10.36
C GLN B 86 26.32 -25.39 -8.92
N ILE B 87 25.53 -24.82 -7.99
CA ILE B 87 25.93 -24.84 -6.59
C ILE B 87 25.98 -26.25 -6.05
N ILE B 88 25.02 -27.10 -6.44
CA ILE B 88 25.00 -28.47 -5.96
C ILE B 88 26.20 -29.25 -6.47
N SER B 89 26.58 -29.02 -7.73
CA SER B 89 27.70 -29.76 -8.31
C SER B 89 28.99 -29.51 -7.54
N TYR B 90 29.06 -28.42 -6.77
CA TYR B 90 30.23 -28.11 -5.99
C TYR B 90 30.12 -28.58 -4.54
N LEU B 91 29.28 -29.58 -4.28
CA LEU B 91 29.01 -30.08 -2.94
C LEU B 91 28.95 -31.60 -2.93
N PRO B 92 29.22 -32.23 -1.78
CA PRO B 92 29.03 -33.68 -1.69
C PRO B 92 27.57 -34.06 -1.86
N ALA B 93 27.33 -35.25 -2.40
CA ALA B 93 25.99 -35.67 -2.83
C ALA B 93 25.42 -36.69 -1.85
N ALA B 94 24.74 -36.19 -0.80
CA ALA B 94 23.88 -36.99 0.06
C ALA B 94 24.62 -38.03 0.87
N THR B 95 25.93 -38.16 0.65
CA THR B 95 26.77 -39.08 1.40
C THR B 95 28.07 -38.40 1.81
N ALA B 96 27.96 -37.17 2.33
CA ALA B 96 29.12 -36.32 2.56
C ALA B 96 30.13 -37.00 3.48
N THR B 97 31.39 -36.93 3.08
CA THR B 97 32.46 -37.49 3.89
C THR B 97 32.74 -36.60 5.10
N GLN B 98 33.20 -37.22 6.18
CA GLN B 98 33.54 -36.49 7.39
C GLN B 98 34.92 -35.86 7.33
N ALA B 99 35.52 -35.76 6.14
CA ALA B 99 36.86 -35.20 6.03
C ALA B 99 36.87 -33.71 6.33
N LYS B 100 35.95 -32.96 5.72
CA LYS B 100 35.93 -31.51 5.89
C LYS B 100 34.52 -31.00 5.66
N LYS B 101 34.27 -29.78 6.13
CA LYS B 101 33.00 -29.11 5.93
C LYS B 101 33.08 -28.16 4.73
N HIS B 102 31.98 -27.46 4.47
CA HIS B 102 31.90 -26.46 3.43
C HIS B 102 31.26 -25.21 4.04
N MET B 103 31.47 -24.07 3.39
CA MET B 103 30.87 -22.82 3.87
C MET B 103 30.45 -22.00 2.65
N VAL B 104 29.15 -22.02 2.35
CA VAL B 104 28.60 -21.25 1.25
C VAL B 104 28.19 -19.89 1.77
N ILE B 105 28.59 -18.84 1.07
CA ILE B 105 28.28 -17.47 1.44
C ILE B 105 27.48 -16.82 0.31
N ILE B 106 26.38 -16.17 0.68
CA ILE B 106 25.56 -15.41 -0.25
C ILE B 106 25.74 -13.94 0.05
N ASP B 107 26.13 -13.16 -0.96
CA ASP B 107 26.46 -11.76 -0.75
C ASP B 107 25.22 -10.93 -0.42
N SER B 108 24.05 -11.33 -0.91
CA SER B 108 22.81 -10.63 -0.62
C SER B 108 21.61 -11.48 -1.00
N LEU B 109 20.63 -11.60 -0.10
CA LEU B 109 19.45 -12.39 -0.39
C LEU B 109 18.30 -11.56 -0.95
N ASN B 110 18.48 -10.25 -1.08
CA ASN B 110 17.38 -9.38 -1.45
C ASN B 110 16.99 -9.50 -2.91
N TYR B 111 17.52 -10.48 -3.65
CA TYR B 111 17.28 -10.57 -5.08
C TYR B 111 16.57 -11.84 -5.50
N ILE B 112 16.49 -12.85 -4.63
CA ILE B 112 15.75 -14.06 -4.94
C ILE B 112 14.27 -13.83 -4.68
N SER B 113 13.42 -14.32 -5.57
CA SER B 113 11.99 -14.21 -5.37
C SER B 113 11.57 -14.94 -4.10
N THR B 114 10.59 -14.38 -3.40
CA THR B 114 10.23 -14.88 -2.09
C THR B 114 9.77 -16.33 -2.15
N GLU B 115 8.89 -16.64 -3.09
CA GLU B 115 8.26 -17.95 -3.15
C GLU B 115 9.25 -19.09 -3.28
N TYR B 116 10.38 -18.86 -3.93
CA TYR B 116 11.38 -19.90 -4.12
C TYR B 116 12.29 -20.10 -2.92
N ILE B 117 12.30 -19.15 -1.97
CA ILE B 117 13.28 -19.20 -0.89
C ILE B 117 13.29 -20.56 -0.22
N THR B 118 12.14 -21.00 0.29
CA THR B 118 12.07 -22.29 0.96
C THR B 118 12.62 -23.39 0.08
N ARG B 119 12.15 -23.45 -1.18
CA ARG B 119 12.62 -24.48 -2.09
C ARG B 119 14.14 -24.40 -2.26
N PHE B 120 14.66 -23.19 -2.39
CA PHE B 120 16.11 -23.00 -2.43
C PHE B 120 16.75 -23.56 -1.17
N LEU B 121 16.22 -23.18 0.00
CA LEU B 121 16.77 -23.68 1.24
C LEU B 121 16.52 -25.17 1.40
N SER B 122 15.65 -25.74 0.57
CA SER B 122 15.36 -27.16 0.66
C SER B 122 16.36 -27.97 -0.16
N GLU B 123 17.25 -27.30 -0.89
CA GLU B 123 18.18 -28.03 -1.75
C GLU B 123 19.62 -27.84 -1.30
N ILE B 124 20.06 -26.59 -1.17
CA ILE B 124 21.47 -26.34 -0.91
C ILE B 124 21.82 -26.72 0.54
N ALA B 125 20.81 -26.91 1.38
CA ALA B 125 21.07 -27.33 2.75
C ALA B 125 21.67 -28.73 2.78
N SER B 126 22.66 -28.91 3.63
CA SER B 126 23.36 -30.18 3.74
C SER B 126 24.00 -30.26 5.11
N PRO B 127 24.29 -31.47 5.61
CA PRO B 127 24.96 -31.60 6.92
C PRO B 127 26.36 -31.01 6.96
N HIS B 128 27.01 -30.81 5.81
CA HIS B 128 28.38 -30.32 5.77
C HIS B 128 28.48 -28.90 5.22
N CYS B 129 27.44 -28.10 5.38
CA CYS B 129 27.41 -26.73 4.86
C CYS B 129 26.92 -25.80 5.94
N THR B 130 27.18 -24.50 5.75
CA THR B 130 26.70 -23.45 6.64
C THR B 130 26.40 -22.21 5.79
N MET B 131 25.16 -22.08 5.37
CA MET B 131 24.74 -20.94 4.56
C MET B 131 24.78 -19.68 5.39
N VAL B 132 25.77 -18.83 5.14
CA VAL B 132 25.85 -17.53 5.79
C VAL B 132 25.42 -16.49 4.77
N ALA B 133 24.29 -15.83 5.03
CA ALA B 133 23.74 -14.87 4.10
C ALA B 133 23.34 -13.61 4.84
N THR B 134 23.24 -12.51 4.11
CA THR B 134 22.91 -11.22 4.69
C THR B 134 21.73 -10.60 3.98
N TYR B 135 21.02 -9.74 4.71
CA TYR B 135 19.81 -9.10 4.25
C TYR B 135 19.88 -7.61 4.53
N HIS B 136 19.54 -6.81 3.54
CA HIS B 136 19.56 -5.36 3.67
C HIS B 136 18.21 -4.89 4.19
N LYS B 137 18.22 -4.21 5.34
CA LYS B 137 16.97 -3.81 5.96
C LYS B 137 16.25 -2.72 5.19
N ASP B 138 16.97 -1.99 4.33
CA ASP B 138 16.35 -0.87 3.63
C ASP B 138 15.80 -1.29 2.27
N ILE B 139 16.44 -2.26 1.62
CA ILE B 139 16.02 -2.65 0.29
C ILE B 139 14.71 -3.42 0.39
N LYS B 140 13.60 -2.77 0.08
CA LYS B 140 12.30 -3.41 0.09
C LYS B 140 12.17 -4.37 -1.08
N ASP B 141 11.37 -5.41 -0.90
CA ASP B 141 11.29 -6.49 -1.87
C ASP B 141 10.56 -6.02 -3.13
N GLU B 142 10.62 -6.86 -4.15
CA GLU B 142 9.96 -6.58 -5.42
C GLU B 142 8.59 -7.23 -5.46
N ASN B 143 7.58 -6.43 -5.84
CA ASN B 143 6.20 -6.89 -5.89
C ASN B 143 5.83 -7.53 -7.22
N ARG B 144 6.71 -7.48 -8.22
CA ARG B 144 6.42 -8.12 -9.49
C ARG B 144 6.32 -9.63 -9.35
N THR B 145 7.01 -10.21 -8.36
CA THR B 145 7.06 -11.66 -8.23
C THR B 145 5.70 -12.23 -7.84
N VAL B 146 5.21 -11.85 -6.67
CA VAL B 146 3.98 -12.39 -6.11
C VAL B 146 2.81 -11.49 -6.49
N ILE B 147 1.67 -12.09 -6.79
CA ILE B 147 0.48 -11.32 -7.15
C ILE B 147 0.01 -10.52 -5.94
N PRO B 148 -0.20 -9.21 -6.09
CA PRO B 148 -0.62 -8.38 -4.94
C PRO B 148 -2.04 -8.63 -4.46
N ASP B 149 -2.73 -9.66 -4.95
CA ASP B 149 -4.11 -9.89 -4.59
C ASP B 149 -4.24 -10.19 -3.09
N TRP B 150 -5.42 -9.90 -2.55
CA TRP B 150 -5.66 -10.14 -1.13
C TRP B 150 -5.67 -11.62 -0.80
N ASN B 151 -5.90 -12.47 -1.81
CA ASN B 151 -5.86 -13.91 -1.57
C ASN B 151 -4.47 -14.35 -1.12
N ASN B 152 -3.42 -13.80 -1.74
CA ASN B 152 -2.06 -14.09 -1.32
C ASN B 152 -1.80 -13.58 0.09
N ASN B 153 -1.63 -14.50 1.03
CA ASN B 153 -1.42 -14.16 2.44
C ASN B 153 -0.05 -14.60 2.93
N TYR B 154 0.90 -14.75 2.01
CA TYR B 154 2.25 -15.15 2.38
C TYR B 154 2.93 -14.04 3.19
N PRO B 155 3.74 -14.41 4.17
CA PRO B 155 4.45 -13.41 4.97
C PRO B 155 5.59 -12.77 4.19
N ASP B 156 6.08 -11.65 4.71
CA ASP B 156 7.14 -10.92 4.05
C ASP B 156 8.46 -11.70 4.17
N LYS B 157 9.45 -11.25 3.41
CA LYS B 157 10.73 -11.97 3.35
C LYS B 157 11.43 -11.96 4.69
N LEU B 158 11.49 -10.80 5.35
CA LEU B 158 12.27 -10.69 6.58
C LEU B 158 11.73 -11.60 7.67
N THR B 159 10.41 -11.60 7.87
CA THR B 159 9.82 -12.43 8.91
C THR B 159 10.00 -13.92 8.61
N LEU B 160 9.83 -14.30 7.35
CA LEU B 160 10.03 -15.70 6.98
C LEU B 160 11.46 -16.14 7.26
N LEU B 161 12.44 -15.33 6.86
CA LEU B 161 13.83 -15.69 7.09
C LEU B 161 14.15 -15.74 8.57
N GLN B 162 13.64 -14.77 9.34
CA GLN B 162 13.87 -14.78 10.78
C GLN B 162 13.27 -16.00 11.45
N PHE B 163 12.09 -16.43 11.02
CA PHE B 163 11.48 -17.62 11.58
C PHE B 163 12.21 -18.89 11.16
N MET B 164 12.77 -18.92 9.95
CA MET B 164 13.42 -20.13 9.44
C MET B 164 14.92 -20.17 9.72
N ALA B 165 15.47 -19.21 10.46
CA ALA B 165 16.90 -19.17 10.71
C ALA B 165 17.21 -19.70 12.10
N THR B 166 18.38 -20.34 12.21
CA THR B 166 18.83 -20.89 13.49
C THR B 166 19.53 -19.86 14.36
N THR B 167 20.31 -18.96 13.76
CA THR B 167 21.02 -17.94 14.50
C THR B 167 20.91 -16.62 13.74
N ILE B 168 20.56 -15.55 14.44
CA ILE B 168 20.31 -14.25 13.82
C ILE B 168 21.35 -13.26 14.34
N VAL B 169 22.00 -12.57 13.41
CA VAL B 169 23.03 -11.58 13.74
C VAL B 169 22.54 -10.24 13.21
N ASP B 170 22.51 -9.23 14.07
CA ASP B 170 22.09 -7.89 13.68
C ASP B 170 23.26 -6.94 13.93
N ILE B 171 23.54 -6.08 12.96
CA ILE B 171 24.68 -5.19 12.98
C ILE B 171 24.16 -3.77 13.12
N ASP B 172 24.70 -3.03 14.09
CA ASP B 172 24.31 -1.66 14.34
C ASP B 172 25.56 -0.79 14.48
N VAL B 173 25.41 0.47 14.07
CA VAL B 173 26.52 1.42 14.04
C VAL B 173 26.59 2.14 15.37
N VAL B 174 27.78 2.20 15.95
CA VAL B 174 28.03 2.94 17.18
C VAL B 174 28.29 4.39 16.83
N LEU B 175 27.51 5.29 17.42
CA LEU B 175 27.68 6.72 17.20
C LEU B 175 28.82 7.26 18.05
N THR B 176 29.57 8.18 17.49
CA THR B 176 30.69 8.80 18.19
C THR B 176 30.62 10.31 18.20
N GLY B 177 30.13 10.94 17.13
CA GLY B 177 30.07 12.38 17.03
C GLY B 177 29.08 13.02 17.97
N THR B 178 28.82 14.31 17.78
CA THR B 178 27.93 15.08 18.64
C THR B 178 26.47 15.00 18.21
N LEU B 179 26.10 13.98 17.44
CA LEU B 179 24.74 13.82 16.98
C LEU B 179 24.06 12.68 17.73
N ASP B 180 22.73 12.62 17.60
CA ASP B 180 21.92 11.61 18.26
C ASP B 180 21.33 10.66 17.23
N THR B 181 20.73 9.57 17.72
CA THR B 181 20.17 8.57 16.84
C THR B 181 19.03 9.13 15.99
N GLU B 182 18.15 9.94 16.61
CA GLU B 182 17.06 10.53 15.84
C GLU B 182 17.59 11.48 14.77
N GLU B 183 18.60 12.28 15.11
CA GLU B 183 19.18 13.18 14.13
C GLU B 183 19.80 12.40 12.98
N VAL B 184 20.50 11.31 13.28
CA VAL B 184 21.11 10.49 12.24
C VAL B 184 20.02 9.90 11.34
N SER B 185 18.94 9.39 11.96
CA SER B 185 17.88 8.78 11.17
C SER B 185 17.22 9.80 10.25
N GLU B 186 16.91 10.98 10.77
CA GLU B 186 16.25 11.97 9.92
C GLU B 186 17.19 12.49 8.84
N LEU B 187 18.49 12.59 9.13
CA LEU B 187 19.43 12.95 8.07
C LEU B 187 19.49 11.88 7.00
N LEU B 188 19.48 10.60 7.40
CA LEU B 188 19.54 9.51 6.43
C LEU B 188 18.29 9.49 5.56
N ASN B 189 17.12 9.75 6.15
CA ASN B 189 15.90 9.81 5.36
C ASN B 189 15.94 10.92 4.33
N GLU B 190 16.69 11.98 4.59
CA GLU B 190 16.92 13.05 3.62
C GLU B 190 18.15 12.80 2.77
N PHE B 191 18.83 11.68 2.99
CA PHE B 191 20.05 11.31 2.25
C PHE B 191 21.12 12.40 2.37
N ARG B 192 21.22 13.00 3.54
CA ARG B 192 22.33 13.90 3.87
C ARG B 192 23.26 13.12 4.80
N ILE B 193 24.18 12.36 4.20
CA ILE B 193 25.03 11.44 4.94
C ILE B 193 25.97 12.27 5.82
N PRO B 194 25.98 12.07 7.13
CA PRO B 194 26.92 12.77 8.00
C PRO B 194 28.26 12.03 8.01
N ARG B 195 29.16 12.50 8.87
CA ARG B 195 30.46 11.89 9.03
C ARG B 195 30.47 10.97 10.25
N GLY B 196 31.41 10.01 10.23
CA GLY B 196 31.59 9.09 11.32
C GLY B 196 30.88 7.76 11.15
N LEU B 197 29.97 7.66 10.19
CA LEU B 197 29.26 6.41 9.98
C LEU B 197 30.18 5.38 9.32
N ASN B 198 29.73 4.12 9.37
CA ASN B 198 30.44 3.00 8.77
C ASN B 198 31.86 2.85 9.30
N ASN B 199 32.07 3.04 10.59
CA ASN B 199 33.39 2.93 11.19
C ASN B 199 33.70 1.47 11.49
N ASP B 200 34.78 1.24 12.26
CA ASP B 200 35.26 -0.12 12.49
C ASP B 200 34.81 -0.72 13.82
N ILE B 201 34.26 0.08 14.73
CA ILE B 201 33.77 -0.41 16.01
C ILE B 201 32.25 -0.33 15.99
N PHE B 202 31.58 -1.44 16.28
CA PHE B 202 30.14 -1.47 16.11
C PHE B 202 29.49 -2.40 17.12
N GLN B 203 28.21 -2.13 17.41
CA GLN B 203 27.44 -2.99 18.28
C GLN B 203 27.08 -4.29 17.56
N LEU B 204 26.41 -5.19 18.27
CA LEU B 204 25.96 -6.44 17.68
C LEU B 204 24.76 -6.96 18.46
N ARG B 205 23.98 -7.80 17.80
CA ARG B 205 22.88 -8.52 18.44
C ARG B 205 22.90 -9.96 17.95
N LEU B 206 22.85 -10.90 18.88
CA LEU B 206 22.95 -12.32 18.56
C LEU B 206 21.77 -13.04 19.18
N VAL B 207 21.02 -13.75 18.34
CA VAL B 207 19.88 -14.55 18.78
C VAL B 207 20.18 -16.00 18.44
N ASN B 208 20.18 -16.85 19.45
CA ASN B 208 20.42 -18.28 19.26
C ASN B 208 19.17 -19.05 19.65
N LYS B 209 18.75 -19.96 18.78
CA LYS B 209 17.54 -20.74 18.98
C LYS B 209 17.88 -22.21 19.21
N ARG B 210 17.13 -22.83 20.12
CA ARG B 210 17.39 -24.20 20.50
C ARG B 210 16.11 -25.01 20.37
N LYS B 211 16.29 -26.32 20.16
CA LYS B 211 15.17 -27.24 19.98
C LYS B 211 14.67 -27.81 21.29
N SER B 212 14.97 -27.16 22.41
CA SER B 212 14.52 -27.62 23.72
C SER B 212 14.09 -26.47 24.63
N GLY B 213 13.98 -25.25 24.10
CA GLY B 213 13.58 -24.13 24.92
C GLY B 213 13.55 -22.85 24.11
N ARG B 214 13.24 -21.76 24.80
CA ARG B 214 13.14 -20.46 24.17
C ARG B 214 14.52 -19.99 23.69
N SER B 215 14.52 -19.23 22.59
CA SER B 215 15.73 -18.64 22.08
C SER B 215 16.24 -17.56 23.04
N LEU B 216 17.49 -17.15 22.85
CA LEU B 216 18.12 -16.19 23.74
C LEU B 216 18.83 -15.11 22.93
N GLU B 217 18.98 -13.95 23.54
CA GLU B 217 19.54 -12.76 22.90
C GLU B 217 20.69 -12.21 23.73
N TYR B 218 21.78 -11.83 23.06
CA TYR B 218 22.93 -11.23 23.69
C TYR B 218 23.48 -10.11 22.81
N ASP B 219 23.84 -9.00 23.42
CA ASP B 219 24.31 -7.83 22.68
C ASP B 219 25.78 -7.58 23.01
N PHE B 220 26.60 -7.48 21.96
CA PHE B 220 28.04 -7.33 22.09
C PHE B 220 28.48 -6.02 21.46
N ILE B 221 29.74 -5.65 21.75
CA ILE B 221 30.43 -4.53 21.11
C ILE B 221 31.69 -5.12 20.50
N VAL B 222 31.86 -4.98 19.19
CA VAL B 222 32.95 -5.63 18.47
C VAL B 222 33.85 -4.56 17.88
N ASN B 223 35.15 -4.72 18.09
CA ASN B 223 36.17 -3.90 17.45
C ASN B 223 36.86 -4.73 16.38
N SER B 224 36.63 -4.38 15.12
CA SER B 224 37.10 -5.18 13.99
C SER B 224 38.62 -5.14 13.83
N ASN B 225 39.31 -4.25 14.54
CA ASN B 225 40.77 -4.15 14.41
C ASN B 225 41.48 -5.11 15.36
N THR B 226 41.20 -5.02 16.65
CA THR B 226 41.85 -5.84 17.65
C THR B 226 41.09 -7.13 17.95
N HIS B 227 40.01 -7.40 17.21
CA HIS B 227 39.21 -8.61 17.40
C HIS B 227 38.68 -8.72 18.82
N GLU B 228 38.30 -7.59 19.43
CA GLU B 228 37.81 -7.57 20.80
C GLU B 228 36.29 -7.59 20.78
N TYR B 229 35.71 -8.52 21.55
CA TYR B 229 34.26 -8.62 21.70
C TYR B 229 33.93 -8.42 23.17
N GLU B 230 33.46 -7.23 23.51
CA GLU B 230 33.09 -6.90 24.88
C GLU B 230 31.57 -6.99 25.03
N LEU B 231 31.13 -7.08 26.28
CA LEU B 231 29.70 -7.18 26.59
C LEU B 231 29.15 -5.79 26.88
N LEU B 232 28.04 -5.46 26.25
CA LEU B 232 27.41 -4.16 26.43
C LEU B 232 26.60 -4.13 27.73
N MET C 1 -29.58 4.33 38.36
CA MET C 1 -28.22 3.91 38.59
C MET C 1 -28.16 2.66 39.44
N GLY C 2 -27.81 1.53 38.83
CA GLY C 2 -27.71 0.29 39.54
C GLY C 2 -29.04 -0.42 39.69
N SER C 3 -29.78 -0.56 38.59
CA SER C 3 -31.08 -1.22 38.60
C SER C 3 -30.89 -2.70 38.27
N VAL C 4 -30.98 -3.53 39.31
CA VAL C 4 -30.86 -4.97 39.13
C VAL C 4 -32.12 -5.55 38.52
N GLN C 5 -33.20 -4.77 38.46
CA GLN C 5 -34.44 -5.28 37.89
C GLN C 5 -34.34 -5.39 36.38
N ARG C 6 -34.78 -6.52 35.85
CA ARG C 6 -34.73 -6.74 34.41
C ARG C 6 -35.76 -5.90 33.68
N GLN C 7 -35.38 -5.38 32.52
CA GLN C 7 -36.22 -4.49 31.74
C GLN C 7 -36.60 -5.15 30.42
N ASP C 8 -37.82 -4.88 29.97
CA ASP C 8 -38.32 -5.46 28.75
C ASP C 8 -37.65 -4.82 27.54
N LEU C 9 -37.84 -5.44 26.38
CA LEU C 9 -37.17 -5.01 25.15
C LEU C 9 -38.10 -4.13 24.35
N VAL C 10 -37.61 -2.94 23.99
CA VAL C 10 -38.36 -1.98 23.18
C VAL C 10 -37.43 -1.44 22.10
N LEU C 11 -37.92 -1.40 20.86
CA LEU C 11 -37.11 -0.96 19.73
C LEU C 11 -37.63 0.33 19.11
N PHE C 12 -38.91 0.39 18.76
CA PHE C 12 -39.48 1.50 18.03
C PHE C 12 -40.32 2.37 18.97
N SER C 13 -40.98 3.38 18.39
CA SER C 13 -41.75 4.32 19.20
C SER C 13 -43.01 3.70 19.78
N ASP C 14 -43.65 2.78 19.05
CA ASP C 14 -44.90 2.18 19.49
C ASP C 14 -44.71 1.08 20.52
N GLN C 15 -43.55 1.01 21.16
CA GLN C 15 -43.22 0.04 22.19
C GLN C 15 -43.36 -1.40 21.70
N SER C 16 -43.01 -1.69 20.46
CA SER C 16 -43.11 -3.03 19.91
C SER C 16 -41.77 -3.46 19.32
N VAL C 17 -41.41 -4.72 19.59
CA VAL C 17 -40.16 -5.26 19.06
C VAL C 17 -40.19 -5.33 17.55
N LEU C 18 -41.29 -5.83 16.97
CA LEU C 18 -41.40 -5.97 15.52
C LEU C 18 -42.83 -5.72 15.10
N PRO C 19 -43.15 -4.50 14.65
CA PRO C 19 -44.50 -4.20 14.22
C PRO C 19 -44.87 -4.98 12.97
N ALA C 20 -46.17 -5.16 12.78
CA ALA C 20 -46.68 -5.83 11.59
C ALA C 20 -46.87 -4.90 10.41
N HIS C 21 -46.67 -3.60 10.59
CA HIS C 21 -46.89 -2.65 9.51
C HIS C 21 -45.95 -2.89 8.35
N PHE C 22 -44.84 -3.59 8.60
CA PHE C 22 -43.89 -3.89 7.54
C PHE C 22 -44.39 -4.98 6.60
N PHE C 23 -45.65 -5.39 6.71
CA PHE C 23 -46.19 -6.48 5.92
C PHE C 23 -47.44 -6.13 5.15
N GLN C 24 -48.25 -5.20 5.66
CA GLN C 24 -49.51 -4.84 5.01
C GLN C 24 -49.27 -3.69 4.02
N ASP C 25 -48.34 -3.94 3.10
CA ASP C 25 -47.99 -2.99 2.06
C ASP C 25 -47.13 -3.71 1.05
N SER C 26 -46.95 -3.08 -0.11
CA SER C 26 -46.02 -3.57 -1.13
C SER C 26 -44.89 -2.58 -1.31
N ASN C 27 -43.73 -3.10 -1.71
CA ASN C 27 -42.52 -2.31 -1.91
C ASN C 27 -42.15 -1.53 -0.64
N SER C 28 -41.90 -2.27 0.43
CA SER C 28 -41.50 -1.69 1.71
C SER C 28 -40.38 -2.50 2.33
N HIS C 29 -39.37 -2.84 1.54
CA HIS C 29 -38.27 -3.66 2.02
C HIS C 29 -37.48 -2.91 3.09
N ASN C 30 -36.95 -3.66 4.06
CA ASN C 30 -36.16 -3.09 5.13
C ASN C 30 -35.11 -4.09 5.56
N LEU C 31 -34.06 -3.58 6.23
CA LEU C 31 -32.91 -4.38 6.58
C LEU C 31 -32.43 -4.04 7.98
N PHE C 32 -32.38 -5.06 8.83
CA PHE C 32 -31.80 -4.97 10.17
C PHE C 32 -30.33 -5.38 10.09
N PHE C 33 -29.49 -4.71 10.88
CA PHE C 33 -28.07 -5.06 10.90
C PHE C 33 -27.67 -5.44 12.32
N ILE C 34 -27.34 -6.71 12.54
CA ILE C 34 -26.88 -7.20 13.83
C ILE C 34 -25.39 -7.49 13.73
N THR C 35 -24.62 -6.88 14.63
CA THR C 35 -23.17 -7.06 14.67
C THR C 35 -22.79 -7.67 16.00
N HIS C 36 -21.96 -8.71 15.96
CA HIS C 36 -21.48 -9.38 17.15
C HIS C 36 -20.00 -9.67 17.03
N GLN C 37 -19.35 -9.85 18.17
CA GLN C 37 -17.96 -10.29 18.18
C GLN C 37 -17.91 -11.81 18.31
N SER C 38 -16.70 -12.37 18.23
CA SER C 38 -16.55 -13.80 18.46
C SER C 38 -16.80 -14.17 19.92
N CYS C 39 -16.78 -13.19 20.82
CA CYS C 39 -17.01 -13.49 22.24
C CYS C 39 -18.49 -13.73 22.52
N THR C 40 -19.38 -13.04 21.79
CA THR C 40 -20.80 -13.02 22.11
C THR C 40 -21.61 -13.39 20.87
N GLN C 41 -21.98 -14.66 20.76
CA GLN C 41 -22.84 -15.08 19.66
C GLN C 41 -24.27 -14.61 19.91
N PRO C 42 -24.98 -14.15 18.88
CA PRO C 42 -26.35 -13.64 19.04
C PRO C 42 -27.44 -14.70 18.84
N LEU C 43 -27.30 -15.84 19.51
CA LEU C 43 -28.31 -16.88 19.38
C LEU C 43 -29.65 -16.43 19.92
N TRP C 44 -29.66 -15.85 21.12
CA TRP C 44 -30.92 -15.44 21.72
C TRP C 44 -31.59 -14.35 20.91
N MET C 45 -30.82 -13.49 20.26
CA MET C 45 -31.42 -12.49 19.36
C MET C 45 -32.21 -13.16 18.26
N ILE C 46 -31.61 -14.15 17.59
CA ILE C 46 -32.31 -14.84 16.50
C ILE C 46 -33.54 -15.56 17.02
N ASN C 47 -33.41 -16.24 18.16
CA ASN C 47 -34.55 -16.97 18.69
C ASN C 47 -35.68 -16.03 19.07
N ALA C 48 -35.36 -14.91 19.71
CA ALA C 48 -36.39 -13.95 20.10
C ALA C 48 -37.08 -13.36 18.87
N LEU C 49 -36.31 -13.03 17.84
CA LEU C 49 -36.93 -12.48 16.63
C LEU C 49 -37.84 -13.49 15.96
N VAL C 50 -37.41 -14.75 15.89
CA VAL C 50 -38.23 -15.77 15.23
C VAL C 50 -39.51 -16.00 16.03
N GLU C 51 -39.39 -16.11 17.36
CA GLU C 51 -40.60 -16.34 18.17
C GLU C 51 -41.51 -15.12 18.15
N THR C 52 -40.96 -13.92 18.04
CA THR C 52 -41.79 -12.73 17.94
C THR C 52 -42.57 -12.71 16.63
N HIS C 53 -41.91 -13.07 15.53
CA HIS C 53 -42.60 -13.06 14.25
C HIS C 53 -43.62 -14.18 14.16
N VAL C 54 -43.34 -15.33 14.76
CA VAL C 54 -44.22 -16.49 14.61
C VAL C 54 -45.23 -16.56 15.74
N LEU C 55 -44.75 -16.72 16.97
CA LEU C 55 -45.66 -16.87 18.10
C LEU C 55 -46.51 -15.62 18.29
N GLY C 56 -45.88 -14.45 18.19
CA GLY C 56 -46.62 -13.21 18.27
C GLY C 56 -45.99 -12.16 19.16
N SER C 57 -45.13 -12.58 20.08
CA SER C 57 -44.54 -11.67 21.05
C SER C 57 -43.30 -12.33 21.63
N PRO C 58 -42.28 -11.54 21.99
CA PRO C 58 -41.13 -12.11 22.70
C PRO C 58 -41.53 -12.60 24.08
N SER C 59 -40.92 -13.71 24.48
CA SER C 59 -41.19 -14.30 25.79
C SER C 59 -39.95 -14.62 26.58
N SER C 60 -38.83 -14.92 25.92
CA SER C 60 -37.63 -15.32 26.64
C SER C 60 -37.07 -14.20 27.50
N LEU C 61 -37.28 -12.95 27.08
CA LEU C 61 -36.69 -11.81 27.76
C LEU C 61 -37.71 -10.83 28.31
N ASN C 62 -38.92 -10.80 27.76
CA ASN C 62 -39.92 -9.83 28.17
C ASN C 62 -40.77 -10.37 29.32
N GLU C 63 -41.64 -9.50 29.82
CA GLU C 63 -42.60 -9.82 30.87
C GLU C 63 -43.61 -10.88 30.43
N SER C 64 -43.72 -11.13 29.13
CA SER C 64 -44.72 -12.03 28.55
C SER C 64 -46.14 -11.53 28.83
N SER C 65 -46.45 -10.37 28.26
CA SER C 65 -47.81 -9.82 28.32
C SER C 65 -48.81 -10.69 27.59
N SER C 66 -48.33 -11.64 26.76
CA SER C 66 -49.18 -12.63 26.10
C SER C 66 -50.15 -11.99 25.11
N SER C 67 -49.62 -11.21 24.18
CA SER C 67 -50.43 -10.68 23.09
C SER C 67 -50.68 -11.76 22.04
N MET C 68 -51.57 -11.45 21.11
CA MET C 68 -51.92 -12.39 20.06
C MET C 68 -50.97 -12.24 18.88
N LEU C 69 -51.17 -13.04 17.84
CA LEU C 69 -50.34 -13.01 16.63
C LEU C 69 -50.48 -11.67 15.93
N PRO C 70 -49.44 -11.21 15.23
CA PRO C 70 -49.59 -9.99 14.42
C PRO C 70 -50.22 -10.27 13.07
N SER C 71 -50.22 -11.54 12.68
CA SER C 71 -50.74 -11.95 11.38
C SER C 71 -51.33 -13.34 11.51
N SER C 72 -51.55 -13.99 10.37
CA SER C 72 -52.10 -15.33 10.36
C SER C 72 -51.13 -16.33 10.98
N THR C 73 -51.64 -17.52 11.29
CA THR C 73 -50.82 -18.58 11.84
C THR C 73 -49.79 -19.05 10.83
N ARG C 74 -50.01 -18.72 9.55
CA ARG C 74 -49.11 -19.05 8.47
C ARG C 74 -47.75 -18.39 8.61
N SER C 75 -47.64 -17.32 9.41
CA SER C 75 -46.43 -16.50 9.50
C SER C 75 -45.18 -17.36 9.53
N HIS C 76 -44.30 -17.12 8.57
CA HIS C 76 -43.20 -18.03 8.27
C HIS C 76 -41.86 -17.32 8.42
N ALA C 77 -40.82 -18.12 8.66
CA ALA C 77 -39.45 -17.63 8.73
C ALA C 77 -38.55 -18.55 7.92
N VAL C 78 -37.49 -17.98 7.38
CA VAL C 78 -36.50 -18.73 6.60
C VAL C 78 -35.13 -18.40 7.16
N LEU C 79 -34.37 -19.43 7.53
CA LEU C 79 -33.06 -19.26 8.13
C LEU C 79 -32.01 -20.00 7.32
N ALA C 80 -30.94 -19.31 6.97
CA ALA C 80 -29.81 -19.91 6.29
C ALA C 80 -28.53 -19.30 6.83
N SER C 81 -27.45 -20.08 6.80
CA SER C 81 -26.18 -19.60 7.32
C SER C 81 -25.03 -20.34 6.66
N PHE C 82 -23.91 -19.63 6.49
CA PHE C 82 -22.71 -20.19 5.90
C PHE C 82 -21.75 -20.73 6.95
N ILE C 83 -22.11 -20.65 8.23
CA ILE C 83 -21.22 -21.09 9.29
C ILE C 83 -21.79 -22.24 10.10
N HIS C 84 -23.10 -22.43 10.13
CA HIS C 84 -23.72 -23.46 10.95
C HIS C 84 -24.43 -24.48 10.08
N GLU C 85 -25.11 -25.42 10.74
CA GLU C 85 -25.74 -26.54 10.08
C GLU C 85 -27.22 -26.59 10.39
N GLN C 86 -27.92 -27.59 9.86
CA GLN C 86 -29.34 -27.72 10.05
C GLN C 86 -29.70 -28.07 11.50
N ASN C 87 -28.99 -29.06 12.06
CA ASN C 87 -29.33 -29.54 13.39
C ASN C 87 -29.19 -28.46 14.44
N TYR C 88 -28.24 -27.54 14.24
CA TYR C 88 -28.04 -26.45 15.17
C TYR C 88 -29.32 -25.63 15.32
N PHE C 89 -29.86 -25.18 14.19
CA PHE C 89 -31.09 -24.39 14.22
C PHE C 89 -32.27 -25.23 14.70
N THR C 90 -32.34 -26.49 14.27
CA THR C 90 -33.46 -27.34 14.67
C THR C 90 -33.51 -27.51 16.18
N ASN C 91 -32.36 -27.81 16.80
CA ASN C 91 -32.34 -28.01 18.24
C ASN C 91 -32.56 -26.70 18.98
N SER C 92 -32.04 -25.59 18.46
CA SER C 92 -32.28 -24.32 19.13
C SER C 92 -33.77 -23.95 19.11
N LEU C 93 -34.44 -24.18 17.99
CA LEU C 93 -35.85 -23.80 17.87
C LEU C 93 -36.76 -24.75 18.65
N ASN C 94 -36.44 -26.04 18.64
CA ASN C 94 -37.29 -27.01 19.33
C ASN C 94 -37.27 -26.83 20.84
N LYS C 95 -36.34 -26.03 21.37
CA LYS C 95 -36.35 -25.73 22.79
C LYS C 95 -37.46 -24.77 23.18
N LEU C 96 -38.06 -24.08 22.20
CA LEU C 96 -39.12 -23.11 22.47
C LEU C 96 -40.47 -23.57 21.95
N LYS C 97 -40.62 -24.84 21.59
CA LYS C 97 -41.87 -25.40 21.11
C LYS C 97 -42.36 -24.68 19.85
N ILE C 98 -41.43 -24.29 18.99
CA ILE C 98 -41.77 -23.64 17.73
C ILE C 98 -42.27 -24.69 16.75
N PRO C 99 -43.44 -24.48 16.13
CA PRO C 99 -43.96 -25.48 15.20
C PRO C 99 -43.01 -25.71 14.03
N SER C 100 -42.93 -26.97 13.60
CA SER C 100 -42.01 -27.34 12.53
C SER C 100 -42.46 -26.81 11.18
N ASN C 101 -43.73 -26.47 11.02
CA ASN C 101 -44.24 -25.97 9.76
C ASN C 101 -44.20 -24.44 9.66
N ASN C 102 -43.74 -23.75 10.70
CA ASN C 102 -43.69 -22.31 10.70
C ASN C 102 -42.32 -21.76 10.35
N TYR C 103 -41.37 -22.61 10.00
CA TYR C 103 -40.05 -22.14 9.61
C TYR C 103 -39.41 -23.13 8.65
N ASN C 104 -38.46 -22.61 7.87
CA ASN C 104 -37.69 -23.42 6.93
C ASN C 104 -36.23 -23.05 7.06
N VAL C 105 -35.36 -24.03 6.80
CA VAL C 105 -33.93 -23.85 6.97
C VAL C 105 -33.20 -24.28 5.69
N LEU C 106 -32.30 -23.43 5.22
CA LEU C 106 -31.45 -23.72 4.08
C LEU C 106 -30.03 -23.95 4.59
N ASP C 107 -29.43 -25.06 4.17
CA ASP C 107 -28.11 -25.46 4.66
C ASP C 107 -27.05 -24.99 3.67
N PHE C 108 -26.22 -24.04 4.10
CA PHE C 108 -25.12 -23.52 3.30
C PHE C 108 -23.77 -23.96 3.84
N LEU C 109 -23.70 -25.14 4.43
CA LEU C 109 -22.46 -25.67 4.96
C LEU C 109 -22.17 -27.09 4.50
N SER C 110 -23.19 -27.92 4.34
CA SER C 110 -23.01 -29.33 4.01
C SER C 110 -22.66 -29.48 2.53
N ASP C 111 -21.48 -30.03 2.27
CA ASP C 111 -21.01 -30.35 0.91
C ASP C 111 -21.04 -29.15 -0.01
N PHE C 112 -20.84 -27.95 0.54
CA PHE C 112 -20.92 -26.72 -0.25
C PHE C 112 -19.80 -26.64 -1.27
N ILE C 113 -18.55 -26.85 -0.84
CA ILE C 113 -17.41 -26.69 -1.74
C ILE C 113 -17.37 -27.82 -2.76
N VAL C 114 -17.57 -29.06 -2.30
CA VAL C 114 -17.39 -30.21 -3.17
C VAL C 114 -18.48 -30.30 -4.24
N ASN C 115 -19.59 -29.59 -4.07
CA ASN C 115 -20.69 -29.66 -5.01
C ASN C 115 -21.10 -28.32 -5.58
N ASN C 116 -20.47 -27.23 -5.16
CA ASN C 116 -20.91 -25.91 -5.59
C ASN C 116 -19.75 -25.07 -6.10
N ILE C 117 -18.59 -25.18 -5.47
CA ILE C 117 -17.49 -24.25 -5.74
C ILE C 117 -16.53 -24.84 -6.77
N HIS C 118 -16.23 -26.12 -6.65
CA HIS C 118 -15.24 -26.74 -7.51
C HIS C 118 -15.77 -26.91 -8.92
N ASN C 119 -14.95 -26.54 -9.90
CA ASN C 119 -15.26 -26.65 -11.32
C ASN C 119 -16.48 -25.82 -11.73
N LYS C 120 -16.69 -24.68 -11.09
CA LYS C 120 -17.79 -23.79 -11.43
C LYS C 120 -17.32 -22.34 -11.40
N PRO C 121 -17.87 -21.48 -12.28
CA PRO C 121 -17.45 -20.07 -12.29
C PRO C 121 -18.20 -19.25 -11.24
N ARG C 122 -17.88 -17.96 -11.16
CA ARG C 122 -18.47 -17.10 -10.12
C ARG C 122 -19.94 -16.79 -10.40
N ASP C 123 -20.24 -16.46 -11.66
CA ASP C 123 -21.63 -16.13 -12.00
C ASP C 123 -22.54 -17.32 -11.79
N LYS C 124 -22.09 -18.51 -12.16
CA LYS C 124 -22.92 -19.70 -11.99
C LYS C 124 -23.24 -19.95 -10.53
N ILE C 125 -22.23 -19.85 -9.66
CA ILE C 125 -22.47 -20.17 -8.25
C ILE C 125 -23.34 -19.10 -7.60
N LEU C 126 -23.10 -17.83 -7.93
CA LEU C 126 -23.95 -16.78 -7.38
C LEU C 126 -25.39 -16.94 -7.86
N SER C 127 -25.59 -17.29 -9.13
CA SER C 127 -26.93 -17.50 -9.65
C SER C 127 -27.60 -18.67 -8.96
N ASP C 128 -26.86 -19.76 -8.73
CA ASP C 128 -27.45 -20.91 -8.06
C ASP C 128 -27.86 -20.58 -6.63
N VAL C 129 -27.02 -19.82 -5.92
CA VAL C 129 -27.36 -19.43 -4.55
C VAL C 129 -28.61 -18.55 -4.56
N LEU C 130 -28.67 -17.59 -5.49
CA LEU C 130 -29.83 -16.71 -5.56
C LEU C 130 -31.09 -17.50 -5.89
N ALA C 131 -31.00 -18.48 -6.80
CA ALA C 131 -32.15 -19.29 -7.15
C ALA C 131 -32.62 -20.12 -5.96
N LYS C 132 -31.68 -20.71 -5.22
CA LYS C 132 -32.04 -21.49 -4.04
C LYS C 132 -32.75 -20.63 -3.02
N PHE C 133 -32.26 -19.40 -2.82
CA PHE C 133 -32.97 -18.49 -1.91
C PHE C 133 -34.36 -18.15 -2.43
N SER C 134 -34.45 -17.82 -3.73
CA SER C 134 -35.72 -17.34 -4.27
C SER C 134 -36.79 -18.42 -4.26
N ALA C 135 -36.37 -19.68 -4.30
CA ALA C 135 -37.34 -20.77 -4.25
C ALA C 135 -38.14 -20.72 -2.95
N ALA C 136 -37.48 -20.46 -1.83
CA ALA C 136 -38.17 -20.40 -0.55
C ALA C 136 -39.19 -19.28 -0.51
N ILE C 137 -38.83 -18.10 -1.04
CA ILE C 137 -39.77 -16.99 -1.05
C ILE C 137 -40.94 -17.28 -1.99
N GLN C 138 -40.67 -17.92 -3.13
CA GLN C 138 -41.74 -18.22 -4.07
C GLN C 138 -42.61 -19.36 -3.56
N ASN C 139 -42.14 -20.11 -2.57
CA ASN C 139 -42.94 -21.19 -1.99
C ASN C 139 -44.19 -20.66 -1.33
N ASN C 140 -44.06 -19.59 -0.54
CA ASN C 140 -45.19 -19.07 0.22
C ASN C 140 -45.29 -17.57 0.05
N PRO C 141 -46.48 -17.01 0.19
CA PRO C 141 -46.65 -15.56 0.04
C PRO C 141 -46.06 -14.78 1.21
N THR C 142 -46.37 -13.48 1.25
CA THR C 142 -45.79 -12.52 2.19
C THR C 142 -45.99 -12.91 3.65
N ASP C 143 -45.36 -12.15 4.55
CA ASP C 143 -45.21 -12.50 5.97
C ASP C 143 -44.23 -13.67 6.12
N THR C 144 -43.10 -13.57 5.42
CA THR C 144 -42.07 -14.60 5.43
C THR C 144 -40.73 -13.89 5.54
N ILE C 145 -40.24 -13.73 6.76
CA ILE C 145 -38.97 -13.04 6.99
C ILE C 145 -37.83 -13.98 6.62
N VAL C 146 -36.73 -13.39 6.17
CA VAL C 146 -35.55 -14.14 5.74
C VAL C 146 -34.39 -13.69 6.61
N ILE C 147 -33.70 -14.64 7.23
CA ILE C 147 -32.54 -14.36 8.05
C ILE C 147 -31.35 -15.10 7.46
N ILE C 148 -30.26 -14.38 7.21
CA ILE C 148 -29.02 -14.95 6.72
C ILE C 148 -27.90 -14.48 7.64
N GLU C 149 -27.08 -15.43 8.09
CA GLU C 149 -26.02 -15.14 9.06
C GLU C 149 -24.67 -15.39 8.41
N GLN C 150 -23.76 -14.44 8.58
CA GLN C 150 -22.40 -14.49 8.06
C GLN C 150 -22.38 -14.78 6.56
N PRO C 151 -22.78 -13.82 5.73
CA PRO C 151 -22.70 -14.05 4.28
C PRO C 151 -21.36 -13.62 3.69
N GLU C 152 -20.60 -12.83 4.45
CA GLU C 152 -19.36 -12.27 3.93
C GLU C 152 -18.29 -13.33 3.71
N LEU C 153 -18.46 -14.55 4.26
CA LEU C 153 -17.45 -15.58 4.08
C LEU C 153 -17.25 -15.94 2.62
N LEU C 154 -18.24 -15.67 1.76
CA LEU C 154 -18.05 -15.90 0.33
C LEU C 154 -16.85 -15.14 -0.19
N LEU C 155 -16.58 -13.96 0.37
CA LEU C 155 -15.40 -13.19 -0.03
C LEU C 155 -14.12 -13.99 0.16
N SER C 156 -14.06 -14.79 1.21
CA SER C 156 -12.89 -15.63 1.44
C SER C 156 -13.01 -17.00 0.78
N LEU C 157 -14.17 -17.31 0.20
CA LEU C 157 -14.35 -18.61 -0.46
C LEU C 157 -14.06 -18.50 -1.95
N VAL C 158 -14.82 -17.66 -2.65
CA VAL C 158 -14.61 -17.50 -4.08
C VAL C 158 -13.37 -16.65 -4.33
N SER C 159 -12.50 -17.12 -5.21
CA SER C 159 -11.26 -16.44 -5.51
C SER C 159 -11.54 -15.15 -6.29
N GLY C 160 -10.91 -14.07 -5.89
CA GLY C 160 -11.06 -12.80 -6.59
C GLY C 160 -12.45 -12.20 -6.54
N LEU C 161 -13.12 -12.29 -5.40
CA LEU C 161 -14.45 -11.71 -5.22
C LEU C 161 -14.32 -10.32 -4.59
N THR C 162 -15.25 -9.45 -4.97
CA THR C 162 -15.25 -8.07 -4.52
C THR C 162 -16.58 -7.74 -3.86
N CYS C 163 -16.54 -6.74 -2.97
CA CYS C 163 -17.75 -6.31 -2.30
C CYS C 163 -18.78 -5.77 -3.28
N SER C 164 -18.32 -5.00 -4.28
CA SER C 164 -19.23 -4.44 -5.26
C SER C 164 -19.92 -5.54 -6.05
N GLU C 165 -19.16 -6.56 -6.45
CA GLU C 165 -19.76 -7.70 -7.13
C GLU C 165 -20.77 -8.43 -6.26
N LEU C 166 -20.44 -8.67 -4.99
CA LEU C 166 -21.34 -9.38 -4.09
C LEU C 166 -22.65 -8.62 -3.87
N ASN C 167 -22.56 -7.31 -3.65
CA ASN C 167 -23.78 -6.53 -3.40
C ASN C 167 -24.63 -6.44 -4.66
N ASN C 168 -23.99 -6.35 -5.82
CA ASN C 168 -24.71 -6.13 -7.07
C ASN C 168 -25.30 -7.40 -7.66
N LYS C 169 -25.02 -8.57 -7.09
CA LYS C 169 -25.57 -9.80 -7.62
C LYS C 169 -26.14 -10.75 -6.59
N PHE C 170 -25.89 -10.55 -5.29
CA PHE C 170 -26.44 -11.43 -4.27
C PHE C 170 -27.31 -10.69 -3.27
N ILE C 171 -26.80 -9.63 -2.64
CA ILE C 171 -27.53 -9.01 -1.54
C ILE C 171 -28.71 -8.22 -2.07
N THR C 172 -28.45 -7.26 -2.94
CA THR C 172 -29.53 -6.41 -3.45
C THR C 172 -30.59 -7.18 -4.22
N PRO C 173 -30.26 -8.08 -5.15
CA PRO C 173 -31.32 -8.84 -5.84
C PRO C 173 -32.18 -9.65 -4.89
N LEU C 174 -31.61 -10.17 -3.80
CA LEU C 174 -32.40 -10.93 -2.85
C LEU C 174 -33.25 -10.00 -1.99
N LEU C 175 -32.72 -8.84 -1.65
CA LEU C 175 -33.51 -7.86 -0.91
C LEU C 175 -34.69 -7.34 -1.72
N ARG C 176 -34.54 -7.24 -3.03
CA ARG C 176 -35.64 -6.77 -3.86
C ARG C 176 -36.83 -7.71 -3.80
N GLN C 177 -36.61 -9.00 -3.55
CA GLN C 177 -37.68 -9.99 -3.48
C GLN C 177 -38.00 -10.40 -2.05
N CYS C 178 -37.83 -9.50 -1.09
CA CYS C 178 -38.10 -9.80 0.30
C CYS C 178 -38.74 -8.60 0.98
N LYS C 179 -39.41 -8.86 2.10
CA LYS C 179 -40.06 -7.81 2.87
C LYS C 179 -39.16 -7.27 3.97
N VAL C 180 -38.69 -8.12 4.87
CA VAL C 180 -37.78 -7.74 5.94
C VAL C 180 -36.60 -8.69 5.92
N LEU C 181 -35.39 -8.15 5.86
CA LEU C 181 -34.17 -8.92 5.86
C LEU C 181 -33.33 -8.57 7.07
N ILE C 182 -32.57 -9.54 7.57
CA ILE C 182 -31.71 -9.34 8.73
C ILE C 182 -30.32 -9.85 8.36
N ILE C 183 -29.30 -9.02 8.57
CA ILE C 183 -27.93 -9.39 8.30
C ILE C 183 -27.20 -9.51 9.62
N VAL C 184 -26.80 -10.73 9.96
CA VAL C 184 -26.07 -11.02 11.19
C VAL C 184 -24.62 -11.24 10.82
N SER C 185 -23.70 -10.46 11.38
CA SER C 185 -22.31 -10.55 10.99
C SER C 185 -21.39 -10.38 12.18
N ASN C 186 -20.18 -10.92 12.03
CA ASN C 186 -19.13 -10.84 13.03
C ASN C 186 -18.20 -9.69 12.68
N SER C 187 -17.93 -8.83 13.67
CA SER C 187 -17.14 -7.62 13.46
C SER C 187 -15.83 -7.70 14.24
N ASP C 188 -15.21 -8.88 14.28
CA ASP C 188 -13.92 -9.00 14.93
C ASP C 188 -12.79 -8.38 14.11
N ILE C 189 -13.01 -8.22 12.80
CA ILE C 189 -11.96 -7.70 11.92
C ILE C 189 -11.56 -6.29 12.32
N PHE C 190 -12.48 -5.56 12.96
CA PHE C 190 -12.21 -4.20 13.42
C PHE C 190 -11.55 -4.14 14.77
N ASN C 191 -11.45 -5.28 15.47
CA ASN C 191 -10.92 -5.29 16.84
C ASN C 191 -9.59 -6.00 16.96
N ILE C 192 -8.86 -6.19 15.87
CA ILE C 192 -7.50 -6.70 15.96
C ILE C 192 -6.64 -5.67 16.65
N ASP C 193 -5.90 -6.10 17.66
CA ASP C 193 -5.19 -5.17 18.52
C ASP C 193 -4.00 -4.55 17.79
N GLU C 194 -3.94 -3.23 17.78
CA GLU C 194 -2.79 -2.48 17.26
C GLU C 194 -2.47 -2.86 15.82
N TYR C 195 -3.51 -2.90 14.98
CA TYR C 195 -3.32 -3.20 13.57
C TYR C 195 -4.49 -2.64 12.77
N ASP C 196 -4.25 -1.56 12.03
CA ASP C 196 -5.29 -0.87 11.25
C ASP C 196 -5.51 -1.66 9.97
N ALA C 197 -6.41 -2.66 10.05
CA ALA C 197 -6.71 -3.48 8.89
C ALA C 197 -7.44 -2.71 7.79
N SER C 198 -7.91 -1.50 8.09
CA SER C 198 -8.67 -0.73 7.10
C SER C 198 -7.82 -0.40 5.88
N VAL C 199 -6.50 -0.32 6.03
CA VAL C 199 -5.66 0.01 4.89
C VAL C 199 -5.20 -1.25 4.17
N HIS C 200 -5.20 -2.39 4.86
CA HIS C 200 -4.79 -3.64 4.23
C HIS C 200 -5.98 -4.45 3.73
N SER C 201 -6.83 -4.88 4.65
CA SER C 201 -8.02 -5.68 4.29
C SER C 201 -9.22 -4.75 4.22
N SER C 202 -9.13 -3.79 3.29
CA SER C 202 -10.22 -2.84 3.07
C SER C 202 -11.41 -3.48 2.38
N ASN C 203 -11.19 -4.53 1.60
CA ASN C 203 -12.30 -5.18 0.89
C ASN C 203 -13.32 -5.74 1.87
N LEU C 204 -12.86 -6.35 2.96
CA LEU C 204 -13.78 -6.90 3.95
C LEU C 204 -14.58 -5.80 4.64
N GLN C 205 -13.91 -4.75 5.10
CA GLN C 205 -14.62 -3.69 5.81
C GLN C 205 -15.54 -2.90 4.90
N ASN C 206 -15.29 -2.90 3.59
CA ASN C 206 -16.20 -2.23 2.68
C ASN C 206 -17.59 -2.85 2.74
N PHE C 207 -17.66 -4.18 2.86
CA PHE C 207 -18.95 -4.83 2.95
C PHE C 207 -19.72 -4.38 4.18
N TYR C 208 -19.04 -4.31 5.32
CA TYR C 208 -19.71 -3.90 6.55
C TYR C 208 -20.18 -2.45 6.45
N LYS C 209 -19.33 -1.57 5.90
CA LYS C 209 -19.73 -0.18 5.76
C LYS C 209 -20.96 -0.06 4.86
N SER C 210 -20.93 -0.73 3.70
CA SER C 210 -22.04 -0.62 2.76
C SER C 210 -23.32 -1.17 3.36
N SER C 211 -23.23 -2.31 4.06
CA SER C 211 -24.43 -2.89 4.65
C SER C 211 -24.99 -1.98 5.74
N PHE C 212 -24.13 -1.37 6.55
CA PHE C 212 -24.64 -0.43 7.55
C PHE C 212 -25.30 0.76 6.90
N ILE C 213 -24.76 1.24 5.79
CA ILE C 213 -25.33 2.41 5.12
C ILE C 213 -26.73 2.11 4.64
N LYS C 214 -26.94 0.95 4.04
CA LYS C 214 -28.26 0.55 3.55
C LYS C 214 -29.21 0.16 4.67
N SER C 215 -28.73 0.03 5.90
CA SER C 215 -29.54 -0.42 7.01
C SER C 215 -30.46 0.69 7.51
N MET C 216 -31.52 0.28 8.19
CA MET C 216 -32.40 1.20 8.89
C MET C 216 -32.32 1.09 10.40
N ILE C 217 -31.70 0.04 10.93
CA ILE C 217 -31.50 -0.10 12.38
C ILE C 217 -30.33 -1.03 12.61
N ASN C 218 -29.56 -0.75 13.67
CA ASN C 218 -28.35 -1.49 14.00
C ASN C 218 -28.43 -1.94 15.45
N LEU C 219 -28.13 -3.21 15.67
CA LEU C 219 -28.07 -3.79 17.01
C LEU C 219 -26.68 -4.40 17.18
N ASN C 220 -25.90 -3.88 18.13
CA ASN C 220 -24.54 -4.34 18.30
C ASN C 220 -24.35 -4.92 19.69
N LEU C 221 -23.72 -6.09 19.76
CA LEU C 221 -23.43 -6.77 21.02
C LEU C 221 -21.93 -6.76 21.25
N ASN C 222 -21.50 -6.23 22.41
CA ASN C 222 -20.09 -6.10 22.68
C ASN C 222 -19.75 -6.44 24.13
N PRO C 223 -18.60 -7.05 24.37
CA PRO C 223 -18.12 -7.19 25.74
C PRO C 223 -17.74 -5.84 26.32
N LEU C 224 -17.79 -5.75 27.65
CA LEU C 224 -17.50 -4.50 28.34
C LEU C 224 -16.07 -4.05 28.05
N LYS C 225 -15.93 -2.81 27.58
CA LYS C 225 -14.59 -2.30 27.30
C LYS C 225 -13.76 -2.20 28.57
N THR C 226 -14.37 -1.77 29.67
CA THR C 226 -13.72 -1.76 30.98
C THR C 226 -14.15 -3.02 31.73
N GLY C 227 -13.17 -3.82 32.13
CA GLY C 227 -13.45 -5.09 32.77
C GLY C 227 -14.19 -4.98 34.08
N PHE C 228 -15.26 -5.75 34.24
CA PHE C 228 -15.99 -5.84 35.50
C PHE C 228 -16.14 -7.30 35.92
N ALA C 229 -16.93 -7.50 36.97
CA ALA C 229 -17.09 -8.83 37.55
C ALA C 229 -18.02 -9.68 36.68
N LYS C 230 -18.34 -10.87 37.19
CA LYS C 230 -19.20 -11.81 36.49
C LYS C 230 -20.68 -11.52 36.66
N ASP C 231 -21.03 -10.29 37.05
CA ASP C 231 -22.43 -9.90 37.22
C ASP C 231 -23.08 -9.42 35.93
N VAL C 232 -22.34 -9.44 34.82
CA VAL C 232 -22.90 -9.06 33.53
C VAL C 232 -22.09 -9.75 32.44
N THR C 233 -22.76 -10.11 31.35
CA THR C 233 -22.10 -10.75 30.21
C THR C 233 -21.62 -9.73 29.18
N GLY C 234 -22.50 -8.83 28.75
CA GLY C 234 -22.11 -7.86 27.75
C GLY C 234 -23.13 -6.74 27.64
N SER C 235 -22.92 -5.88 26.66
CA SER C 235 -23.76 -4.70 26.45
C SER C 235 -24.34 -4.75 25.04
N LEU C 236 -25.62 -4.43 24.93
CA LEU C 236 -26.31 -4.34 23.65
C LEU C 236 -26.69 -2.89 23.40
N HIS C 237 -26.31 -2.37 22.24
CA HIS C 237 -26.63 -1.02 21.84
C HIS C 237 -27.57 -1.03 20.65
N VAL C 238 -28.60 -0.19 20.70
CA VAL C 238 -29.56 -0.02 19.63
C VAL C 238 -29.33 1.35 19.02
N CYS C 239 -29.10 1.41 17.72
CA CYS C 239 -28.82 2.66 17.03
C CYS C 239 -29.61 2.74 15.74
N ARG C 240 -29.90 3.96 15.31
CA ARG C 240 -30.60 4.16 14.06
C ARG C 240 -29.68 3.88 12.87
N GLY C 241 -30.27 3.37 11.80
CA GLY C 241 -29.50 2.99 10.64
C GLY C 241 -29.12 4.16 9.75
N GLY C 242 -28.66 3.87 8.55
CA GLY C 242 -28.26 4.91 7.62
C GLY C 242 -29.28 5.16 6.54
N ALA C 243 -30.47 4.59 6.67
CA ALA C 243 -31.52 4.75 5.68
C ALA C 243 -32.84 5.02 6.39
N PRO C 244 -33.74 5.77 5.76
CA PRO C 244 -35.05 6.01 6.37
C PRO C 244 -35.88 4.74 6.39
N ILE C 245 -36.79 4.67 7.37
CA ILE C 245 -37.68 3.53 7.48
C ILE C 245 -38.71 3.56 6.36
N ALA C 246 -38.87 2.44 5.68
CA ALA C 246 -39.87 2.31 4.63
C ALA C 246 -41.23 2.09 5.29
N THR C 247 -41.90 3.18 5.63
CA THR C 247 -43.20 3.09 6.31
C THR C 247 -44.04 4.28 5.92
N SER C 248 -45.35 4.14 6.13
CA SER C 248 -46.29 5.23 5.87
C SER C 248 -46.51 6.11 7.09
N ASN C 249 -46.40 5.55 8.28
CA ASN C 249 -46.58 6.32 9.50
C ASN C 249 -45.41 7.27 9.70
N THR C 250 -45.62 8.55 9.39
CA THR C 250 -44.57 9.54 9.52
C THR C 250 -44.18 9.83 10.97
N SER C 251 -45.00 9.42 11.94
CA SER C 251 -44.68 9.65 13.34
C SER C 251 -43.76 8.58 13.91
N LEU C 252 -43.57 7.48 13.18
CA LEU C 252 -42.76 6.38 13.70
C LEU C 252 -41.28 6.78 13.74
N HIS C 253 -40.57 6.23 14.72
CA HIS C 253 -39.14 6.45 14.83
C HIS C 253 -38.54 5.32 15.65
N VAL C 254 -37.22 5.21 15.61
CA VAL C 254 -36.48 4.17 16.30
C VAL C 254 -35.89 4.75 17.57
N VAL C 255 -36.09 4.04 18.68
CA VAL C 255 -35.61 4.47 19.99
C VAL C 255 -34.16 4.01 20.15
N GLU C 256 -33.29 4.93 20.54
CA GLU C 256 -31.88 4.63 20.77
C GLU C 256 -31.65 4.42 22.26
N ASN C 257 -31.01 3.31 22.61
CA ASN C 257 -30.84 2.94 24.00
C ASN C 257 -29.71 1.93 24.12
N GLU C 258 -29.32 1.65 25.35
CA GLU C 258 -28.31 0.64 25.66
C GLU C 258 -28.82 -0.20 26.83
N TYR C 259 -28.55 -1.50 26.76
CA TYR C 259 -28.89 -2.44 27.82
C TYR C 259 -27.67 -3.29 28.17
N LEU C 260 -27.72 -3.91 29.33
CA LEU C 260 -26.67 -4.85 29.75
C LEU C 260 -27.34 -6.19 29.97
N TYR C 261 -26.77 -7.24 29.41
CA TYR C 261 -27.34 -8.57 29.59
C TYR C 261 -26.32 -9.51 30.22
N LEU C 262 -26.84 -10.40 31.07
CA LEU C 262 -26.06 -11.47 31.69
C LEU C 262 -26.70 -12.79 31.27
N ASN C 263 -25.87 -13.73 30.83
CA ASN C 263 -26.36 -14.99 30.30
C ASN C 263 -25.88 -16.15 31.15
N GLU C 264 -26.83 -16.95 31.63
CA GLU C 264 -26.56 -18.19 32.35
C GLU C 264 -27.14 -19.35 31.56
N LYS C 265 -27.16 -20.54 32.17
CA LYS C 265 -27.43 -21.76 31.44
C LYS C 265 -28.74 -21.70 30.67
N GLU C 266 -28.62 -21.61 29.34
CA GLU C 266 -29.75 -21.57 28.42
C GLU C 266 -30.78 -20.51 28.80
N SER C 267 -30.33 -19.38 29.35
CA SER C 267 -31.26 -18.31 29.71
C SER C 267 -30.48 -17.04 29.95
N THR C 268 -30.88 -15.96 29.28
CA THR C 268 -30.21 -14.68 29.45
C THR C 268 -31.23 -13.64 29.92
N LYS C 269 -30.75 -12.69 30.71
CA LYS C 269 -31.57 -11.59 31.19
C LYS C 269 -31.22 -10.31 30.44
N LEU C 270 -31.84 -9.21 30.88
CA LEU C 270 -31.69 -7.93 30.18
C LEU C 270 -32.10 -6.84 31.16
N PHE C 271 -31.17 -5.96 31.50
CA PHE C 271 -31.46 -4.91 32.46
C PHE C 271 -30.79 -3.60 32.10
N TYR C 272 -31.21 -2.54 32.80
CA TYR C 272 -30.69 -1.20 32.59
C TYR C 272 -29.44 -1.02 33.46
N ARG C 273 -28.97 0.22 33.57
CA ARG C 273 -27.84 0.50 34.43
C ARG C 273 -28.25 0.25 35.87
N MET D 66 24.35 27.69 -39.67
CA MET D 66 23.71 28.87 -40.23
C MET D 66 22.63 29.41 -39.28
N GLY D 67 21.72 28.53 -38.85
CA GLY D 67 20.69 28.90 -37.89
C GLY D 67 19.80 30.00 -38.41
N LEU D 68 19.23 30.75 -37.47
CA LEU D 68 18.40 31.90 -37.82
C LEU D 68 19.28 33.02 -38.35
N ASP D 69 18.79 33.72 -39.37
CA ASP D 69 19.52 34.83 -39.95
C ASP D 69 19.62 35.96 -38.93
N SER D 70 20.81 36.55 -38.81
CA SER D 70 21.01 37.64 -37.85
C SER D 70 20.17 38.86 -38.18
N SER D 71 19.64 38.96 -39.41
CA SER D 71 18.75 40.05 -39.77
C SER D 71 17.43 40.00 -39.03
N HIS D 72 17.12 38.88 -38.36
CA HIS D 72 15.86 38.76 -37.63
C HIS D 72 15.77 39.82 -36.53
N VAL D 73 14.56 40.32 -36.33
CA VAL D 73 14.36 41.44 -35.41
C VAL D 73 14.01 40.96 -34.00
N GLY D 74 13.30 39.84 -33.87
CA GLY D 74 12.83 39.41 -32.57
C GLY D 74 13.85 38.71 -31.70
N VAL D 75 15.08 38.54 -32.16
CA VAL D 75 16.11 37.85 -31.41
C VAL D 75 17.24 38.83 -31.11
N ARG D 76 17.61 38.90 -29.84
CA ARG D 76 18.66 39.80 -29.37
C ARG D 76 19.65 39.00 -28.51
N PRO D 77 20.95 39.21 -28.73
CA PRO D 77 21.95 38.54 -27.88
C PRO D 77 21.79 38.94 -26.42
N SER D 78 21.98 37.98 -25.53
CA SER D 78 21.84 38.20 -24.10
C SER D 78 23.00 39.04 -23.59
N PRO D 79 22.84 39.72 -22.45
CA PRO D 79 23.98 40.42 -21.85
C PRO D 79 25.06 39.47 -21.36
N ALA D 80 24.66 38.49 -20.55
CA ALA D 80 25.63 37.61 -19.91
C ALA D 80 26.16 36.55 -20.87
N THR D 81 25.27 35.68 -21.37
CA THR D 81 25.72 34.59 -22.22
C THR D 81 26.10 35.07 -23.61
N SER D 82 25.59 36.24 -24.02
CA SER D 82 25.81 36.77 -25.36
C SER D 82 25.40 35.76 -26.43
N GLN D 83 24.28 35.11 -26.21
CA GLN D 83 23.72 34.12 -27.12
C GLN D 83 22.32 34.53 -27.55
N PRO D 84 21.81 33.98 -28.65
CA PRO D 84 20.50 34.40 -29.13
C PRO D 84 19.42 34.22 -28.07
N THR D 85 18.53 35.21 -27.98
CA THR D 85 17.49 35.23 -26.97
C THR D 85 16.23 35.82 -27.58
N THR D 86 15.07 35.37 -27.13
CA THR D 86 13.80 35.92 -27.56
C THR D 86 12.91 36.20 -26.35
N SER D 87 12.10 37.24 -26.46
CA SER D 87 11.18 37.64 -25.40
C SER D 87 9.92 36.78 -25.42
N THR D 88 9.25 36.74 -24.26
CA THR D 88 8.03 35.95 -24.12
C THR D 88 6.77 36.73 -24.41
N GLY D 89 6.88 38.03 -24.68
CA GLY D 89 5.73 38.90 -24.84
C GLY D 89 5.36 39.67 -23.60
N SER D 90 5.82 39.24 -22.43
CA SER D 90 5.63 39.96 -21.19
C SER D 90 7.01 40.42 -20.71
N ALA D 91 7.18 41.74 -20.58
CA ALA D 91 8.48 42.26 -20.18
C ALA D 91 8.86 41.84 -18.77
N ASP D 92 7.88 41.79 -17.86
CA ASP D 92 8.16 41.39 -16.49
C ASP D 92 8.63 39.94 -16.42
N LEU D 93 8.00 39.06 -17.20
CA LEU D 93 8.40 37.65 -17.20
C LEU D 93 9.84 37.50 -17.69
N ASP D 94 10.20 38.22 -18.75
CA ASP D 94 11.58 38.18 -19.21
C ASP D 94 12.54 38.76 -18.19
N SER D 95 12.15 39.85 -17.51
CA SER D 95 13.00 40.45 -16.50
C SER D 95 13.25 39.48 -15.35
N ILE D 96 12.22 38.74 -14.94
CA ILE D 96 12.38 37.78 -13.86
C ILE D 96 13.35 36.67 -14.25
N LEU D 97 13.31 36.25 -15.51
CA LEU D 97 14.16 35.15 -15.97
C LEU D 97 15.63 35.49 -15.93
N GLY D 98 16.00 36.77 -15.77
CA GLY D 98 17.38 37.17 -15.69
C GLY D 98 18.08 37.38 -17.01
N HIS D 99 17.60 36.75 -18.08
CA HIS D 99 18.13 36.94 -19.41
C HIS D 99 17.35 37.96 -20.21
N MET D 100 16.35 38.61 -19.60
CA MET D 100 15.39 39.45 -20.31
C MET D 100 14.94 38.76 -21.60
N GLY D 101 14.55 37.51 -21.46
CA GLY D 101 14.10 36.71 -22.58
C GLY D 101 14.38 35.24 -22.37
N LEU D 102 13.97 34.40 -23.31
CA LEU D 102 14.25 32.98 -23.26
C LEU D 102 15.30 32.64 -24.31
N PRO D 103 16.54 32.34 -23.91
CA PRO D 103 17.56 32.02 -24.91
C PRO D 103 17.17 30.80 -25.73
N LEU D 104 17.50 30.84 -27.02
CA LEU D 104 17.11 29.77 -27.92
C LEU D 104 17.81 28.47 -27.52
N GLY D 105 17.06 27.38 -27.55
CA GLY D 105 17.56 26.10 -27.11
C GLY D 105 17.20 25.72 -25.69
N ASN D 106 16.29 26.44 -25.05
CA ASN D 106 15.89 26.14 -23.69
C ASN D 106 14.38 25.97 -23.60
N SER D 107 13.85 25.88 -22.38
CA SER D 107 12.42 25.75 -22.16
C SER D 107 12.06 26.48 -20.88
N VAL D 108 10.79 26.37 -20.48
CA VAL D 108 10.32 26.99 -19.25
C VAL D 108 9.01 26.31 -18.86
N LEU D 109 8.78 26.21 -17.55
CA LEU D 109 7.56 25.63 -17.03
C LEU D 109 6.93 26.61 -16.05
N VAL D 110 5.64 26.88 -16.22
CA VAL D 110 4.93 27.72 -15.26
C VAL D 110 3.81 26.90 -14.61
N GLU D 111 4.14 26.26 -13.50
CA GLU D 111 3.16 25.45 -12.79
C GLU D 111 2.24 26.35 -11.98
N GLU D 112 1.08 25.81 -11.63
CA GLU D 112 0.08 26.59 -10.94
C GLU D 112 -0.48 25.80 -9.76
N GLN D 113 -0.82 26.54 -8.70
CA GLN D 113 -1.52 26.03 -7.53
C GLN D 113 -3.00 25.93 -7.85
N SER D 114 -3.84 26.14 -6.84
CA SER D 114 -5.30 26.10 -7.00
C SER D 114 -5.93 26.20 -8.38
N THR D 115 -7.07 25.55 -8.56
CA THR D 115 -7.77 25.55 -9.85
C THR D 115 -7.73 26.85 -10.70
N THR D 116 -7.36 27.98 -10.11
CA THR D 116 -7.21 29.22 -10.88
C THR D 116 -6.54 28.97 -12.23
N GLU D 117 -6.74 29.87 -13.18
CA GLU D 117 -6.24 29.63 -14.54
C GLU D 117 -5.49 30.83 -15.09
N PHE D 118 -4.49 31.31 -14.33
CA PHE D 118 -3.69 32.44 -14.77
C PHE D 118 -2.71 32.11 -15.89
N HIS D 119 -2.37 30.84 -16.10
CA HIS D 119 -1.32 30.49 -17.05
C HIS D 119 -1.77 30.60 -18.51
N SER D 120 -3.07 30.46 -18.76
CA SER D 120 -3.57 30.59 -20.12
C SER D 120 -3.24 31.96 -20.69
N ILE D 121 -3.20 32.99 -19.84
CA ILE D 121 -2.79 34.32 -20.30
C ILE D 121 -1.37 34.28 -20.84
N LEU D 122 -0.47 33.61 -20.11
CA LEU D 122 0.91 33.53 -20.55
C LEU D 122 1.04 32.76 -21.86
N GLY D 123 0.32 31.65 -21.98
CA GLY D 123 0.38 30.89 -23.22
C GLY D 123 -0.13 31.69 -24.41
N LYS D 124 -1.25 32.38 -24.22
CA LYS D 124 -1.78 33.22 -25.29
C LYS D 124 -0.83 34.35 -25.62
N LEU D 125 -0.16 34.92 -24.62
CA LEU D 125 0.81 35.98 -24.86
C LEU D 125 1.98 35.47 -25.71
N PHE D 126 2.48 34.27 -25.39
CA PHE D 126 3.51 33.66 -26.20
C PHE D 126 3.07 33.51 -27.66
N ALA D 127 1.91 32.89 -27.86
CA ALA D 127 1.44 32.66 -29.22
C ALA D 127 1.22 33.96 -29.96
N ALA D 128 0.66 34.95 -29.29
CA ALA D 128 0.38 36.23 -29.91
C ALA D 128 1.66 36.96 -30.28
N GLN D 129 2.68 36.88 -29.41
CA GLN D 129 3.95 37.52 -29.75
C GLN D 129 4.56 36.88 -30.98
N GLY D 130 4.53 35.55 -31.07
CA GLY D 130 5.04 34.89 -32.27
C GLY D 130 4.27 35.29 -33.51
N ILE D 131 2.94 35.31 -33.41
CA ILE D 131 2.12 35.67 -34.55
C ILE D 131 2.38 37.11 -34.97
N VAL D 132 2.54 38.02 -34.01
CA VAL D 132 2.78 39.41 -34.32
C VAL D 132 4.13 39.59 -34.99
N HIS D 133 5.14 38.85 -34.54
CA HIS D 133 6.43 38.90 -35.21
C HIS D 133 6.30 38.45 -36.66
N ASN D 134 5.58 37.36 -36.89
CA ASN D 134 5.35 36.95 -38.28
C ASN D 134 4.57 37.99 -39.05
N ARG D 135 3.63 38.68 -38.40
CA ARG D 135 2.81 39.65 -39.10
C ARG D 135 3.62 40.87 -39.54
N ILE D 136 4.48 41.38 -38.65
CA ILE D 136 5.33 42.50 -39.05
C ILE D 136 6.32 42.03 -40.12
N SER D 137 6.76 40.78 -40.04
CA SER D 137 7.57 40.22 -41.13
C SER D 137 6.80 40.27 -42.45
N ASP D 138 5.52 39.91 -42.42
CA ASP D 138 4.70 39.97 -43.63
C ASP D 138 4.59 41.40 -44.14
N SER D 139 4.35 42.35 -43.23
CA SER D 139 4.24 43.76 -43.59
C SER D 139 5.55 44.28 -44.17
N SER D 140 6.60 44.26 -43.36
CA SER D 140 7.93 44.71 -43.75
C SER D 140 7.87 46.13 -44.34
N ALA D 141 7.48 47.07 -43.50
CA ALA D 141 7.26 48.45 -43.91
C ALA D 141 8.52 49.09 -44.44
N ASP D 142 8.55 49.37 -45.76
CA ASP D 142 9.60 50.11 -46.45
C ASP D 142 10.97 49.45 -46.39
N LYS D 143 11.08 48.26 -45.80
CA LYS D 143 12.37 47.60 -45.64
C LYS D 143 12.19 46.10 -45.77
N THR D 144 13.24 45.36 -45.44
CA THR D 144 13.23 43.90 -45.41
C THR D 144 13.59 43.49 -43.98
N ARG D 145 12.58 43.43 -43.12
CA ARG D 145 12.82 43.17 -41.70
C ARG D 145 13.21 41.71 -41.45
N ASN D 146 12.52 40.77 -42.09
CA ASN D 146 12.76 39.34 -41.91
C ASN D 146 12.58 38.93 -40.44
N GLY D 147 11.36 39.10 -39.96
CA GLY D 147 11.01 38.71 -38.61
C GLY D 147 10.17 37.44 -38.59
N ASP D 148 10.55 36.46 -39.41
CA ASP D 148 9.73 35.28 -39.62
C ASP D 148 9.58 34.48 -38.34
N THR D 149 8.39 33.93 -38.14
CA THR D 149 8.08 33.12 -36.96
C THR D 149 6.90 32.21 -37.27
N HIS D 150 7.00 30.95 -36.88
CA HIS D 150 5.91 29.99 -37.02
C HIS D 150 5.72 29.28 -35.68
N VAL D 151 4.46 29.02 -35.32
CA VAL D 151 4.11 28.56 -33.98
C VAL D 151 3.40 27.22 -34.09
N ILE D 152 3.84 26.25 -33.29
CA ILE D 152 3.24 24.92 -33.21
C ILE D 152 2.73 24.71 -31.80
N VAL D 153 1.46 24.37 -31.66
CA VAL D 153 0.81 24.20 -30.37
C VAL D 153 0.33 22.75 -30.26
N LEU D 154 0.67 22.10 -29.16
CA LEU D 154 0.27 20.72 -28.90
C LEU D 154 -0.94 20.77 -27.97
N SER D 155 -2.12 20.63 -28.55
CA SER D 155 -3.37 20.64 -27.78
C SER D 155 -4.50 20.17 -28.68
N LEU D 156 -5.72 20.26 -28.17
CA LEU D 156 -6.91 20.00 -28.98
C LEU D 156 -7.95 21.11 -28.89
N ASN D 157 -7.71 22.16 -28.10
CA ASN D 157 -8.63 23.28 -27.98
C ASN D 157 -8.50 24.15 -29.23
N GLN D 158 -9.33 23.83 -30.23
CA GLN D 158 -9.23 24.52 -31.51
C GLN D 158 -9.55 26.00 -31.39
N MET D 159 -10.33 26.38 -30.37
CA MET D 159 -10.67 27.78 -30.16
C MET D 159 -9.49 28.61 -29.68
N PHE D 160 -8.41 27.97 -29.22
CA PHE D 160 -7.28 28.71 -28.68
C PHE D 160 -6.72 29.68 -29.70
N ALA D 161 -6.61 29.25 -30.96
CA ALA D 161 -6.07 30.10 -32.00
C ALA D 161 -6.90 31.37 -32.16
N LYS D 162 -8.21 31.29 -31.88
CA LYS D 162 -9.08 32.44 -32.02
C LYS D 162 -9.19 33.25 -30.74
N GLU D 163 -8.45 32.88 -29.70
CA GLU D 163 -8.52 33.56 -28.43
C GLU D 163 -7.28 34.39 -28.12
N LEU D 164 -6.43 34.60 -29.11
CA LEU D 164 -5.21 35.39 -28.91
C LEU D 164 -5.55 36.88 -28.79
N PRO D 165 -5.04 37.56 -27.78
CA PRO D 165 -5.36 38.98 -27.60
C PRO D 165 -4.73 39.83 -28.69
N GLY D 166 -5.36 40.98 -28.94
CA GLY D 166 -4.88 41.92 -29.92
C GLY D 166 -3.82 42.87 -29.38
N ILE D 167 -3.25 43.65 -30.29
CA ILE D 167 -2.22 44.61 -29.90
C ILE D 167 -2.83 45.74 -29.10
N TYR D 168 -1.96 46.49 -28.43
CA TYR D 168 -2.37 47.66 -27.66
C TYR D 168 -1.98 48.92 -28.41
N LYS D 169 -2.96 49.76 -28.70
CA LYS D 169 -2.76 51.02 -29.43
C LYS D 169 -3.39 52.18 -28.69
N GLY D 170 -3.27 52.20 -27.36
CA GLY D 170 -3.81 53.26 -26.54
C GLY D 170 -2.81 54.39 -26.32
N SER D 171 -3.19 55.29 -25.42
CA SER D 171 -2.35 56.42 -25.06
C SER D 171 -1.83 56.28 -23.63
N GLU D 233 18.10 52.52 -27.65
CA GLU D 233 17.64 51.24 -27.15
C GLU D 233 17.15 50.36 -28.29
N TYR D 234 16.90 49.08 -27.98
CA TYR D 234 16.44 48.13 -28.98
C TYR D 234 14.91 48.14 -29.02
N LYS D 235 14.35 48.47 -30.18
CA LYS D 235 12.91 48.54 -30.36
C LYS D 235 12.44 47.36 -31.19
N ASP D 236 11.12 47.22 -31.31
CA ASP D 236 10.44 46.15 -32.02
C ASP D 236 10.74 44.77 -31.44
N TYR D 237 11.37 44.70 -30.27
CA TYR D 237 11.65 43.42 -29.64
C TYR D 237 10.39 42.86 -28.98
N ASN D 238 9.83 43.60 -28.03
CA ASN D 238 8.62 43.20 -27.33
C ASN D 238 7.54 44.26 -27.51
N HIS D 239 6.34 43.83 -27.87
CA HIS D 239 5.23 44.74 -28.13
C HIS D 239 4.44 44.96 -26.84
N GLN D 240 3.27 45.58 -26.97
CA GLN D 240 2.34 45.75 -25.86
C GLN D 240 0.98 45.22 -26.28
N PHE D 241 0.38 44.38 -25.44
CA PHE D 241 -0.83 43.66 -25.79
C PHE D 241 -1.99 44.10 -24.91
N ASP D 242 -3.20 43.94 -25.46
CA ASP D 242 -4.44 44.27 -24.76
C ASP D 242 -5.29 43.02 -24.66
N ILE D 243 -5.74 42.71 -23.43
CA ILE D 243 -6.55 41.52 -23.22
C ILE D 243 -7.93 41.70 -23.84
N THR D 244 -8.53 42.88 -23.67
CA THR D 244 -9.89 43.11 -24.13
C THR D 244 -9.99 42.99 -25.65
N THR D 245 -9.00 43.53 -26.37
CA THR D 245 -9.02 43.50 -27.82
C THR D 245 -8.75 42.09 -28.32
N ARG D 246 -8.93 41.89 -29.62
CA ARG D 246 -8.69 40.61 -30.24
C ARG D 246 -7.80 40.80 -31.46
N LEU D 247 -6.88 39.85 -31.65
CA LEU D 247 -5.97 39.90 -32.79
C LEU D 247 -6.75 39.61 -34.08
N MET D 248 -6.49 40.41 -35.10
CA MET D 248 -7.11 40.19 -36.40
C MET D 248 -6.13 40.41 -37.55
N PRO D 249 -6.31 39.73 -38.68
CA PRO D 249 -7.28 38.66 -38.93
C PRO D 249 -6.86 37.37 -38.24
N ALA D 250 -7.67 36.32 -38.31
CA ALA D 250 -7.31 35.06 -37.69
C ALA D 250 -6.05 34.49 -38.34
N PRO D 251 -5.19 33.84 -37.56
CA PRO D 251 -3.99 33.24 -38.13
C PRO D 251 -4.33 32.21 -39.18
N ILE D 252 -3.52 32.17 -40.24
CA ILE D 252 -3.74 31.23 -41.32
C ILE D 252 -3.19 29.86 -40.93
N ALA D 253 -3.58 28.84 -41.69
CA ALA D 253 -3.14 27.48 -41.38
C ALA D 253 -1.63 27.34 -41.50
N SER D 254 -1.02 27.95 -42.53
CA SER D 254 0.42 27.85 -42.68
C SER D 254 1.15 28.52 -41.53
N GLU D 255 0.55 29.53 -40.91
CA GLU D 255 1.19 30.23 -39.81
C GLU D 255 1.15 29.43 -38.52
N LEU D 256 0.06 28.70 -38.27
CA LEU D 256 -0.16 28.04 -37.00
C LEU D 256 -0.77 26.66 -37.23
N THR D 257 -0.23 25.66 -36.54
CA THR D 257 -0.74 24.29 -36.63
C THR D 257 -0.99 23.76 -35.23
N PHE D 258 -1.85 22.75 -35.15
CA PHE D 258 -2.15 22.06 -33.91
C PHE D 258 -1.82 20.58 -34.06
N ILE D 259 -1.43 19.96 -32.95
CA ILE D 259 -1.10 18.54 -32.91
C ILE D 259 -1.97 17.88 -31.86
N ALA D 260 -2.62 16.78 -32.25
CA ALA D 260 -3.55 16.10 -31.35
C ALA D 260 -2.78 15.42 -30.22
N PRO D 261 -3.10 15.69 -28.96
CA PRO D 261 -2.40 15.05 -27.85
C PRO D 261 -2.88 13.64 -27.52
N THR D 262 -3.69 13.03 -28.39
CA THR D 262 -4.19 11.68 -28.15
C THR D 262 -3.56 10.64 -29.07
N GLN D 263 -2.80 11.06 -30.06
CA GLN D 263 -2.11 10.17 -30.97
C GLN D 263 -0.92 9.53 -30.26
N PRO D 264 -0.40 8.41 -30.79
CA PRO D 264 0.75 7.76 -30.15
C PRO D 264 1.96 8.68 -30.09
N VAL D 265 2.83 8.39 -29.13
CA VAL D 265 4.00 9.24 -28.89
C VAL D 265 4.89 9.29 -30.13
N SER D 266 5.14 8.12 -30.73
CA SER D 266 6.00 8.07 -31.90
C SER D 266 5.45 8.90 -33.05
N THR D 267 4.14 8.78 -33.29
CA THR D 267 3.52 9.55 -34.36
C THR D 267 3.61 11.05 -34.10
N ILE D 268 3.36 11.47 -32.85
CA ILE D 268 3.42 12.89 -32.51
C ILE D 268 4.84 13.41 -32.71
N LEU D 269 5.84 12.63 -32.28
CA LEU D 269 7.23 13.05 -32.46
C LEU D 269 7.57 13.15 -33.93
N SER D 270 7.08 12.22 -34.75
CA SER D 270 7.33 12.27 -36.18
C SER D 270 6.73 13.54 -36.79
N GLN D 271 5.49 13.86 -36.42
CA GLN D 271 4.86 15.07 -36.96
C GLN D 271 5.61 16.32 -36.53
N ILE D 272 6.04 16.38 -35.28
CA ILE D 272 6.80 17.54 -34.81
C ILE D 272 8.10 17.67 -35.61
N GLU D 273 8.79 16.55 -35.81
CA GLU D 273 10.05 16.59 -36.55
C GLU D 273 9.83 17.07 -37.99
N GLN D 274 8.78 16.55 -38.64
CA GLN D 274 8.50 16.97 -40.01
C GLN D 274 8.17 18.45 -40.08
N THR D 275 7.35 18.93 -39.15
CA THR D 275 6.98 20.35 -39.14
C THR D 275 8.19 21.23 -38.89
N ILE D 276 9.11 20.77 -38.04
CA ILE D 276 10.35 21.52 -37.82
C ILE D 276 11.18 21.55 -39.10
N LYS D 277 11.28 20.41 -39.80
CA LYS D 277 12.09 20.34 -41.00
C LYS D 277 11.53 21.22 -42.11
N ARG D 278 10.21 21.27 -42.25
CA ARG D 278 9.62 22.00 -43.37
C ARG D 278 9.94 23.49 -43.30
N ASN D 279 9.85 24.09 -42.12
CA ASN D 279 10.19 25.50 -41.93
C ASN D 279 11.69 25.65 -41.66
N ASP D 280 12.46 25.71 -42.74
CA ASP D 280 13.91 25.66 -42.64
C ASP D 280 14.49 26.87 -41.93
N LYS D 281 13.97 28.07 -42.19
CA LYS D 281 14.57 29.30 -41.68
C LYS D 281 13.61 30.14 -40.87
N LYS D 282 12.66 29.53 -40.16
CA LYS D 282 11.69 30.26 -39.38
C LYS D 282 11.88 29.97 -37.89
N LEU D 283 11.74 30.99 -37.07
CA LEU D 283 11.74 30.80 -35.63
C LEU D 283 10.54 29.96 -35.22
N ILE D 284 10.78 29.00 -34.33
CA ILE D 284 9.75 28.04 -33.92
C ILE D 284 9.54 28.15 -32.42
N ARG D 285 8.28 28.29 -32.01
CA ARG D 285 7.89 28.22 -30.61
C ARG D 285 6.97 27.02 -30.45
N ILE D 286 7.29 26.15 -29.50
CA ILE D 286 6.48 24.98 -29.20
C ILE D 286 5.74 25.27 -27.90
N VAL D 287 4.43 25.44 -27.97
CA VAL D 287 3.61 25.78 -26.83
C VAL D 287 2.76 24.56 -26.46
N ILE D 288 2.87 24.14 -25.21
CA ILE D 288 2.09 23.01 -24.70
C ILE D 288 1.10 23.54 -23.67
N PRO D 289 -0.07 24.03 -24.09
CA PRO D 289 -0.99 24.62 -23.13
C PRO D 289 -1.67 23.56 -22.28
N SER D 290 -1.72 23.83 -20.97
CA SER D 290 -2.44 23.00 -20.01
C SER D 290 -1.97 21.55 -20.08
N LEU D 291 -0.69 21.35 -19.77
CA LEU D 291 -0.14 20.00 -19.78
C LEU D 291 -0.76 19.16 -18.69
N LEU D 292 -1.10 17.92 -19.03
CA LEU D 292 -1.63 16.94 -18.08
C LEU D 292 -2.92 17.45 -17.43
N HIS D 293 -3.94 17.62 -18.24
CA HIS D 293 -5.27 17.89 -17.75
C HIS D 293 -6.14 16.65 -17.92
N PRO D 294 -6.86 16.21 -16.88
CA PRO D 294 -7.61 14.95 -16.98
C PRO D 294 -8.66 14.96 -18.07
N ALA D 295 -9.31 16.09 -18.35
CA ALA D 295 -10.25 16.16 -19.46
C ALA D 295 -9.55 16.23 -20.80
N MET D 296 -8.25 16.53 -20.82
CA MET D 296 -7.49 16.69 -22.05
C MET D 296 -6.74 15.43 -22.44
N TYR D 297 -6.37 14.60 -21.46
CA TYR D 297 -5.62 13.41 -21.82
C TYR D 297 -6.28 12.16 -21.24
N PRO D 298 -6.15 11.02 -21.91
CA PRO D 298 -6.69 9.77 -21.36
C PRO D 298 -5.84 9.29 -20.20
N PRO D 299 -6.37 8.40 -19.35
CA PRO D 299 -5.55 7.87 -18.25
C PRO D 299 -4.31 7.16 -18.73
N LYS D 300 -4.35 6.54 -19.93
CA LYS D 300 -3.18 5.86 -20.45
C LYS D 300 -2.01 6.81 -20.59
N MET D 301 -2.26 8.04 -21.04
CA MET D 301 -1.20 9.02 -21.16
C MET D 301 -0.62 9.41 -19.80
N PHE D 302 -1.37 9.22 -18.71
CA PHE D 302 -0.84 9.51 -17.39
C PHE D 302 0.24 8.53 -16.95
N GLU D 303 0.38 7.41 -17.65
CA GLU D 303 1.43 6.45 -17.32
C GLU D 303 2.80 7.13 -17.41
N SER D 304 3.69 6.78 -16.48
CA SER D 304 4.98 7.46 -16.39
C SER D 304 5.76 7.34 -17.69
N SER D 305 5.76 6.14 -18.28
CA SER D 305 6.52 5.90 -19.49
C SER D 305 6.12 6.87 -20.60
N GLU D 306 4.82 7.00 -20.85
CA GLU D 306 4.36 7.80 -21.98
C GLU D 306 4.73 9.27 -21.80
N ILE D 307 4.36 9.86 -20.66
CA ILE D 307 4.59 11.29 -20.46
C ILE D 307 6.08 11.58 -20.42
N ILE D 308 6.85 10.76 -19.70
CA ILE D 308 8.28 11.02 -19.58
C ILE D 308 8.97 10.85 -20.93
N GLY D 309 8.59 9.83 -21.70
CA GLY D 309 9.16 9.67 -23.02
C GLY D 309 8.82 10.81 -23.96
N LEU D 310 7.58 11.29 -23.91
CA LEU D 310 7.21 12.43 -24.74
C LEU D 310 8.03 13.65 -24.37
N MET D 311 8.18 13.92 -23.07
CA MET D 311 8.98 15.08 -22.66
C MET D 311 10.44 14.91 -23.05
N HIS D 312 10.98 13.70 -22.94
CA HIS D 312 12.36 13.45 -23.34
C HIS D 312 12.55 13.68 -24.83
N GLY D 313 11.61 13.19 -25.65
CA GLY D 313 11.71 13.40 -27.08
C GLY D 313 11.61 14.87 -27.45
N VAL D 314 10.72 15.59 -26.79
CA VAL D 314 10.61 17.03 -27.06
C VAL D 314 11.89 17.74 -26.67
N ARG D 315 12.47 17.38 -25.53
CA ARG D 315 13.74 17.99 -25.13
C ARG D 315 14.84 17.68 -26.13
N SER D 316 14.88 16.45 -26.63
CA SER D 316 15.88 16.09 -27.63
C SER D 316 15.70 16.92 -28.90
N LEU D 317 14.46 17.08 -29.35
CA LEU D 317 14.20 17.86 -30.55
C LEU D 317 14.58 19.32 -30.35
N VAL D 318 14.29 19.87 -29.18
CA VAL D 318 14.68 21.25 -28.89
C VAL D 318 16.19 21.38 -28.90
N LYS D 319 16.90 20.42 -28.31
CA LYS D 319 18.35 20.49 -28.27
C LYS D 319 18.97 20.35 -29.66
N LYS D 320 18.36 19.54 -30.52
CA LYS D 320 18.93 19.29 -31.84
C LYS D 320 19.02 20.59 -32.64
N TYR D 321 17.89 21.21 -32.93
CA TYR D 321 17.86 22.49 -33.63
C TYR D 321 17.85 23.64 -32.63
N TYR D 322 18.92 23.70 -31.85
CA TYR D 322 18.99 24.63 -30.73
C TYR D 322 19.05 26.08 -31.20
N GLU D 323 19.28 26.28 -32.50
CA GLU D 323 19.42 27.60 -33.06
C GLU D 323 18.12 28.24 -33.50
N ARG D 324 17.00 27.51 -33.46
CA ARG D 324 15.73 28.03 -33.95
C ARG D 324 14.53 27.79 -33.04
N VAL D 325 14.57 26.83 -32.13
CA VAL D 325 13.38 26.34 -31.45
C VAL D 325 13.40 26.74 -29.98
N VAL D 326 12.24 27.14 -29.46
CA VAL D 326 12.05 27.38 -28.04
C VAL D 326 10.79 26.63 -27.60
N LEU D 327 10.67 26.43 -26.28
CA LEU D 327 9.60 25.61 -25.73
C LEU D 327 8.97 26.30 -24.52
N PHE D 328 7.65 26.23 -24.43
CA PHE D 328 6.89 26.77 -23.30
C PHE D 328 5.78 25.80 -22.95
N ALA D 329 5.47 25.68 -21.66
CA ALA D 329 4.42 24.78 -21.22
C ALA D 329 3.94 25.21 -19.84
N SER D 330 2.76 24.72 -19.45
CA SER D 330 2.20 24.98 -18.14
C SER D 330 1.41 23.77 -17.66
N ILE D 331 1.22 23.70 -16.34
CA ILE D 331 0.62 22.54 -15.70
C ILE D 331 0.00 22.98 -14.37
N SER D 332 -1.10 22.32 -14.00
CA SER D 332 -1.73 22.50 -12.70
C SER D 332 -1.34 21.34 -11.80
N ILE D 333 -0.76 21.66 -10.64
CA ILE D 333 -0.16 20.65 -9.77
C ILE D 333 -1.16 20.15 -8.74
N ASP D 334 -2.43 20.55 -8.89
CA ASP D 334 -3.44 20.15 -7.92
C ASP D 334 -3.70 18.66 -7.92
N ILE D 335 -3.54 17.99 -9.07
CA ILE D 335 -3.84 16.57 -9.19
C ILE D 335 -2.62 15.75 -9.54
N ILE D 336 -1.43 16.34 -9.52
CA ILE D 336 -0.21 15.68 -9.94
C ILE D 336 0.48 15.09 -8.71
N THR D 337 0.83 13.82 -8.78
CA THR D 337 1.55 13.18 -7.70
C THR D 337 2.94 13.80 -7.60
N PRO D 338 3.51 13.92 -6.39
CA PRO D 338 4.84 14.56 -6.24
C PRO D 338 5.92 13.89 -7.07
N PRO D 339 5.91 12.55 -7.22
CA PRO D 339 6.94 11.95 -8.09
C PRO D 339 6.91 12.48 -9.52
N LEU D 340 5.73 12.56 -10.12
CA LEU D 340 5.65 13.09 -11.47
C LEU D 340 6.03 14.56 -11.50
N LEU D 341 5.72 15.30 -10.43
CA LEU D 341 6.11 16.70 -10.37
C LEU D 341 7.62 16.86 -10.38
N VAL D 342 8.33 16.07 -9.57
CA VAL D 342 9.78 16.21 -9.55
C VAL D 342 10.39 15.72 -10.85
N LEU D 343 9.81 14.69 -11.48
CA LEU D 343 10.32 14.24 -12.77
C LEU D 343 10.18 15.33 -13.82
N LEU D 344 9.02 15.99 -13.87
CA LEU D 344 8.83 17.07 -14.83
C LEU D 344 9.76 18.24 -14.54
N ARG D 345 9.92 18.59 -13.27
CA ARG D 345 10.82 19.69 -12.92
C ARG D 345 12.24 19.38 -13.36
N ASN D 346 12.67 18.14 -13.18
CA ASN D 346 14.00 17.75 -13.66
C ASN D 346 14.08 17.84 -15.18
N MET D 347 13.03 17.41 -15.87
CA MET D 347 13.08 17.34 -17.33
C MET D 347 13.22 18.72 -17.95
N PHE D 348 12.50 19.72 -17.44
CA PHE D 348 12.48 21.02 -18.07
C PHE D 348 13.73 21.82 -17.72
N ASP D 349 13.76 23.07 -18.17
CA ASP D 349 14.91 23.93 -17.94
C ASP D 349 14.68 24.96 -16.84
N SER D 350 13.45 25.39 -16.64
CA SER D 350 13.14 26.41 -15.64
C SER D 350 11.72 26.23 -15.18
N VAL D 351 11.46 26.59 -13.92
CA VAL D 351 10.13 26.44 -13.33
C VAL D 351 9.77 27.69 -12.55
N ILE D 352 8.51 28.11 -12.65
CA ILE D 352 7.98 29.23 -11.89
C ILE D 352 6.69 28.77 -11.23
N ASN D 353 6.58 28.99 -9.92
CA ASN D 353 5.44 28.54 -9.14
C ASN D 353 4.57 29.73 -8.76
N LEU D 354 3.27 29.61 -9.01
CA LEU D 354 2.31 30.69 -8.77
C LEU D 354 1.38 30.26 -7.65
N GLU D 355 1.30 31.07 -6.60
CA GLU D 355 0.46 30.76 -5.45
C GLU D 355 -0.49 31.91 -5.18
N PRO D 356 -1.80 31.71 -5.30
CA PRO D 356 -2.74 32.77 -4.91
C PRO D 356 -2.79 32.94 -3.40
N PHE D 357 -3.39 34.05 -2.99
CA PHE D 357 -3.40 34.42 -1.58
C PHE D 357 -4.45 33.61 -0.82
N ASN D 358 -4.41 33.69 0.51
CA ASN D 358 -5.38 32.98 1.33
C ASN D 358 -6.52 33.93 1.75
N GLN D 359 -7.37 33.43 2.65
CA GLN D 359 -8.55 34.20 3.06
C GLN D 359 -8.16 35.43 3.88
N GLU D 360 -7.47 35.21 5.01
CA GLU D 360 -7.13 36.32 5.88
C GLU D 360 -6.24 37.33 5.16
N MET D 361 -5.33 36.84 4.30
CA MET D 361 -4.48 37.73 3.53
C MET D 361 -5.31 38.68 2.68
N THR D 362 -6.23 38.12 1.89
CA THR D 362 -7.04 38.94 1.00
C THR D 362 -7.94 39.89 1.78
N GLU D 363 -8.55 39.39 2.87
CA GLU D 363 -9.46 40.22 3.65
C GLU D 363 -8.73 41.38 4.29
N PHE D 364 -7.57 41.10 4.90
CA PHE D 364 -6.81 42.17 5.54
C PHE D 364 -6.31 43.18 4.52
N LEU D 365 -5.87 42.71 3.35
CA LEU D 365 -5.45 43.64 2.30
C LEU D 365 -6.60 44.50 1.81
N GLU D 366 -7.79 43.91 1.64
CA GLU D 366 -8.94 44.69 1.20
C GLU D 366 -9.40 45.66 2.28
N ARG D 367 -9.11 45.33 3.54
CA ARG D 367 -9.50 46.22 4.64
C ARG D 367 -8.80 47.57 4.53
N VAL D 368 -7.51 47.55 4.15
CA VAL D 368 -6.73 48.79 4.12
C VAL D 368 -6.37 49.24 2.71
N TYR D 369 -6.86 48.54 1.68
CA TYR D 369 -6.52 48.88 0.30
C TYR D 369 -7.73 49.03 -0.60
N LYS D 370 -8.95 48.84 -0.08
CA LYS D 370 -10.13 49.02 -0.91
C LYS D 370 -10.36 50.48 -1.26
N SER D 371 -9.67 51.42 -0.60
CA SER D 371 -9.74 52.81 -1.02
C SER D 371 -9.16 53.01 -2.41
N GLN D 372 -8.16 52.21 -2.78
CA GLN D 372 -7.57 52.24 -4.13
C GLN D 372 -7.77 50.85 -4.73
N PRO D 373 -8.81 50.68 -5.54
CA PRO D 373 -9.12 49.35 -6.08
C PRO D 373 -8.14 48.86 -7.13
N GLY D 374 -7.09 49.63 -7.39
CA GLY D 374 -6.10 49.23 -8.36
C GLY D 374 -4.77 48.83 -7.76
N LYS D 375 -4.77 48.49 -6.46
CA LYS D 375 -3.54 48.19 -5.74
C LYS D 375 -3.65 46.88 -4.97
N ILE D 376 -4.31 45.89 -5.55
CA ILE D 376 -4.45 44.57 -4.94
C ILE D 376 -3.98 43.53 -5.94
N GLN D 377 -3.03 42.69 -5.53
CA GLN D 377 -2.50 41.65 -6.41
C GLN D 377 -3.41 40.43 -6.35
N HIS D 378 -2.92 39.30 -6.87
CA HIS D 378 -3.64 38.05 -6.80
C HIS D 378 -2.88 36.95 -6.07
N GLY D 379 -1.56 37.02 -6.00
CA GLY D 379 -0.80 36.00 -5.31
C GLY D 379 0.69 36.20 -5.51
N LEU D 380 1.45 35.19 -5.11
CA LEU D 380 2.91 35.25 -5.10
C LEU D 380 3.49 34.48 -6.28
N VAL D 381 4.78 34.71 -6.52
CA VAL D 381 5.54 34.04 -7.57
C VAL D 381 6.79 33.46 -6.95
N HIS D 382 7.06 32.19 -7.24
CA HIS D 382 8.22 31.49 -6.69
C HIS D 382 9.13 31.02 -7.82
N ILE D 383 10.43 31.13 -7.60
CA ILE D 383 11.45 30.78 -8.58
C ILE D 383 12.28 29.64 -8.02
N LEU D 384 12.30 28.51 -8.72
CA LEU D 384 13.05 27.34 -8.29
C LEU D 384 14.19 27.02 -9.25
N LYS D 385 13.89 26.82 -10.53
CA LYS D 385 14.91 26.55 -11.54
C LYS D 385 14.92 27.67 -12.55
N LEU D 386 16.10 28.27 -12.74
CA LEU D 386 16.31 29.36 -13.67
C LEU D 386 16.91 28.83 -14.97
N PRO D 387 17.16 29.68 -15.96
CA PRO D 387 17.95 29.25 -17.12
C PRO D 387 19.40 29.02 -16.75
N VAL D 388 20.27 28.92 -17.76
CA VAL D 388 21.61 28.34 -17.66
C VAL D 388 22.36 28.75 -16.40
N PHE D 389 22.00 29.91 -15.83
CA PHE D 389 22.51 30.30 -14.50
C PHE D 389 22.57 29.13 -13.54
N THR D 390 21.45 28.43 -13.36
CA THR D 390 21.42 27.32 -12.41
C THR D 390 22.01 26.05 -13.00
N ASP D 391 22.16 25.99 -14.33
CA ASP D 391 22.75 24.80 -14.93
C ASP D 391 24.20 24.64 -14.54
N ARG D 392 24.94 25.75 -14.44
CA ARG D 392 26.35 25.67 -14.11
C ARG D 392 26.61 25.57 -12.62
N GLY D 393 25.58 25.63 -11.78
CA GLY D 393 25.77 25.38 -10.36
C GLY D 393 25.50 26.56 -9.45
N GLU D 394 24.53 27.41 -9.82
CA GLU D 394 24.18 28.52 -8.96
C GLU D 394 22.83 28.28 -8.29
N MET D 395 22.81 28.48 -6.97
CA MET D 395 21.60 28.33 -6.16
C MET D 395 20.88 29.67 -6.14
N ARG D 396 19.81 29.79 -6.93
CA ARG D 396 19.07 31.04 -7.04
C ARG D 396 17.61 30.90 -6.63
N VAL D 397 17.30 29.97 -5.74
CA VAL D 397 15.89 29.72 -5.38
C VAL D 397 15.42 30.85 -4.48
N LEU D 398 14.48 31.65 -4.98
CA LEU D 398 13.87 32.73 -4.21
C LEU D 398 12.41 32.38 -3.96
N LYS D 399 12.01 32.42 -2.69
CA LYS D 399 10.66 32.07 -2.28
C LYS D 399 9.96 33.28 -1.70
N SER D 400 8.80 33.62 -2.25
CA SER D 400 7.92 34.66 -1.71
C SER D 400 8.63 36.01 -1.64
N GLU D 401 9.08 36.49 -2.79
CA GLU D 401 9.66 37.82 -2.88
C GLU D 401 9.23 38.53 -4.15
N TRP D 402 8.16 38.04 -4.79
CA TRP D 402 7.62 38.66 -5.99
C TRP D 402 6.13 38.48 -6.01
N ALA D 403 5.42 39.40 -6.67
CA ALA D 403 3.97 39.36 -6.74
C ALA D 403 3.53 39.59 -8.16
N PHE D 404 2.35 39.06 -8.50
CA PHE D 404 1.77 39.22 -9.82
C PHE D 404 0.37 39.81 -9.68
N LYS D 405 0.03 40.74 -10.58
CA LYS D 405 -1.28 41.39 -10.58
C LYS D 405 -1.84 41.32 -12.00
N ASN D 406 -3.05 40.81 -12.13
CA ASN D 406 -3.72 40.81 -13.43
C ASN D 406 -4.66 41.99 -13.55
N GLY D 407 -4.23 42.98 -14.33
CA GLY D 407 -5.01 44.18 -14.55
C GLY D 407 -6.13 43.96 -15.55
N ARG D 408 -6.85 45.05 -15.82
CA ARG D 408 -7.96 44.96 -16.77
C ARG D 408 -7.48 44.66 -18.17
N LYS D 409 -6.32 45.19 -18.56
CA LYS D 409 -5.77 44.96 -19.88
C LYS D 409 -4.39 44.31 -19.90
N LYS D 410 -3.68 44.27 -18.77
CA LYS D 410 -2.30 43.80 -18.76
C LYS D 410 -2.07 42.94 -17.52
N PHE D 411 -1.03 42.11 -17.58
CA PHE D 411 -0.63 41.23 -16.48
C PHE D 411 0.80 41.59 -16.11
N GLU D 412 1.01 42.01 -14.86
CA GLU D 412 2.29 42.57 -14.47
C GLU D 412 2.86 41.82 -13.27
N ILE D 413 4.18 41.90 -13.12
CA ILE D 413 4.90 41.30 -12.01
C ILE D 413 5.78 42.36 -11.37
N GLU D 414 5.72 42.47 -10.04
CA GLU D 414 6.47 43.48 -9.32
C GLU D 414 7.10 42.87 -8.08
N GLN D 415 7.89 43.67 -7.40
CA GLN D 415 8.55 43.24 -6.17
C GLN D 415 7.54 43.19 -5.03
N TRP D 416 7.36 42.00 -4.47
CA TRP D 416 6.41 41.82 -3.38
C TRP D 416 6.89 42.55 -2.13
N GLY D 417 5.94 43.20 -1.45
CA GLY D 417 6.23 43.87 -0.20
C GLY D 417 5.11 43.65 0.81
N ILE D 418 5.45 43.10 1.97
CA ILE D 418 4.43 42.78 2.96
C ILE D 418 3.93 44.06 3.61
N PRO D 419 2.61 44.32 3.63
CA PRO D 419 2.03 45.51 4.25
C PRO D 419 2.11 45.48 5.78
N HIS E 6 -22.85 40.07 -0.41
CA HIS E 6 -23.94 39.11 -0.54
C HIS E 6 -23.96 38.15 0.65
N ASN E 7 -25.12 38.02 1.28
CA ASN E 7 -25.24 37.15 2.43
C ASN E 7 -25.10 35.70 1.99
N PRO E 8 -24.28 34.89 2.66
CA PRO E 8 -24.09 33.49 2.23
C PRO E 8 -25.38 32.68 2.27
N VAL E 9 -26.30 33.04 3.17
CA VAL E 9 -27.56 32.31 3.26
C VAL E 9 -28.32 32.40 1.95
N ILE E 10 -28.29 33.58 1.33
CA ILE E 10 -28.98 33.77 0.06
C ILE E 10 -28.38 32.88 -1.02
N LEU E 11 -27.05 32.82 -1.07
CA LEU E 11 -26.39 31.96 -2.06
C LEU E 11 -26.74 30.50 -1.82
N LEU E 12 -26.75 30.09 -0.56
CA LEU E 12 -27.08 28.69 -0.25
C LEU E 12 -28.50 28.37 -0.67
N LYS E 13 -29.44 29.28 -0.41
CA LYS E 13 -30.81 29.07 -0.85
C LYS E 13 -30.91 29.02 -2.37
N ARG E 14 -30.18 29.91 -3.06
CA ARG E 14 -30.23 29.93 -4.52
C ARG E 14 -29.70 28.63 -5.11
N ILE E 15 -28.57 28.14 -4.61
CA ILE E 15 -28.00 26.91 -5.16
C ILE E 15 -28.86 25.71 -4.77
N LEU E 16 -29.45 25.74 -3.58
CA LEU E 16 -30.35 24.67 -3.18
C LEU E 16 -31.57 24.61 -4.09
N SER E 17 -32.09 25.77 -4.47
CA SER E 17 -33.19 25.85 -5.43
C SER E 17 -32.74 25.50 -6.85
N LEU E 18 -31.45 25.34 -7.08
CA LEU E 18 -30.88 24.99 -8.38
C LEU E 18 -31.07 26.13 -9.40
N THR E 19 -31.43 27.32 -8.92
CA THR E 19 -31.48 28.47 -9.82
C THR E 19 -30.14 28.74 -10.49
N GLU E 20 -29.05 28.34 -9.84
CA GLU E 20 -27.72 28.46 -10.42
C GLU E 20 -27.55 27.48 -11.57
N SER E 21 -26.52 27.73 -12.40
CA SER E 21 -26.24 26.89 -13.55
C SER E 21 -25.00 26.03 -13.35
N SER E 22 -24.66 25.69 -12.11
CA SER E 22 -23.53 24.80 -11.87
C SER E 22 -23.90 23.39 -12.30
N PRO E 23 -23.18 22.78 -13.25
CA PRO E 23 -23.61 21.48 -13.77
C PRO E 23 -23.38 20.33 -12.80
N PHE E 24 -22.25 20.31 -12.11
CA PHE E 24 -21.88 19.17 -11.27
C PHE E 24 -21.85 19.60 -9.81
N ILE E 25 -22.52 18.81 -8.96
CA ILE E 25 -22.54 19.02 -7.53
C ILE E 25 -22.14 17.73 -6.84
N LEU E 26 -21.25 17.82 -5.85
CA LEU E 26 -20.75 16.66 -5.13
C LEU E 26 -21.18 16.71 -3.68
N CYS E 27 -21.52 15.54 -3.13
CA CYS E 27 -21.83 15.38 -1.72
C CYS E 27 -20.98 14.27 -1.14
N LEU E 28 -20.33 14.56 -0.02
CA LEU E 28 -19.46 13.60 0.66
C LEU E 28 -20.01 13.35 2.05
N ASP E 29 -20.12 12.09 2.42
CA ASP E 29 -20.68 11.70 3.72
C ASP E 29 -19.88 10.56 4.31
N SER E 30 -20.04 10.40 5.63
CA SER E 30 -19.47 9.27 6.35
C SER E 30 -20.61 8.45 6.94
N ILE E 31 -20.29 7.44 7.75
CA ILE E 31 -21.34 6.69 8.43
C ILE E 31 -21.93 7.45 9.60
N ALA E 32 -21.27 8.52 10.06
CA ALA E 32 -21.81 9.30 11.16
C ALA E 32 -22.98 10.18 10.74
N GLN E 33 -23.09 10.53 9.45
CA GLN E 33 -24.18 11.38 8.98
C GLN E 33 -24.36 11.12 7.49
N THR E 34 -25.49 10.50 7.14
CA THR E 34 -25.78 10.17 5.75
C THR E 34 -26.28 11.41 5.02
N SER E 35 -26.74 11.24 3.78
CA SER E 35 -26.95 12.38 2.89
C SER E 35 -28.38 12.52 2.39
N TYR E 36 -29.22 11.50 2.53
CA TYR E 36 -30.54 11.56 1.89
C TYR E 36 -31.38 12.70 2.44
N LYS E 37 -31.10 13.15 3.67
CA LYS E 37 -31.76 14.32 4.20
C LYS E 37 -31.47 15.55 3.34
N LEU E 38 -30.23 15.66 2.85
CA LEU E 38 -29.90 16.78 1.98
C LEU E 38 -30.67 16.72 0.67
N ILE E 39 -30.88 15.52 0.12
CA ILE E 39 -31.68 15.40 -1.09
C ILE E 39 -33.13 15.77 -0.81
N GLN E 40 -33.64 15.41 0.37
CA GLN E 40 -34.97 15.85 0.76
C GLN E 40 -35.06 17.36 0.79
N GLU E 41 -34.05 18.02 1.35
CA GLU E 41 -34.03 19.48 1.39
C GLU E 41 -33.97 20.04 -0.03
N PHE E 42 -33.17 19.43 -0.90
CA PHE E 42 -33.06 19.90 -2.28
C PHE E 42 -34.40 19.85 -2.98
N VAL E 43 -35.09 18.71 -2.89
CA VAL E 43 -36.37 18.59 -3.59
C VAL E 43 -37.42 19.48 -2.97
N HIS E 44 -37.39 19.65 -1.64
CA HIS E 44 -38.34 20.56 -1.00
C HIS E 44 -38.12 21.99 -1.48
N GLN E 45 -36.86 22.42 -1.58
CA GLN E 45 -36.58 23.76 -2.08
C GLN E 45 -36.99 23.90 -3.54
N SER E 46 -36.75 22.87 -4.36
CA SER E 46 -37.15 22.94 -5.76
C SER E 46 -38.66 23.05 -5.90
N LYS E 47 -39.42 22.31 -5.11
CA LYS E 47 -40.87 22.41 -5.18
C LYS E 47 -41.37 23.73 -4.62
N SER E 48 -40.69 24.27 -3.59
CA SER E 48 -41.11 25.53 -3.01
C SER E 48 -41.03 26.67 -4.02
N LYS E 49 -39.96 26.71 -4.83
CA LYS E 49 -39.81 27.71 -5.87
C LYS E 49 -40.84 27.55 -6.98
N GLY E 50 -41.52 26.40 -7.05
CA GLY E 50 -42.49 26.15 -8.09
C GLY E 50 -41.91 25.64 -9.39
N ASN E 51 -40.59 25.54 -9.50
CA ASN E 51 -39.95 25.05 -10.72
C ASN E 51 -39.76 23.54 -10.61
N GLU E 52 -40.86 22.83 -10.91
CA GLU E 52 -40.89 21.37 -10.78
C GLU E 52 -40.15 20.74 -11.96
N TYR E 53 -38.82 20.84 -11.91
CA TYR E 53 -38.00 20.19 -12.91
C TYR E 53 -38.12 18.68 -12.79
N PRO E 54 -38.07 17.96 -13.90
CA PRO E 54 -38.06 16.50 -13.83
C PRO E 54 -36.82 16.00 -13.11
N ILE E 55 -36.97 14.88 -12.41
CA ILE E 55 -35.91 14.30 -11.61
C ILE E 55 -35.69 12.87 -12.06
N VAL E 56 -34.42 12.52 -12.31
CA VAL E 56 -34.03 11.18 -12.72
C VAL E 56 -33.12 10.59 -11.66
N TYR E 57 -33.40 9.35 -11.27
CA TYR E 57 -32.67 8.68 -10.19
C TYR E 57 -31.90 7.50 -10.75
N ILE E 58 -30.68 7.32 -10.26
CA ILE E 58 -29.83 6.18 -10.62
C ILE E 58 -29.70 5.28 -9.40
N SER E 59 -30.03 4.01 -9.56
CA SER E 59 -30.07 3.07 -8.44
C SER E 59 -28.78 2.26 -8.43
N PHE E 60 -27.97 2.46 -7.41
CA PHE E 60 -26.82 1.61 -7.11
C PHE E 60 -26.95 0.91 -5.77
N GLU E 61 -27.22 1.68 -4.70
CA GLU E 61 -27.38 1.12 -3.36
C GLU E 61 -28.77 1.43 -2.78
N THR E 62 -29.78 1.59 -3.62
CA THR E 62 -31.13 1.92 -3.18
C THR E 62 -32.11 0.87 -3.69
N VAL E 63 -32.99 0.41 -2.80
CA VAL E 63 -34.03 -0.54 -3.16
C VAL E 63 -35.42 0.07 -3.13
N ASN E 64 -35.65 1.08 -2.29
CA ASN E 64 -36.96 1.70 -2.14
C ASN E 64 -37.01 2.92 -3.05
N LYS E 65 -37.97 2.94 -3.96
CA LYS E 65 -38.08 4.01 -4.92
C LYS E 65 -38.48 5.31 -4.21
N PRO E 66 -37.76 6.41 -4.42
CA PRO E 66 -38.14 7.67 -3.77
C PRO E 66 -39.44 8.21 -4.36
N SER E 67 -40.13 8.99 -3.54
CA SER E 67 -41.42 9.53 -3.96
C SER E 67 -41.25 10.57 -5.07
N TYR E 68 -40.30 11.48 -4.91
CA TYR E 68 -40.19 12.62 -5.82
C TYR E 68 -39.63 12.22 -7.17
N CYS E 69 -38.90 11.10 -7.25
CA CYS E 69 -38.28 10.72 -8.50
C CYS E 69 -39.35 10.36 -9.53
N THR E 70 -39.04 10.64 -10.80
CA THR E 70 -39.93 10.32 -11.90
C THR E 70 -39.46 9.12 -12.71
N GLN E 71 -38.16 8.96 -12.90
CA GLN E 71 -37.61 7.82 -13.60
C GLN E 71 -36.64 7.09 -12.68
N PHE E 72 -36.74 5.76 -12.70
CA PHE E 72 -35.90 4.91 -11.87
C PHE E 72 -35.04 4.03 -12.77
N ILE E 73 -33.73 4.00 -12.49
CA ILE E 73 -32.77 3.29 -13.32
C ILE E 73 -31.96 2.37 -12.42
N ASP E 74 -32.20 1.06 -12.54
CA ASP E 74 -31.46 0.06 -11.77
C ASP E 74 -30.19 -0.28 -12.55
N ALA E 75 -29.12 0.43 -12.21
CA ALA E 75 -27.86 0.26 -12.92
C ALA E 75 -26.95 -0.79 -12.29
N THR E 76 -27.42 -1.47 -11.24
CA THR E 76 -26.55 -2.41 -10.54
C THR E 76 -26.20 -3.61 -11.40
N GLN E 77 -27.19 -4.21 -12.07
CA GLN E 77 -27.00 -5.46 -12.79
C GLN E 77 -26.72 -5.25 -14.28
N MET E 78 -26.47 -4.02 -14.71
CA MET E 78 -26.42 -3.66 -16.11
C MET E 78 -25.20 -2.78 -16.37
N ASP E 79 -24.56 -3.02 -17.52
CA ASP E 79 -23.19 -2.58 -17.74
C ASP E 79 -23.13 -1.08 -18.04
N PHE E 80 -21.90 -0.57 -18.24
CA PHE E 80 -21.70 0.87 -18.31
C PHE E 80 -22.20 1.48 -19.62
N VAL E 81 -21.90 0.83 -20.74
CA VAL E 81 -22.24 1.43 -22.04
C VAL E 81 -23.75 1.52 -22.21
N HIS E 82 -24.46 0.45 -21.88
CA HIS E 82 -25.92 0.50 -21.93
C HIS E 82 -26.47 1.46 -20.89
N LEU E 83 -25.77 1.65 -19.77
CA LEU E 83 -26.20 2.62 -18.79
C LEU E 83 -26.14 4.03 -19.36
N VAL E 84 -25.04 4.36 -20.03
CA VAL E 84 -24.92 5.67 -20.65
C VAL E 84 -25.97 5.84 -21.73
N LYS E 85 -26.24 4.77 -22.49
CA LYS E 85 -27.30 4.81 -23.49
C LYS E 85 -28.64 5.11 -22.84
N GLN E 86 -28.93 4.48 -21.71
CA GLN E 86 -30.19 4.71 -21.01
C GLN E 86 -30.31 6.15 -20.54
N ILE E 87 -29.23 6.69 -19.94
CA ILE E 87 -29.26 8.07 -19.48
C ILE E 87 -29.49 9.01 -20.65
N ILE E 88 -28.79 8.79 -21.76
CA ILE E 88 -28.94 9.65 -22.91
C ILE E 88 -30.37 9.58 -23.46
N SER E 89 -30.92 8.37 -23.52
CA SER E 89 -32.28 8.21 -24.05
C SER E 89 -33.29 8.93 -23.17
N TYR E 90 -33.16 8.82 -21.85
CA TYR E 90 -34.10 9.52 -20.98
C TYR E 90 -33.82 11.01 -20.88
N LEU E 91 -32.66 11.47 -21.32
CA LEU E 91 -32.33 12.88 -21.30
C LEU E 91 -33.10 13.62 -22.39
N PRO E 92 -33.23 14.94 -22.28
CA PRO E 92 -33.88 15.71 -23.34
C PRO E 92 -33.09 15.73 -24.64
N ALA E 93 -33.56 16.50 -25.61
CA ALA E 93 -32.89 16.59 -26.90
C ALA E 93 -31.51 17.21 -26.74
N ALA E 94 -30.69 17.07 -27.78
CA ALA E 94 -29.35 17.63 -27.77
C ALA E 94 -29.39 19.15 -27.66
N THR E 95 -30.29 19.78 -28.42
CA THR E 95 -30.41 21.24 -28.44
C THR E 95 -31.87 21.61 -28.56
N ALA E 96 -32.37 22.36 -27.56
CA ALA E 96 -33.73 22.88 -27.59
C ALA E 96 -33.76 24.09 -26.66
N THR E 97 -33.95 25.28 -27.23
CA THR E 97 -33.86 26.50 -26.44
C THR E 97 -34.93 26.56 -25.37
N GLN E 98 -36.16 26.13 -25.68
CA GLN E 98 -37.28 26.21 -24.74
C GLN E 98 -37.53 24.88 -24.04
N ALA E 99 -36.49 24.10 -23.77
CA ALA E 99 -36.64 22.83 -23.06
C ALA E 99 -36.45 23.04 -21.57
N LYS E 100 -37.27 22.34 -20.78
CA LYS E 100 -37.20 22.44 -19.33
C LYS E 100 -35.94 21.76 -18.80
N LYS E 101 -35.37 22.36 -17.76
CA LYS E 101 -34.17 21.80 -17.15
C LYS E 101 -34.49 20.48 -16.46
N HIS E 102 -33.52 19.56 -16.53
CA HIS E 102 -33.68 18.25 -15.91
C HIS E 102 -32.79 18.12 -14.69
N MET E 103 -33.13 17.18 -13.80
CA MET E 103 -32.35 16.95 -12.60
C MET E 103 -31.92 15.48 -12.60
N VAL E 104 -30.64 15.24 -12.34
CA VAL E 104 -30.08 13.89 -12.29
C VAL E 104 -29.48 13.68 -10.91
N ILE E 105 -29.89 12.60 -10.25
CA ILE E 105 -29.39 12.23 -8.93
C ILE E 105 -28.81 10.83 -9.01
N ILE E 106 -27.60 10.66 -8.52
CA ILE E 106 -26.94 9.36 -8.43
C ILE E 106 -26.66 9.06 -6.96
N ASP E 107 -27.09 7.89 -6.50
CA ASP E 107 -27.00 7.57 -5.09
C ASP E 107 -25.55 7.50 -4.62
N SER E 108 -24.69 6.86 -5.41
CA SER E 108 -23.31 6.63 -4.99
C SER E 108 -22.39 6.58 -6.20
N LEU E 109 -21.25 7.23 -6.10
CA LEU E 109 -20.25 7.23 -7.16
C LEU E 109 -19.09 6.27 -6.90
N ASN E 110 -19.21 5.42 -5.90
CA ASN E 110 -18.12 4.51 -5.57
C ASN E 110 -18.11 3.27 -6.42
N TYR E 111 -19.04 3.10 -7.36
CA TYR E 111 -19.14 1.88 -8.14
C TYR E 111 -18.62 2.03 -9.56
N ILE E 112 -17.95 3.14 -9.89
CA ILE E 112 -17.45 3.37 -11.23
C ILE E 112 -15.92 3.41 -11.17
N SER E 113 -15.28 2.67 -12.05
CA SER E 113 -13.83 2.64 -12.09
C SER E 113 -13.27 4.01 -12.45
N THR E 114 -12.04 4.27 -11.99
CA THR E 114 -11.47 5.59 -12.16
C THR E 114 -11.26 5.93 -13.63
N GLU E 115 -10.91 4.93 -14.45
CA GLU E 115 -10.62 5.18 -15.86
C GLU E 115 -11.87 5.48 -16.68
N TYR E 116 -13.03 5.66 -16.06
CA TYR E 116 -14.26 5.95 -16.77
C TYR E 116 -14.97 7.20 -16.29
N ILE E 117 -14.53 7.77 -15.17
CA ILE E 117 -15.27 8.88 -14.55
C ILE E 117 -15.28 10.10 -15.47
N THR E 118 -14.11 10.45 -16.01
CA THR E 118 -14.02 11.64 -16.85
C THR E 118 -14.86 11.49 -18.11
N ARG E 119 -14.78 10.33 -18.76
CA ARG E 119 -15.56 10.09 -19.98
C ARG E 119 -17.05 10.12 -19.67
N PHE E 120 -17.46 9.48 -18.58
CA PHE E 120 -18.87 9.45 -18.21
C PHE E 120 -19.39 10.85 -17.93
N LEU E 121 -18.61 11.64 -17.18
CA LEU E 121 -19.01 13.00 -16.85
C LEU E 121 -19.10 13.86 -18.10
N SER E 122 -18.14 13.71 -19.02
CA SER E 122 -18.20 14.46 -20.27
C SER E 122 -19.41 14.08 -21.10
N GLU E 123 -19.71 12.78 -21.21
CA GLU E 123 -20.80 12.32 -22.05
C GLU E 123 -22.17 12.68 -21.50
N ILE E 124 -22.37 12.60 -20.19
CA ILE E 124 -23.68 12.87 -19.61
C ILE E 124 -23.93 14.36 -19.53
N ALA E 125 -22.86 15.15 -19.41
CA ALA E 125 -23.01 16.59 -19.26
C ALA E 125 -23.71 17.20 -20.47
N SER E 126 -24.58 18.18 -20.20
CA SER E 126 -25.34 18.89 -21.22
C SER E 126 -25.91 20.17 -20.64
N PRO E 127 -26.09 21.22 -21.44
CA PRO E 127 -26.65 22.47 -20.91
C PRO E 127 -28.07 22.34 -20.40
N HIS E 128 -28.82 21.34 -20.86
CA HIS E 128 -30.21 21.17 -20.46
C HIS E 128 -30.35 20.68 -19.02
N CYS E 129 -29.46 19.79 -18.59
CA CYS E 129 -29.62 19.10 -17.32
C CYS E 129 -28.41 19.30 -16.42
N THR E 130 -28.67 19.24 -15.11
CA THR E 130 -27.62 19.29 -14.10
C THR E 130 -27.63 18.00 -13.30
N MET E 131 -26.44 17.59 -12.85
CA MET E 131 -26.27 16.34 -12.13
C MET E 131 -25.79 16.62 -10.71
N VAL E 132 -26.47 16.01 -9.74
CA VAL E 132 -26.02 15.98 -8.35
C VAL E 132 -25.60 14.54 -8.07
N ALA E 133 -24.63 14.37 -7.18
CA ALA E 133 -24.05 13.07 -6.93
C ALA E 133 -23.54 12.98 -5.50
N THR E 134 -23.36 11.74 -5.03
CA THR E 134 -22.87 11.47 -3.69
C THR E 134 -21.70 10.52 -3.77
N TYR E 135 -20.67 10.81 -2.97
CA TYR E 135 -19.51 9.93 -2.85
C TYR E 135 -19.29 9.63 -1.38
N HIS E 136 -19.12 8.35 -1.05
CA HIS E 136 -18.97 7.93 0.33
C HIS E 136 -17.50 8.01 0.72
N LYS E 137 -17.17 8.85 1.69
CA LYS E 137 -15.78 9.04 2.08
C LYS E 137 -15.18 7.78 2.68
N ASP E 138 -15.95 7.07 3.52
CA ASP E 138 -15.41 5.91 4.22
C ASP E 138 -15.12 4.73 3.31
N ILE E 139 -15.91 4.54 2.25
CA ILE E 139 -15.67 3.43 1.34
C ILE E 139 -14.35 3.65 0.60
N LYS E 140 -13.55 2.60 0.53
CA LYS E 140 -12.28 2.62 -0.17
C LYS E 140 -12.36 1.72 -1.39
N ASP E 141 -11.95 2.23 -2.54
CA ASP E 141 -12.04 1.48 -3.79
C ASP E 141 -10.99 0.37 -3.80
N GLU E 142 -11.01 -0.44 -4.85
CA GLU E 142 -10.09 -1.55 -5.02
C GLU E 142 -9.04 -1.15 -6.05
N ASN E 143 -7.78 -1.39 -5.72
CA ASN E 143 -6.66 -1.06 -6.62
C ASN E 143 -5.80 -2.27 -6.95
N ARG E 144 -6.14 -3.44 -6.42
CA ARG E 144 -5.37 -4.66 -6.66
C ARG E 144 -6.00 -5.55 -7.72
N THR E 145 -7.06 -5.08 -8.38
CA THR E 145 -7.70 -5.86 -9.44
C THR E 145 -6.74 -6.10 -10.60
N VAL E 146 -6.03 -5.05 -11.00
CA VAL E 146 -4.99 -5.15 -12.02
C VAL E 146 -3.96 -4.06 -11.75
N ILE E 147 -2.69 -4.45 -11.76
CA ILE E 147 -1.60 -3.56 -11.42
C ILE E 147 -0.82 -3.22 -12.69
N PRO E 148 -0.92 -1.99 -13.20
CA PRO E 148 -0.07 -1.56 -14.33
C PRO E 148 1.36 -1.31 -13.88
N ASP E 149 2.15 -0.67 -14.75
CA ASP E 149 3.52 -0.29 -14.42
C ASP E 149 3.60 0.33 -13.04
N TRP E 150 4.76 0.22 -12.40
CA TRP E 150 4.93 0.27 -10.94
C TRP E 150 3.97 1.26 -10.28
N ASN E 151 3.83 2.45 -10.87
CA ASN E 151 2.77 3.37 -10.45
C ASN E 151 2.09 3.92 -11.70
N ASN E 152 0.77 3.91 -11.69
CA ASN E 152 -0.02 4.45 -12.80
C ASN E 152 -0.12 5.97 -12.76
N ASN E 153 0.19 6.60 -11.62
CA ASN E 153 0.30 8.05 -11.49
C ASN E 153 -1.03 8.76 -11.63
N TYR E 154 -2.08 8.03 -11.96
CA TYR E 154 -3.41 8.63 -12.05
C TYR E 154 -3.90 8.98 -10.66
N PRO E 155 -4.51 10.15 -10.46
CA PRO E 155 -4.96 10.53 -9.12
C PRO E 155 -6.10 9.65 -8.65
N ASP E 156 -6.34 9.68 -7.34
CA ASP E 156 -7.39 8.89 -6.74
C ASP E 156 -8.77 9.39 -7.19
N LYS E 157 -9.81 8.66 -6.81
CA LYS E 157 -11.17 9.05 -7.16
C LYS E 157 -11.54 10.39 -6.53
N LEU E 158 -11.36 10.51 -5.23
CA LEU E 158 -11.83 11.70 -4.51
C LEU E 158 -11.19 12.97 -5.07
N THR E 159 -9.87 12.94 -5.28
CA THR E 159 -9.21 14.11 -5.83
C THR E 159 -9.72 14.43 -7.22
N LEU E 160 -9.99 13.40 -8.02
CA LEU E 160 -10.50 13.64 -9.37
C LEU E 160 -11.84 14.33 -9.35
N LEU E 161 -12.79 13.83 -8.56
CA LEU E 161 -14.09 14.50 -8.49
C LEU E 161 -13.99 15.89 -7.88
N GLN E 162 -13.17 16.06 -6.84
CA GLN E 162 -13.01 17.39 -6.26
C GLN E 162 -12.44 18.36 -7.28
N PHE E 163 -11.62 17.87 -8.20
CA PHE E 163 -11.09 18.74 -9.25
C PHE E 163 -12.15 19.05 -10.30
N MET E 164 -12.94 18.05 -10.70
CA MET E 164 -13.84 18.23 -11.82
C MET E 164 -15.23 18.69 -11.41
N ALA E 165 -15.44 18.98 -10.13
CA ALA E 165 -16.76 19.43 -9.69
C ALA E 165 -16.85 20.95 -9.74
N THR E 166 -18.07 21.45 -9.53
CA THR E 166 -18.33 22.88 -9.48
C THR E 166 -18.75 23.37 -8.11
N THR E 167 -19.25 22.50 -7.24
CA THR E 167 -19.62 22.87 -5.89
C THR E 167 -19.44 21.67 -4.99
N ILE E 168 -18.80 21.88 -3.84
CA ILE E 168 -18.45 20.81 -2.92
C ILE E 168 -19.29 20.96 -1.66
N VAL E 169 -19.98 19.89 -1.27
CA VAL E 169 -20.83 19.87 -0.09
C VAL E 169 -20.33 18.76 0.83
N ASP E 170 -20.02 19.12 2.07
CA ASP E 170 -19.51 18.18 3.05
C ASP E 170 -20.47 18.12 4.24
N ILE E 171 -20.92 16.92 4.57
CA ILE E 171 -21.92 16.73 5.61
C ILE E 171 -21.26 16.14 6.85
N ASP E 172 -21.53 16.74 8.00
CA ASP E 172 -20.92 16.32 9.25
C ASP E 172 -21.97 16.29 10.35
N VAL E 173 -21.73 15.47 11.36
CA VAL E 173 -22.66 15.30 12.46
C VAL E 173 -22.32 16.32 13.55
N VAL E 174 -23.33 16.65 14.36
CA VAL E 174 -23.18 17.56 15.49
C VAL E 174 -23.53 16.79 16.75
N LEU E 175 -22.61 16.81 17.72
CA LEU E 175 -22.73 16.01 18.92
C LEU E 175 -23.48 16.77 20.01
N THR E 176 -24.46 16.10 20.61
CA THR E 176 -25.23 16.67 21.71
C THR E 176 -24.91 16.03 23.05
N GLY E 177 -24.24 14.87 23.07
CA GLY E 177 -23.93 14.19 24.30
C GLY E 177 -22.65 14.66 24.93
N THR E 178 -22.06 13.80 25.75
CA THR E 178 -20.83 14.12 26.48
C THR E 178 -19.60 13.48 25.86
N LEU E 179 -19.68 13.01 24.62
CA LEU E 179 -18.58 12.34 23.96
C LEU E 179 -17.82 13.32 23.08
N ASP E 180 -16.50 13.32 23.22
CA ASP E 180 -15.66 14.15 22.37
C ASP E 180 -15.63 13.60 20.95
N THR E 181 -15.21 14.44 20.01
CA THR E 181 -15.09 14.00 18.63
C THR E 181 -14.06 12.89 18.48
N GLU E 182 -12.96 12.99 19.23
CA GLU E 182 -11.88 12.01 19.09
C GLU E 182 -12.35 10.61 19.48
N GLU E 183 -12.96 10.49 20.66
CA GLU E 183 -13.44 9.17 21.09
C GLU E 183 -14.54 8.65 20.18
N VAL E 184 -15.36 9.55 19.64
CA VAL E 184 -16.37 9.13 18.66
C VAL E 184 -15.69 8.53 17.43
N SER E 185 -14.63 9.17 16.96
CA SER E 185 -13.91 8.65 15.80
C SER E 185 -13.30 7.28 16.09
N GLU E 186 -12.72 7.12 17.29
CA GLU E 186 -12.15 5.82 17.64
C GLU E 186 -13.23 4.75 17.71
N LEU E 187 -14.37 5.08 18.32
CA LEU E 187 -15.47 4.12 18.41
C LEU E 187 -15.95 3.71 17.03
N LEU E 188 -16.08 4.67 16.12
CA LEU E 188 -16.48 4.33 14.76
C LEU E 188 -15.43 3.48 14.06
N ASN E 189 -14.15 3.79 14.29
CA ASN E 189 -13.09 3.02 13.65
C ASN E 189 -13.10 1.57 14.12
N GLU E 190 -13.35 1.32 15.40
CA GLU E 190 -13.44 -0.04 15.91
C GLU E 190 -14.87 -0.57 15.89
N PHE E 191 -15.80 0.17 15.30
CA PHE E 191 -17.15 -0.29 15.03
C PHE E 191 -17.92 -0.61 16.32
N ARG E 192 -17.86 0.32 17.27
CA ARG E 192 -18.72 0.29 18.46
C ARG E 192 -19.58 1.54 18.39
N ILE E 193 -20.72 1.42 17.72
CA ILE E 193 -21.52 2.60 17.38
C ILE E 193 -22.13 3.18 18.65
N PRO E 194 -21.91 4.45 18.94
CA PRO E 194 -22.53 5.09 20.09
C PRO E 194 -23.90 5.66 19.73
N ARG E 195 -24.51 6.32 20.70
CA ARG E 195 -25.80 6.95 20.51
C ARG E 195 -25.64 8.45 20.26
N GLY E 196 -26.50 8.98 19.40
CA GLY E 196 -26.46 10.40 19.08
C GLY E 196 -25.86 10.68 17.72
N LEU E 197 -26.19 9.84 16.74
CA LEU E 197 -25.70 10.00 15.39
C LEU E 197 -26.87 10.09 14.43
N ASN E 198 -26.60 10.60 13.22
CA ASN E 198 -27.61 10.77 12.19
C ASN E 198 -28.76 11.65 12.68
N ASN E 199 -28.42 12.69 13.44
CA ASN E 199 -29.44 13.59 13.95
C ASN E 199 -30.07 14.39 12.81
N ASP E 200 -31.19 15.02 13.09
CA ASP E 200 -31.87 15.85 12.11
C ASP E 200 -31.25 17.23 11.97
N ILE E 201 -30.37 17.61 12.89
CA ILE E 201 -29.64 18.87 12.82
C ILE E 201 -28.17 18.53 12.63
N PHE E 202 -27.61 18.92 11.49
CA PHE E 202 -26.22 18.59 11.18
C PHE E 202 -25.49 19.83 10.68
N GLN E 203 -24.20 19.64 10.36
CA GLN E 203 -23.34 20.72 9.93
C GLN E 203 -22.93 20.50 8.48
N LEU E 204 -22.82 21.60 7.74
CA LEU E 204 -22.50 21.54 6.32
C LEU E 204 -21.33 22.47 6.03
N ARG E 205 -20.43 21.99 5.16
CA ARG E 205 -19.35 22.80 4.62
C ARG E 205 -19.60 22.98 3.14
N LEU E 206 -19.66 24.24 2.71
CA LEU E 206 -20.00 24.60 1.34
C LEU E 206 -18.81 25.24 0.67
N VAL E 207 -18.49 24.79 -0.55
CA VAL E 207 -17.42 25.35 -1.35
C VAL E 207 -17.99 25.64 -2.73
N ASN E 208 -17.88 26.89 -3.17
CA ASN E 208 -18.36 27.31 -4.48
C ASN E 208 -17.20 27.80 -5.33
N LYS E 209 -17.12 27.30 -6.56
CA LYS E 209 -16.05 27.65 -7.48
C LYS E 209 -16.42 28.95 -8.20
N ARG E 210 -15.71 30.02 -7.88
CA ARG E 210 -15.93 31.29 -8.56
C ARG E 210 -15.51 31.17 -10.02
N LYS E 211 -16.15 31.98 -10.87
CA LYS E 211 -15.86 31.94 -12.30
C LYS E 211 -14.42 32.31 -12.58
N SER E 212 -13.92 33.37 -11.94
CA SER E 212 -12.59 33.86 -12.21
C SER E 212 -11.76 33.84 -10.93
N GLY E 213 -11.15 32.70 -10.66
CA GLY E 213 -10.13 32.58 -9.65
C GLY E 213 -10.59 31.80 -8.43
N ARG E 214 -10.24 32.35 -7.26
CA ARG E 214 -10.34 31.64 -6.00
C ARG E 214 -11.80 31.31 -5.66
N SER E 215 -12.00 30.16 -5.04
CA SER E 215 -13.30 29.71 -4.61
C SER E 215 -13.66 30.31 -3.24
N LEU E 216 -14.91 30.11 -2.84
CA LEU E 216 -15.39 30.61 -1.55
C LEU E 216 -15.94 29.45 -0.72
N GLU E 217 -15.61 29.45 0.56
CA GLU E 217 -16.03 28.38 1.45
C GLU E 217 -16.71 28.96 2.68
N TYR E 218 -17.67 28.20 3.20
CA TYR E 218 -18.47 28.64 4.33
C TYR E 218 -18.92 27.42 5.13
N ASP E 219 -19.36 27.66 6.36
CA ASP E 219 -19.89 26.63 7.24
C ASP E 219 -21.30 27.01 7.68
N PHE E 220 -22.14 26.01 7.89
CA PHE E 220 -23.53 26.24 8.24
C PHE E 220 -24.05 25.12 9.12
N ILE E 221 -25.13 25.42 9.83
CA ILE E 221 -25.87 24.44 10.62
C ILE E 221 -27.27 24.34 10.03
N VAL E 222 -27.67 23.13 9.66
CA VAL E 222 -28.92 22.91 8.95
C VAL E 222 -29.79 21.97 9.77
N ASN E 223 -31.05 22.38 9.98
CA ASN E 223 -32.07 21.55 10.59
C ASN E 223 -33.06 21.09 9.53
N SER E 224 -33.35 19.80 9.50
CA SER E 224 -34.22 19.23 8.49
C SER E 224 -35.70 19.33 8.83
N ASN E 225 -36.05 19.79 10.03
CA ASN E 225 -37.45 19.93 10.39
C ASN E 225 -37.98 21.33 10.08
N THR E 226 -37.30 22.37 10.56
CA THR E 226 -37.74 23.74 10.34
C THR E 226 -37.32 24.28 8.99
N HIS E 227 -36.38 23.62 8.31
CA HIS E 227 -35.86 24.09 7.02
C HIS E 227 -35.28 25.49 7.14
N GLU E 228 -34.67 25.79 8.28
CA GLU E 228 -34.10 27.11 8.55
C GLU E 228 -32.58 27.00 8.61
N TYR E 229 -31.92 27.41 7.54
CA TYR E 229 -30.47 27.38 7.50
C TYR E 229 -29.91 28.64 8.16
N GLU E 230 -28.92 28.46 9.02
CA GLU E 230 -28.26 29.56 9.71
C GLU E 230 -26.75 29.43 9.51
N LEU E 231 -26.03 30.51 9.78
CA LEU E 231 -24.58 30.55 9.60
C LEU E 231 -23.90 30.46 10.95
N LEU E 232 -22.97 29.52 11.08
CA LEU E 232 -22.15 29.40 12.28
C LEU E 232 -20.90 30.24 12.09
N SER E 233 -20.61 31.08 13.08
CA SER E 233 -19.44 31.96 13.02
C SER E 233 -18.16 31.13 13.09
N SER F 3 39.26 37.92 5.30
CA SER F 3 38.09 37.04 5.28
C SER F 3 38.48 35.60 5.56
N VAL F 4 37.70 34.67 5.01
CA VAL F 4 38.00 33.25 5.19
C VAL F 4 39.21 32.86 4.34
N GLN F 5 39.76 31.70 4.65
CA GLN F 5 40.97 31.23 3.98
C GLN F 5 40.61 30.19 2.92
N ARG F 6 41.17 30.37 1.73
CA ARG F 6 40.98 29.39 0.65
C ARG F 6 41.62 28.06 1.04
N GLN F 7 40.97 26.98 0.63
CA GLN F 7 41.44 25.63 0.93
C GLN F 7 41.63 24.86 -0.36
N ASP F 8 42.18 23.66 -0.25
CA ASP F 8 42.43 22.80 -1.39
C ASP F 8 41.73 21.46 -1.21
N LEU F 9 41.17 20.96 -2.29
CA LEU F 9 40.43 19.70 -2.26
C LEU F 9 41.35 18.53 -2.02
N VAL F 10 40.90 17.60 -1.17
CA VAL F 10 41.65 16.38 -0.89
C VAL F 10 40.65 15.27 -0.65
N LEU F 11 41.00 14.05 -1.06
CA LEU F 11 40.12 12.90 -0.91
C LEU F 11 40.71 11.81 -0.03
N PHE F 12 41.93 11.37 -0.29
CA PHE F 12 42.50 10.21 0.35
C PHE F 12 43.70 10.59 1.21
N SER F 13 44.21 9.59 1.93
CA SER F 13 45.26 9.83 2.92
C SER F 13 46.57 10.28 2.28
N ASP F 14 46.85 9.87 1.04
CA ASP F 14 48.05 10.27 0.36
C ASP F 14 47.93 11.64 -0.31
N GLN F 15 46.96 12.45 0.12
CA GLN F 15 46.74 13.80 -0.36
C GLN F 15 46.49 13.88 -1.86
N SER F 16 46.07 12.78 -2.47
CA SER F 16 45.82 12.74 -3.91
C SER F 16 44.33 12.54 -4.17
N VAL F 17 43.76 13.42 -4.97
CA VAL F 17 42.33 13.35 -5.30
C VAL F 17 42.02 12.12 -6.12
N LEU F 18 42.79 11.87 -7.18
CA LEU F 18 42.57 10.73 -8.06
C LEU F 18 43.92 10.06 -8.32
N PRO F 19 44.45 9.35 -7.34
CA PRO F 19 45.77 8.73 -7.51
C PRO F 19 45.77 7.73 -8.65
N ALA F 20 46.89 7.70 -9.38
CA ALA F 20 46.95 6.97 -10.64
C ALA F 20 47.16 5.48 -10.47
N HIS F 21 47.61 5.03 -9.29
CA HIS F 21 47.91 3.61 -9.14
C HIS F 21 46.67 2.75 -9.31
N PHE F 22 45.48 3.33 -9.16
CA PHE F 22 44.23 2.61 -9.39
C PHE F 22 44.23 1.99 -10.79
N PHE F 23 44.93 2.62 -11.73
CA PHE F 23 44.99 2.10 -13.09
C PHE F 23 46.07 1.05 -13.25
N GLN F 24 47.19 1.17 -12.54
CA GLN F 24 48.27 0.22 -12.72
C GLN F 24 47.90 -1.16 -12.18
N ASP F 25 47.17 -1.18 -11.07
CA ASP F 25 46.72 -2.45 -10.52
C ASP F 25 45.74 -3.09 -11.49
N SER F 26 45.89 -4.40 -11.68
CA SER F 26 45.08 -5.14 -12.63
C SER F 26 43.97 -5.90 -11.92
N ASN F 27 42.78 -5.88 -12.51
CA ASN F 27 41.59 -6.53 -11.97
C ASN F 27 41.24 -5.97 -10.59
N SER F 28 40.97 -4.66 -10.58
CA SER F 28 40.55 -3.98 -9.35
C SER F 28 39.61 -2.85 -9.78
N HIS F 29 38.31 -3.12 -9.78
CA HIS F 29 37.30 -2.17 -10.22
C HIS F 29 36.81 -1.35 -9.03
N ASN F 30 36.56 -0.07 -9.26
CA ASN F 30 36.15 0.84 -8.21
C ASN F 30 35.04 1.75 -8.71
N LEU F 31 34.27 2.26 -7.75
CA LEU F 31 33.09 3.07 -8.05
C LEU F 31 33.11 4.34 -7.23
N PHE F 32 32.60 5.42 -7.83
CA PHE F 32 32.38 6.69 -7.17
C PHE F 32 30.92 7.06 -7.28
N PHE F 33 30.35 7.64 -6.23
CA PHE F 33 28.94 8.01 -6.22
C PHE F 33 28.82 9.49 -5.88
N ILE F 34 28.50 10.31 -6.87
CA ILE F 34 28.27 11.73 -6.68
C ILE F 34 26.77 11.97 -6.76
N THR F 35 26.17 12.35 -5.64
CA THR F 35 24.75 12.64 -5.57
C THR F 35 24.55 14.12 -5.29
N HIS F 36 23.51 14.70 -5.88
CA HIS F 36 23.29 16.13 -5.74
C HIS F 36 21.79 16.40 -5.79
N GLN F 37 21.42 17.57 -5.26
CA GLN F 37 20.05 18.04 -5.40
C GLN F 37 19.90 18.81 -6.69
N SER F 38 18.64 19.13 -7.03
CA SER F 38 18.37 19.82 -8.28
C SER F 38 18.89 21.25 -8.31
N CYS F 39 19.18 21.85 -7.17
CA CYS F 39 19.62 23.23 -7.10
C CYS F 39 21.11 23.37 -6.86
N THR F 40 21.88 22.29 -7.00
CA THR F 40 23.31 22.30 -6.73
C THR F 40 24.06 21.54 -7.82
N GLN F 41 23.78 21.89 -9.08
CA GLN F 41 24.26 21.14 -10.24
C GLN F 41 25.78 20.97 -10.23
N PRO F 42 26.27 19.74 -10.39
CA PRO F 42 27.71 19.45 -10.26
C PRO F 42 28.46 19.50 -11.58
N LEU F 43 28.46 20.66 -12.24
CA LEU F 43 29.35 20.83 -13.39
C LEU F 43 30.80 20.93 -12.95
N TRP F 44 31.07 21.77 -11.95
CA TRP F 44 32.45 22.01 -11.56
C TRP F 44 33.10 20.74 -11.02
N MET F 45 32.35 19.92 -10.29
CA MET F 45 32.92 18.68 -9.76
C MET F 45 33.38 17.77 -10.88
N ILE F 46 32.51 17.52 -11.86
CA ILE F 46 32.87 16.64 -12.97
C ILE F 46 34.03 17.21 -13.76
N ASN F 47 33.98 18.52 -14.03
CA ASN F 47 35.05 19.14 -14.81
C ASN F 47 36.38 19.04 -14.08
N ALA F 48 36.39 19.30 -12.77
CA ALA F 48 37.62 19.20 -12.00
C ALA F 48 38.12 17.77 -11.97
N LEU F 49 37.22 16.80 -11.89
CA LEU F 49 37.63 15.40 -11.88
C LEU F 49 38.30 15.02 -13.20
N VAL F 50 37.70 15.41 -14.32
CA VAL F 50 38.29 15.09 -15.62
C VAL F 50 39.63 15.82 -15.78
N GLU F 51 39.69 17.07 -15.33
CA GLU F 51 40.93 17.83 -15.42
C GLU F 51 42.03 17.19 -14.57
N THR F 52 41.67 16.69 -13.39
CA THR F 52 42.64 16.00 -12.56
C THR F 52 43.13 14.72 -13.21
N HIS F 53 42.22 13.96 -13.83
CA HIS F 53 42.64 12.72 -14.47
C HIS F 53 43.56 12.99 -15.64
N VAL F 54 43.25 14.00 -16.46
CA VAL F 54 44.03 14.21 -17.68
C VAL F 54 45.27 15.06 -17.39
N LEU F 55 45.08 16.29 -16.92
CA LEU F 55 46.17 17.20 -16.65
C LEU F 55 46.93 16.89 -15.37
N GLY F 56 46.43 15.97 -14.54
CA GLY F 56 47.15 15.55 -13.36
C GLY F 56 46.93 16.38 -12.12
N SER F 57 46.04 17.36 -12.14
CA SER F 57 45.79 18.19 -10.97
C SER F 57 44.45 18.89 -11.14
N PRO F 58 43.71 19.11 -10.06
CA PRO F 58 42.48 19.92 -10.13
C PRO F 58 42.78 21.42 -10.10
N SER F 59 43.41 21.91 -11.17
CA SER F 59 43.91 23.29 -11.19
C SER F 59 42.77 24.29 -11.08
N SER F 60 41.55 23.88 -11.46
CA SER F 60 40.42 24.81 -11.43
C SER F 60 40.11 25.26 -10.01
N LEU F 61 40.15 24.32 -9.06
CA LEU F 61 39.71 24.64 -7.70
C LEU F 61 40.87 25.04 -6.80
N ASN F 62 41.98 24.29 -6.86
CA ASN F 62 43.08 24.55 -5.94
C ASN F 62 43.95 25.73 -6.35
N GLU F 63 43.46 26.57 -7.27
CA GLU F 63 44.13 27.81 -7.71
C GLU F 63 45.62 27.59 -7.99
N SER F 64 45.92 26.41 -8.55
CA SER F 64 47.28 26.04 -8.92
C SER F 64 48.23 26.13 -7.73
N SER F 65 47.77 25.72 -6.56
CA SER F 65 48.59 25.79 -5.36
C SER F 65 49.50 24.61 -5.21
N SER F 66 49.48 23.67 -6.15
CA SER F 66 50.28 22.46 -6.03
C SER F 66 50.99 22.18 -7.34
N SER F 67 52.10 21.47 -7.24
CA SER F 67 52.88 21.09 -8.41
C SER F 67 52.17 20.00 -9.20
N MET F 68 52.45 19.97 -10.50
CA MET F 68 51.79 19.03 -11.40
C MET F 68 52.34 17.62 -11.18
N LEU F 69 51.43 16.64 -11.29
CA LEU F 69 51.66 15.21 -11.19
C LEU F 69 51.66 14.61 -12.60
N PRO F 70 52.65 13.79 -12.95
CA PRO F 70 52.73 13.28 -14.33
C PRO F 70 51.45 12.59 -14.77
N SER F 71 51.01 12.94 -15.98
CA SER F 71 49.76 12.47 -16.56
C SER F 71 49.80 12.83 -18.05
N SER F 72 48.63 12.74 -18.71
CA SER F 72 48.39 13.14 -20.09
C SER F 72 49.05 12.22 -21.11
N THR F 73 49.73 11.17 -20.67
CA THR F 73 50.33 10.20 -21.59
C THR F 73 49.25 9.24 -22.04
N ARG F 74 48.54 9.65 -23.11
CA ARG F 74 47.54 8.81 -23.77
C ARG F 74 46.30 8.60 -22.89
N SER F 75 46.34 9.12 -21.66
CA SER F 75 45.23 8.97 -20.73
C SER F 75 43.93 9.50 -21.34
N HIS F 76 42.85 8.74 -21.14
CA HIS F 76 41.60 9.02 -21.83
C HIS F 76 40.47 9.04 -20.81
N ALA F 77 39.32 9.57 -21.24
CA ALA F 77 38.11 9.61 -20.43
C ALA F 77 36.90 9.43 -21.33
N VAL F 78 35.88 8.76 -20.82
CA VAL F 78 34.64 8.54 -21.54
C VAL F 78 33.49 9.10 -20.71
N LEU F 79 32.67 9.93 -21.34
CA LEU F 79 31.57 10.59 -20.67
C LEU F 79 30.28 10.33 -21.43
N ALA F 80 29.28 9.81 -20.74
CA ALA F 80 27.95 9.60 -21.30
C ALA F 80 26.91 10.12 -20.32
N SER F 81 25.80 10.62 -20.87
CA SER F 81 24.75 11.17 -20.04
C SER F 81 23.41 10.96 -20.71
N PHE F 82 22.37 10.81 -19.91
CA PHE F 82 21.01 10.64 -20.41
C PHE F 82 20.22 11.95 -20.41
N ILE F 83 20.86 13.07 -20.06
CA ILE F 83 20.15 14.34 -20.00
C ILE F 83 20.83 15.46 -20.79
N HIS F 84 22.12 15.37 -21.10
CA HIS F 84 22.79 16.32 -21.97
C HIS F 84 23.49 15.56 -23.09
N GLU F 85 23.32 16.02 -24.33
CA GLU F 85 23.59 15.10 -25.44
C GLU F 85 25.07 15.02 -25.82
N GLN F 86 25.62 16.04 -26.48
CA GLN F 86 27.04 16.06 -26.80
C GLN F 86 27.65 17.44 -26.60
N ASN F 87 26.91 18.47 -27.01
CA ASN F 87 27.48 19.80 -27.18
C ASN F 87 27.67 20.52 -25.85
N TYR F 88 26.84 20.22 -24.86
CA TYR F 88 26.96 20.86 -23.56
C TYR F 88 28.28 20.51 -22.91
N PHE F 89 28.67 19.23 -22.97
CA PHE F 89 29.96 18.82 -22.44
C PHE F 89 31.10 19.47 -23.20
N THR F 90 30.99 19.55 -24.52
CA THR F 90 32.05 20.13 -25.33
C THR F 90 32.24 21.60 -24.98
N ASN F 91 31.15 22.35 -24.87
CA ASN F 91 31.24 23.76 -24.53
C ASN F 91 31.78 23.97 -23.13
N SER F 92 31.36 23.15 -22.17
CA SER F 92 31.89 23.27 -20.83
C SER F 92 33.39 22.96 -20.79
N LEU F 93 33.82 21.96 -21.56
CA LEU F 93 35.21 21.53 -21.50
C LEU F 93 36.13 22.50 -22.20
N ASN F 94 35.66 23.11 -23.29
CA ASN F 94 36.54 23.97 -24.08
C ASN F 94 36.68 25.34 -23.44
N LYS F 95 36.99 25.34 -22.15
CA LYS F 95 37.42 26.53 -21.43
C LYS F 95 38.61 26.22 -20.53
N LEU F 96 39.05 24.97 -20.50
CA LEU F 96 40.23 24.57 -19.77
C LEU F 96 41.31 23.98 -20.67
N LYS F 97 41.20 24.17 -21.99
CA LYS F 97 42.19 23.73 -22.97
C LYS F 97 42.42 22.23 -22.96
N ILE F 98 41.38 21.45 -22.66
CA ILE F 98 41.55 19.99 -22.68
C ILE F 98 41.58 19.52 -24.13
N PRO F 99 42.59 18.75 -24.55
CA PRO F 99 42.64 18.28 -25.94
C PRO F 99 41.44 17.41 -26.28
N SER F 100 40.98 17.55 -27.52
CA SER F 100 39.81 16.80 -27.97
C SER F 100 40.10 15.33 -28.22
N ASN F 101 41.37 14.92 -28.20
CA ASN F 101 41.73 13.53 -28.47
C ASN F 101 41.80 12.70 -27.21
N ASN F 102 41.49 13.27 -26.05
CA ASN F 102 41.58 12.55 -24.80
C ASN F 102 40.23 12.22 -24.17
N TYR F 103 39.14 12.84 -24.61
CA TYR F 103 37.83 12.60 -24.06
C TYR F 103 36.86 12.21 -25.17
N ASN F 104 35.98 11.27 -24.89
CA ASN F 104 34.98 10.80 -25.85
C ASN F 104 33.61 10.88 -25.20
N VAL F 105 32.68 11.56 -25.87
CA VAL F 105 31.36 11.83 -25.31
C VAL F 105 30.33 11.02 -26.11
N LEU F 106 29.53 10.24 -25.40
CA LEU F 106 28.45 9.46 -25.99
C LEU F 106 27.13 10.18 -25.82
N ASP F 107 26.30 10.16 -26.86
CA ASP F 107 25.03 10.87 -26.87
C ASP F 107 23.92 9.88 -26.54
N PHE F 108 23.22 10.13 -25.44
CA PHE F 108 22.08 9.33 -25.02
C PHE F 108 20.86 10.21 -24.80
N LEU F 109 20.77 11.29 -25.54
CA LEU F 109 19.65 12.23 -25.46
C LEU F 109 18.91 12.38 -26.77
N SER F 110 19.63 12.49 -27.89
CA SER F 110 19.02 12.74 -29.18
C SER F 110 18.65 11.44 -29.87
N ASP F 111 17.43 11.40 -30.41
CA ASP F 111 16.89 10.26 -31.14
C ASP F 111 16.89 8.97 -30.33
N PHE F 112 16.98 9.08 -29.00
CA PHE F 112 17.05 7.89 -28.16
C PHE F 112 15.75 7.11 -28.21
N ILE F 113 14.62 7.79 -28.00
CA ILE F 113 13.34 7.10 -27.84
C ILE F 113 12.91 6.47 -29.16
N VAL F 114 13.06 7.20 -30.26
CA VAL F 114 12.61 6.70 -31.55
C VAL F 114 13.42 5.48 -31.97
N ASN F 115 14.73 5.57 -31.83
CA ASN F 115 15.60 4.51 -32.35
C ASN F 115 15.91 3.43 -31.32
N ASN F 116 15.38 3.52 -30.10
CA ASN F 116 15.73 2.54 -29.08
C ASN F 116 14.55 1.85 -28.44
N ILE F 117 13.44 2.55 -28.22
CA ILE F 117 12.36 2.06 -27.38
C ILE F 117 11.22 1.49 -28.20
N HIS F 118 10.80 2.18 -29.26
CA HIS F 118 9.63 1.76 -30.01
C HIS F 118 9.93 0.51 -30.81
N ASN F 119 9.09 -0.52 -30.63
CA ASN F 119 9.20 -1.79 -31.34
C ASN F 119 10.53 -2.50 -31.03
N LYS F 120 10.90 -2.51 -29.74
CA LYS F 120 12.07 -3.25 -29.29
C LYS F 120 11.82 -3.75 -27.87
N PRO F 121 12.14 -5.00 -27.58
CA PRO F 121 12.00 -5.50 -26.20
C PRO F 121 13.14 -5.02 -25.32
N ARG F 122 12.91 -5.14 -24.01
CA ARG F 122 13.81 -4.55 -23.03
C ARG F 122 15.21 -5.15 -23.11
N ASP F 123 15.29 -6.46 -23.28
CA ASP F 123 16.59 -7.12 -23.35
C ASP F 123 17.40 -6.58 -24.51
N LYS F 124 16.74 -6.36 -25.66
CA LYS F 124 17.42 -5.78 -26.81
C LYS F 124 17.94 -4.38 -26.48
N ILE F 125 17.14 -3.58 -25.79
CA ILE F 125 17.56 -2.23 -25.43
C ILE F 125 18.82 -2.28 -24.59
N LEU F 126 18.80 -3.10 -23.54
CA LEU F 126 19.94 -3.15 -22.63
C LEU F 126 21.17 -3.71 -23.32
N SER F 127 21.00 -4.75 -24.15
CA SER F 127 22.14 -5.32 -24.86
C SER F 127 22.76 -4.30 -25.81
N ASP F 128 21.92 -3.53 -26.52
CA ASP F 128 22.45 -2.55 -27.46
C ASP F 128 23.19 -1.43 -26.74
N VAL F 129 22.64 -0.95 -25.62
CA VAL F 129 23.34 0.09 -24.88
C VAL F 129 24.66 -0.43 -24.32
N LEU F 130 24.66 -1.67 -23.81
CA LEU F 130 25.89 -2.25 -23.32
C LEU F 130 26.92 -2.41 -24.44
N ALA F 131 26.47 -2.80 -25.64
CA ALA F 131 27.38 -2.92 -26.76
C ALA F 131 27.96 -1.57 -27.15
N LYS F 132 27.12 -0.53 -27.14
CA LYS F 132 27.63 0.81 -27.43
C LYS F 132 28.68 1.24 -26.42
N PHE F 133 28.46 0.97 -25.14
CA PHE F 133 29.47 1.31 -24.14
C PHE F 133 30.75 0.49 -24.33
N SER F 134 30.59 -0.80 -24.63
CA SER F 134 31.74 -1.69 -24.75
C SER F 134 32.62 -1.30 -25.93
N ALA F 135 32.00 -0.94 -27.06
CA ALA F 135 32.77 -0.54 -28.23
C ALA F 135 33.65 0.66 -27.92
N ALA F 136 33.11 1.63 -27.18
CA ALA F 136 33.89 2.80 -26.81
C ALA F 136 34.99 2.45 -25.81
N ILE F 137 34.70 1.59 -24.83
CA ILE F 137 35.69 1.32 -23.80
C ILE F 137 36.81 0.43 -24.35
N GLN F 138 36.52 -0.33 -25.40
CA GLN F 138 37.51 -1.28 -25.92
C GLN F 138 38.76 -0.57 -26.42
N ASN F 139 38.57 0.52 -27.17
CA ASN F 139 39.69 1.13 -27.87
C ASN F 139 40.61 1.93 -26.95
N ASN F 140 40.22 2.16 -25.70
CA ASN F 140 41.08 2.87 -24.74
C ASN F 140 41.17 2.09 -23.43
N PRO F 141 41.86 0.94 -23.44
CA PRO F 141 41.81 0.06 -22.27
C PRO F 141 42.80 0.41 -21.17
N THR F 142 43.74 1.32 -21.42
CA THR F 142 44.82 1.54 -20.46
C THR F 142 44.37 2.43 -19.31
N ASP F 143 44.03 3.69 -19.62
CA ASP F 143 43.67 4.67 -18.60
C ASP F 143 42.38 5.36 -19.06
N THR F 144 41.25 4.96 -18.48
CA THR F 144 39.96 5.49 -18.89
C THR F 144 38.98 5.36 -17.74
N ILE F 145 38.61 6.49 -17.15
CA ILE F 145 37.53 6.53 -16.18
C ILE F 145 36.23 6.75 -16.93
N VAL F 146 35.16 6.08 -16.50
CA VAL F 146 33.87 6.17 -17.18
C VAL F 146 32.90 6.92 -16.27
N ILE F 147 32.44 8.07 -16.73
CA ILE F 147 31.48 8.89 -16.01
C ILE F 147 30.12 8.70 -16.68
N ILE F 148 29.10 8.41 -15.90
CA ILE F 148 27.74 8.34 -16.41
C ILE F 148 26.80 9.02 -15.44
N GLU F 149 25.87 9.80 -15.97
CA GLU F 149 25.05 10.72 -15.19
C GLU F 149 23.59 10.32 -15.33
N GLN F 150 22.92 10.13 -14.19
CA GLN F 150 21.52 9.78 -14.11
C GLN F 150 21.16 8.61 -15.01
N PRO F 151 21.58 7.40 -14.67
CA PRO F 151 21.10 6.22 -15.41
C PRO F 151 19.71 5.78 -14.98
N GLU F 152 19.30 6.08 -13.74
CA GLU F 152 18.00 5.66 -13.25
C GLU F 152 16.85 6.26 -14.04
N LEU F 153 17.10 7.31 -14.81
CA LEU F 153 16.06 7.84 -15.70
C LEU F 153 15.54 6.75 -16.61
N LEU F 154 16.38 5.78 -16.98
CA LEU F 154 15.93 4.68 -17.83
C LEU F 154 14.69 4.01 -17.26
N LEU F 155 14.63 3.88 -15.93
CA LEU F 155 13.49 3.21 -15.30
C LEU F 155 12.18 3.84 -15.72
N SER F 156 12.19 5.14 -15.98
CA SER F 156 10.97 5.81 -16.42
C SER F 156 10.65 5.50 -17.88
N LEU F 157 11.64 5.54 -18.77
CA LEU F 157 11.34 5.34 -20.20
C LEU F 157 10.90 3.90 -20.46
N VAL F 158 11.61 2.94 -19.92
CA VAL F 158 11.25 1.55 -20.12
C VAL F 158 10.17 1.18 -19.11
N SER F 159 9.18 0.43 -19.57
CA SER F 159 8.08 -0.01 -18.71
C SER F 159 8.28 -1.47 -18.33
N GLY F 160 7.99 -1.78 -17.07
CA GLY F 160 8.25 -3.11 -16.58
C GLY F 160 9.69 -3.38 -16.25
N LEU F 161 10.51 -2.35 -16.17
CA LEU F 161 11.93 -2.47 -15.86
C LEU F 161 12.13 -2.25 -14.36
N THR F 162 12.76 -3.21 -13.69
CA THR F 162 12.95 -3.18 -12.26
C THR F 162 14.40 -2.88 -11.92
N CYS F 163 14.62 -2.43 -10.69
CA CYS F 163 15.96 -2.04 -10.25
C CYS F 163 16.92 -3.22 -10.31
N SER F 164 16.48 -4.38 -9.82
CA SER F 164 17.35 -5.56 -9.84
C SER F 164 17.71 -5.95 -11.27
N GLU F 165 16.74 -5.88 -12.18
CA GLU F 165 17.04 -6.17 -13.58
C GLU F 165 18.04 -5.20 -14.16
N LEU F 166 17.90 -3.90 -13.83
CA LEU F 166 18.85 -2.91 -14.32
C LEU F 166 20.25 -3.19 -13.82
N ASN F 167 20.38 -3.53 -12.53
CA ASN F 167 21.69 -3.85 -11.99
C ASN F 167 22.27 -5.09 -12.64
N ASN F 168 21.43 -6.11 -12.85
CA ASN F 168 21.93 -7.38 -13.38
C ASN F 168 22.40 -7.23 -14.83
N LYS F 169 21.65 -6.49 -15.64
CA LYS F 169 21.92 -6.47 -17.07
C LYS F 169 22.70 -5.26 -17.56
N PHE F 170 22.76 -4.16 -16.80
CA PHE F 170 23.45 -2.98 -17.28
C PHE F 170 24.61 -2.55 -16.38
N ILE F 171 24.37 -2.34 -15.09
CA ILE F 171 25.36 -1.67 -14.26
C ILE F 171 26.53 -2.59 -13.95
N THR F 172 26.23 -3.77 -13.41
CA THR F 172 27.30 -4.69 -13.01
C THR F 172 28.17 -5.13 -14.18
N PRO F 173 27.63 -5.55 -15.33
CA PRO F 173 28.50 -5.88 -16.46
C PRO F 173 29.38 -4.73 -16.90
N LEU F 174 28.87 -3.50 -16.87
CA LEU F 174 29.69 -2.34 -17.20
C LEU F 174 30.79 -2.11 -16.18
N LEU F 175 30.48 -2.23 -14.89
CA LEU F 175 31.49 -2.08 -13.86
C LEU F 175 32.56 -3.15 -13.93
N ARG F 176 32.20 -4.36 -14.38
CA ARG F 176 33.18 -5.42 -14.47
C ARG F 176 34.21 -5.19 -15.58
N GLN F 177 33.92 -4.31 -16.53
CA GLN F 177 34.83 -4.01 -17.63
C GLN F 177 35.37 -2.60 -17.54
N CYS F 178 35.64 -2.12 -16.32
CA CYS F 178 36.10 -0.76 -16.13
C CYS F 178 36.97 -0.70 -14.88
N LYS F 179 37.76 0.37 -14.81
CA LYS F 179 38.63 0.62 -13.66
C LYS F 179 37.97 1.52 -12.63
N VAL F 180 37.53 2.71 -13.03
CA VAL F 180 36.84 3.64 -12.14
C VAL F 180 35.55 4.07 -12.84
N LEU F 181 34.41 3.66 -12.30
CA LEU F 181 33.10 4.02 -12.80
C LEU F 181 32.46 5.01 -11.84
N ILE F 182 31.97 6.12 -12.38
CA ILE F 182 31.43 7.20 -11.57
C ILE F 182 29.95 7.40 -11.93
N ILE F 183 29.11 7.43 -10.89
CA ILE F 183 27.66 7.52 -11.01
C ILE F 183 27.25 8.89 -10.52
N VAL F 184 26.60 9.67 -11.40
CA VAL F 184 26.05 10.96 -11.02
C VAL F 184 24.54 10.82 -10.88
N SER F 185 24.00 11.22 -9.73
CA SER F 185 22.58 11.02 -9.48
C SER F 185 21.97 12.25 -8.81
N ASN F 186 20.66 12.37 -8.98
CA ASN F 186 19.87 13.47 -8.44
C ASN F 186 18.97 12.92 -7.35
N SER F 187 19.04 13.51 -6.15
CA SER F 187 18.35 13.01 -4.98
C SER F 187 17.12 13.86 -4.63
N ASP F 188 16.39 14.30 -5.66
CA ASP F 188 15.17 15.07 -5.42
C ASP F 188 14.14 14.23 -4.69
N ILE F 189 14.12 12.92 -4.94
CA ILE F 189 13.08 12.04 -4.41
C ILE F 189 13.02 12.07 -2.89
N PHE F 190 14.17 12.13 -2.23
CA PHE F 190 14.23 12.09 -0.78
C PHE F 190 13.88 13.42 -0.12
N ASN F 191 13.63 14.46 -0.90
CA ASN F 191 13.50 15.82 -0.38
C ASN F 191 12.16 16.45 -0.77
N ILE F 192 11.07 15.73 -0.60
CA ILE F 192 9.74 16.27 -0.84
C ILE F 192 9.14 16.64 0.51
N ASP F 193 8.88 17.93 0.72
CA ASP F 193 8.41 18.40 2.01
C ASP F 193 6.96 17.99 2.24
N GLU F 194 6.63 17.70 3.50
CA GLU F 194 5.26 17.39 3.92
C GLU F 194 4.68 16.24 3.10
N TYR F 195 5.51 15.24 2.82
CA TYR F 195 5.09 14.06 2.08
C TYR F 195 6.18 12.99 2.23
N ASP F 196 5.75 11.75 2.29
CA ASP F 196 6.66 10.61 2.40
C ASP F 196 6.53 9.75 1.16
N ALA F 197 7.66 9.30 0.64
CA ALA F 197 7.69 8.38 -0.50
C ALA F 197 8.43 7.09 -0.17
N SER F 198 8.48 6.71 1.12
CA SER F 198 9.21 5.53 1.52
C SER F 198 8.64 4.28 0.86
N VAL F 199 7.32 4.15 0.84
CA VAL F 199 6.66 3.04 0.18
C VAL F 199 5.85 3.49 -1.02
N HIS F 200 5.57 4.79 -1.15
CA HIS F 200 4.79 5.32 -2.26
C HIS F 200 5.62 5.37 -3.54
N SER F 201 6.94 5.45 -3.41
CA SER F 201 7.88 5.37 -4.51
C SER F 201 9.16 4.75 -3.98
N SER F 202 9.26 3.43 -4.09
CA SER F 202 10.38 2.68 -3.51
C SER F 202 11.31 2.09 -4.55
N ASN F 203 10.79 1.74 -5.73
CA ASN F 203 11.64 1.19 -6.78
C ASN F 203 12.69 2.17 -7.26
N LEU F 204 12.48 3.46 -7.00
CA LEU F 204 13.48 4.46 -7.39
C LEU F 204 14.55 4.60 -6.31
N GLN F 205 14.14 4.66 -5.04
CA GLN F 205 15.10 4.78 -3.96
C GLN F 205 15.92 3.51 -3.80
N ASN F 206 15.41 2.37 -4.25
CA ASN F 206 16.16 1.13 -4.17
C ASN F 206 17.46 1.23 -4.96
N PHE F 207 17.39 1.84 -6.14
CA PHE F 207 18.58 2.00 -6.97
C PHE F 207 19.63 2.86 -6.26
N TYR F 208 19.19 3.96 -5.65
CA TYR F 208 20.14 4.83 -4.96
C TYR F 208 20.79 4.10 -3.79
N LYS F 209 19.99 3.39 -3.01
CA LYS F 209 20.53 2.68 -1.85
C LYS F 209 21.50 1.59 -2.28
N SER F 210 21.15 0.84 -3.31
CA SER F 210 22.03 -0.22 -3.81
C SER F 210 23.34 0.36 -4.32
N SER F 211 23.27 1.46 -5.08
CA SER F 211 24.49 2.07 -5.60
C SER F 211 25.37 2.56 -4.46
N PHE F 212 24.77 3.16 -3.43
CA PHE F 212 25.56 3.59 -2.28
C PHE F 212 26.20 2.40 -1.59
N ILE F 213 25.50 1.27 -1.51
CA ILE F 213 26.07 0.07 -0.92
C ILE F 213 27.29 -0.37 -1.72
N LYS F 214 27.17 -0.39 -3.05
CA LYS F 214 28.28 -0.81 -3.89
C LYS F 214 29.34 0.26 -4.08
N SER F 215 29.33 1.33 -3.30
CA SER F 215 30.28 2.42 -3.48
C SER F 215 31.38 2.37 -2.43
N MET F 216 32.42 3.18 -2.65
CA MET F 216 33.55 3.27 -1.75
C MET F 216 33.82 4.67 -1.23
N ILE F 217 33.24 5.70 -1.84
CA ILE F 217 33.36 7.07 -1.37
C ILE F 217 32.16 7.84 -1.86
N ASN F 218 31.64 8.73 -1.01
CA ASN F 218 30.41 9.44 -1.31
C ASN F 218 30.61 10.95 -1.20
N LEU F 219 30.06 11.67 -2.18
CA LEU F 219 30.07 13.13 -2.19
C LEU F 219 28.64 13.64 -2.22
N ASN F 220 28.31 14.54 -1.31
CA ASN F 220 26.96 15.07 -1.17
C ASN F 220 26.97 16.57 -1.42
N LEU F 221 26.11 17.03 -2.32
CA LEU F 221 25.94 18.45 -2.63
C LEU F 221 24.57 18.87 -2.14
N ASN F 222 24.55 19.70 -1.09
CA ASN F 222 23.30 20.13 -0.50
C ASN F 222 23.30 21.64 -0.28
N PRO F 223 22.13 22.26 -0.30
CA PRO F 223 22.01 23.66 0.09
C PRO F 223 22.10 23.79 1.62
N LEU F 224 21.98 25.03 2.10
CA LEU F 224 22.14 25.30 3.51
C LEU F 224 20.85 24.99 4.27
N LYS F 225 20.99 24.24 5.37
CA LYS F 225 19.86 23.93 6.22
C LYS F 225 19.39 25.15 7.00
N THR F 226 20.32 26.02 7.40
CA THR F 226 19.98 27.22 8.16
C THR F 226 19.46 28.30 7.21
N GLY F 227 19.36 29.52 7.70
CA GLY F 227 18.91 30.61 6.86
C GLY F 227 19.88 30.91 5.73
N PHE F 228 19.35 31.58 4.70
CA PHE F 228 20.13 31.84 3.51
C PHE F 228 21.34 32.72 3.82
N ALA F 229 22.48 32.34 3.27
CA ALA F 229 23.71 33.11 3.40
C ALA F 229 24.31 33.27 2.01
N LYS F 230 24.29 34.49 1.49
CA LYS F 230 24.79 34.74 0.15
C LYS F 230 26.29 34.49 0.04
N ASP F 231 26.99 34.42 1.17
CA ASP F 231 28.43 34.18 1.16
C ASP F 231 28.81 32.80 0.64
N VAL F 232 27.88 31.85 0.63
CA VAL F 232 28.20 30.48 0.23
C VAL F 232 27.00 29.89 -0.49
N THR F 233 27.27 29.02 -1.47
CA THR F 233 26.22 28.37 -2.23
C THR F 233 25.61 27.19 -1.48
N GLY F 234 26.40 26.19 -1.14
CA GLY F 234 25.91 25.02 -0.45
C GLY F 234 26.97 24.46 0.47
N SER F 235 27.05 23.14 0.53
CA SER F 235 28.02 22.47 1.40
C SER F 235 28.28 21.08 0.83
N LEU F 236 29.54 20.80 0.52
CA LEU F 236 29.90 19.51 -0.06
C LEU F 236 30.48 18.62 1.03
N HIS F 237 29.88 17.45 1.20
CA HIS F 237 30.33 16.46 2.18
C HIS F 237 31.06 15.32 1.48
N VAL F 238 32.22 14.95 2.00
CA VAL F 238 32.95 13.79 1.52
C VAL F 238 32.99 12.77 2.66
N CYS F 239 32.47 11.58 2.41
CA CYS F 239 32.31 10.59 3.45
C CYS F 239 32.63 9.20 2.91
N ARG F 240 32.82 8.26 3.84
CA ARG F 240 33.14 6.89 3.47
C ARG F 240 31.97 6.25 2.72
N GLY F 241 32.31 5.37 1.79
CA GLY F 241 31.30 4.67 1.02
C GLY F 241 30.74 3.48 1.77
N GLY F 242 30.50 2.38 1.05
CA GLY F 242 29.94 1.20 1.68
C GLY F 242 30.75 -0.05 1.41
N ALA F 243 31.78 0.06 0.58
CA ALA F 243 32.60 -1.09 0.22
C ALA F 243 34.07 -0.75 0.42
N PRO F 244 34.92 -1.73 0.71
CA PRO F 244 36.34 -1.46 0.89
C PRO F 244 37.03 -1.07 -0.41
N ILE F 245 38.07 -0.25 -0.28
CA ILE F 245 38.83 0.19 -1.44
C ILE F 245 39.64 -0.99 -1.98
N ALA F 246 39.51 -1.23 -3.29
CA ALA F 246 40.22 -2.34 -3.93
C ALA F 246 41.63 -1.89 -4.31
N THR F 247 42.44 -1.63 -3.28
CA THR F 247 43.80 -1.16 -3.43
C THR F 247 44.77 -2.15 -2.78
N SER F 248 46.06 -1.84 -2.88
CA SER F 248 47.10 -2.64 -2.25
C SER F 248 47.71 -1.98 -1.02
N ASN F 249 47.69 -0.65 -0.94
CA ASN F 249 48.14 0.05 0.26
C ASN F 249 47.06 -0.07 1.33
N THR F 250 47.30 -0.95 2.30
CA THR F 250 46.35 -1.16 3.39
C THR F 250 46.15 0.09 4.24
N SER F 251 47.10 1.03 4.21
CA SER F 251 47.00 2.25 4.99
C SER F 251 46.23 3.34 4.27
N LEU F 252 45.80 3.10 3.04
CA LEU F 252 45.04 4.11 2.29
C LEU F 252 43.59 4.13 2.76
N HIS F 253 43.19 5.21 3.41
CA HIS F 253 41.83 5.32 3.91
C HIS F 253 41.30 6.71 3.55
N VAL F 254 39.99 6.78 3.33
CA VAL F 254 39.30 8.01 3.00
C VAL F 254 39.20 8.87 4.24
N VAL F 255 39.20 10.18 4.05
CA VAL F 255 39.06 11.14 5.14
C VAL F 255 37.71 11.82 4.98
N GLU F 256 36.88 11.73 6.02
CA GLU F 256 35.56 12.35 5.97
C GLU F 256 35.66 13.80 6.42
N ASN F 257 35.04 14.70 5.66
CA ASN F 257 35.03 16.11 6.02
C ASN F 257 33.97 16.81 5.19
N GLU F 258 33.93 18.14 5.30
CA GLU F 258 32.95 18.95 4.59
C GLU F 258 33.62 20.25 4.17
N TYR F 259 33.12 20.85 3.10
CA TYR F 259 33.62 22.12 2.60
C TYR F 259 32.44 23.02 2.29
N LEU F 260 32.46 24.24 2.79
CA LEU F 260 31.53 25.27 2.36
C LEU F 260 32.02 25.81 1.02
N TYR F 261 31.23 25.60 -0.03
CA TYR F 261 31.63 25.98 -1.37
C TYR F 261 30.67 27.02 -1.95
N LEU F 262 31.27 28.03 -2.57
CA LEU F 262 30.50 29.12 -3.15
C LEU F 262 30.78 29.15 -4.65
N ASN F 263 29.72 29.22 -5.45
CA ASN F 263 29.85 29.34 -6.89
C ASN F 263 29.74 30.79 -7.33
N GLU F 264 30.46 31.14 -8.39
CA GLU F 264 30.47 32.50 -8.90
C GLU F 264 30.50 32.40 -10.43
N LYS F 265 30.93 33.46 -11.08
CA LYS F 265 31.00 33.49 -12.54
C LYS F 265 32.13 32.55 -12.97
N GLU F 266 31.80 31.26 -13.03
CA GLU F 266 32.71 30.20 -13.45
C GLU F 266 33.91 30.10 -12.50
N SER F 267 33.63 29.97 -11.21
CA SER F 267 34.69 29.85 -10.22
C SER F 267 34.07 29.37 -8.91
N THR F 268 34.69 28.36 -8.30
CA THR F 268 34.21 27.82 -7.03
C THR F 268 35.24 28.07 -5.94
N LYS F 269 34.78 28.58 -4.82
CA LYS F 269 35.62 28.89 -3.67
C LYS F 269 35.29 27.90 -2.56
N LEU F 270 36.32 27.24 -2.02
CA LEU F 270 36.14 26.24 -0.98
C LEU F 270 36.73 26.74 0.33
N PHE F 271 36.00 26.54 1.42
CA PHE F 271 36.47 26.97 2.73
C PHE F 271 35.61 26.34 3.80
N TYR F 272 36.25 25.94 4.90
CA TYR F 272 35.49 25.49 6.05
C TYR F 272 34.93 26.69 6.80
N ARG F 273 34.18 26.39 7.86
CA ARG F 273 33.68 27.42 8.75
C ARG F 273 33.19 26.81 10.07
#